data_3I4E
#
_entry.id   3I4E
#
_cell.length_a   77.666
_cell.length_b   137.025
_cell.length_c   160.162
_cell.angle_alpha   90.00
_cell.angle_beta   90.00
_cell.angle_gamma   90.00
#
_symmetry.space_group_name_H-M   'P 21 21 21'
#
loop_
_entity.id
_entity.type
_entity.pdbx_description
1 polymer 'Isocitrate lyase'
2 water water
#
_entity_poly.entity_id   1
_entity_poly.type   'polypeptide(L)'
_entity_poly.pdbx_seq_one_letter_code
;GPGSMSRQQQAQELQKQWETDPRWKGIKRAFTAEDVVRLRGSIQQEHTLAKRGAEKLWTLINNEPFVNALGALTGNQAMQ
QVKAGLKAIYLSGWQVAGDANVAGEMYPDQSLYPANSVPLVVKRINNTLTRADQIQWSEGKNPGDEGYVDFFAPIVADAE
AGFGGVLNAFELMKAMIEAGASGVHFEDQLASVKKCGHMGGKVLVPTREAVAKLTAARLAADVMGTPTVLVARTDAEAAD
LITSDIDDNDKPYLTGERTVEGFFRTKPGLEQAISRGLAYAPYADLIWCETGKPDLEYAKKFAEAIHKQFPGKLLSYNCS
PSFNWKKNLDDATIAKFQKELGAMGYKFQFITLAGFHALNYSMFNLAHGYARTQMSAFVELQQAEFAAADKGFTAVKHQR
EVGTGYFDAVTQTVEREASTTALHGSTEDEQFFDGQKVA
;
_entity_poly.pdbx_strand_id   A,B,C,D
#
# COMPACT_ATOMS: atom_id res chain seq x y z
N MET A 5 -22.31 -21.69 -23.68
CA MET A 5 -22.12 -22.61 -22.52
C MET A 5 -23.08 -22.26 -21.39
N SER A 6 -23.94 -23.19 -21.02
CA SER A 6 -24.85 -23.01 -19.87
C SER A 6 -24.24 -23.58 -18.60
N ARG A 7 -24.86 -23.23 -17.46
CA ARG A 7 -24.39 -23.66 -16.13
C ARG A 7 -24.29 -25.17 -16.04
N GLN A 8 -25.30 -25.86 -16.57
CA GLN A 8 -25.26 -27.31 -16.67
C GLN A 8 -24.04 -27.72 -17.47
N GLN A 9 -23.92 -27.22 -18.70
CA GLN A 9 -22.82 -27.58 -19.62
C GLN A 9 -21.42 -27.28 -19.06
N GLN A 10 -21.30 -26.17 -18.33
CA GLN A 10 -20.05 -25.81 -17.62
C GLN A 10 -19.79 -26.73 -16.43
N ALA A 11 -20.85 -27.10 -15.72
CA ALA A 11 -20.74 -27.99 -14.57
C ALA A 11 -20.35 -29.40 -14.99
N GLN A 12 -20.90 -29.85 -16.13
CA GLN A 12 -20.59 -31.19 -16.66
C GLN A 12 -19.10 -31.24 -16.96
N GLU A 13 -18.64 -30.26 -17.74
CA GLU A 13 -17.24 -30.20 -18.22
C GLU A 13 -16.22 -30.08 -17.08
N LEU A 14 -16.64 -29.50 -15.94
CA LEU A 14 -15.80 -29.40 -14.76
C LEU A 14 -15.72 -30.73 -14.00
N GLN A 15 -16.87 -31.38 -13.81
CA GLN A 15 -16.92 -32.72 -13.22
C GLN A 15 -16.09 -33.70 -14.08
N LYS A 16 -16.34 -33.69 -15.38
CA LYS A 16 -15.60 -34.52 -16.33
C LYS A 16 -14.11 -34.32 -16.12
N GLN A 17 -13.72 -33.07 -15.89
CA GLN A 17 -12.34 -32.73 -15.56
C GLN A 17 -11.86 -33.48 -14.31
N TRP A 18 -12.64 -33.42 -13.24
CA TRP A 18 -12.23 -34.02 -11.96
C TRP A 18 -12.17 -35.55 -11.97
N GLU A 19 -12.96 -36.17 -12.84
CA GLU A 19 -12.96 -37.62 -13.00
C GLU A 19 -11.87 -38.06 -13.99
N THR A 20 -11.62 -37.22 -15.01
CA THR A 20 -10.70 -37.56 -16.10
C THR A 20 -9.24 -37.41 -15.74
N ASP A 21 -8.89 -36.28 -15.15
CA ASP A 21 -7.50 -35.84 -15.04
C ASP A 21 -6.72 -36.60 -13.96
N PRO A 22 -5.52 -37.11 -14.31
CA PRO A 22 -4.66 -37.76 -13.30
C PRO A 22 -4.11 -36.81 -12.23
N ARG A 23 -4.13 -35.50 -12.50
CA ARG A 23 -3.81 -34.48 -11.51
C ARG A 23 -4.73 -34.63 -10.30
N TRP A 24 -6.01 -34.90 -10.56
CA TRP A 24 -7.00 -35.02 -9.49
C TRP A 24 -7.20 -36.45 -9.01
N LYS A 25 -6.26 -37.34 -9.31
CA LYS A 25 -6.32 -38.68 -8.78
C LYS A 25 -6.12 -38.64 -7.27
N GLY A 26 -7.00 -39.32 -6.53
CA GLY A 26 -6.89 -39.45 -5.08
C GLY A 26 -7.43 -38.29 -4.26
N ILE A 27 -7.88 -37.23 -4.91
CA ILE A 27 -8.23 -35.98 -4.23
C ILE A 27 -9.73 -35.83 -4.06
N LYS A 28 -10.15 -35.54 -2.83
CA LYS A 28 -11.56 -35.40 -2.50
C LYS A 28 -11.98 -33.93 -2.35
N ARG A 29 -13.10 -33.57 -2.99
CA ARG A 29 -13.73 -32.26 -2.84
C ARG A 29 -15.09 -32.41 -2.13
N ALA A 30 -15.27 -31.64 -1.05
CA ALA A 30 -16.53 -31.63 -0.30
C ALA A 30 -17.55 -30.67 -0.90
N PHE A 31 -17.56 -30.57 -2.22
CA PHE A 31 -18.47 -29.70 -2.94
C PHE A 31 -18.53 -30.18 -4.39
N THR A 32 -19.57 -29.76 -5.08
CA THR A 32 -19.86 -30.21 -6.43
C THR A 32 -19.31 -29.21 -7.44
N ALA A 33 -19.29 -29.59 -8.72
CA ALA A 33 -18.85 -28.67 -9.77
C ALA A 33 -19.89 -27.56 -9.98
N GLU A 34 -21.16 -27.89 -9.72
CA GLU A 34 -22.28 -26.94 -9.80
C GLU A 34 -22.06 -25.76 -8.85
N ASP A 35 -21.47 -26.08 -7.69
CA ASP A 35 -21.12 -25.08 -6.67
C ASP A 35 -19.97 -24.18 -7.12
N VAL A 36 -18.93 -24.79 -7.70
CA VAL A 36 -17.82 -24.01 -8.26
C VAL A 36 -18.36 -22.99 -9.27
N VAL A 37 -19.26 -23.44 -10.14
CA VAL A 37 -19.81 -22.61 -11.19
C VAL A 37 -20.72 -21.51 -10.66
N ARG A 38 -21.49 -21.83 -9.62
CA ARG A 38 -22.42 -20.88 -9.02
C ARG A 38 -21.67 -19.72 -8.35
N LEU A 39 -20.38 -19.92 -8.05
CA LEU A 39 -19.56 -18.93 -7.37
C LEU A 39 -18.49 -18.25 -8.25
N ARG A 40 -18.26 -18.78 -9.45
CA ARG A 40 -17.32 -18.20 -10.43
C ARG A 40 -17.62 -16.80 -10.91
N GLY A 41 -18.91 -16.45 -10.98
CA GLY A 41 -19.34 -15.28 -11.75
C GLY A 41 -19.47 -15.64 -13.23
N SER A 42 -20.05 -14.73 -14.02
CA SER A 42 -20.39 -15.02 -15.43
C SER A 42 -19.19 -15.13 -16.36
N ILE A 43 -18.05 -14.53 -15.99
CA ILE A 43 -16.84 -14.56 -16.82
C ILE A 43 -15.66 -14.99 -15.94
N GLN A 44 -14.69 -15.69 -16.54
CA GLN A 44 -13.55 -16.23 -15.80
C GLN A 44 -12.23 -15.56 -16.19
N GLN A 45 -11.81 -14.57 -15.41
CA GLN A 45 -10.56 -13.88 -15.66
C GLN A 45 -9.37 -14.84 -15.58
N GLU A 46 -8.43 -14.65 -16.50
CA GLU A 46 -7.29 -15.55 -16.67
C GLU A 46 -6.09 -15.14 -15.77
N HIS A 47 -5.40 -16.14 -15.23
CA HIS A 47 -4.23 -15.90 -14.37
C HIS A 47 -3.05 -16.71 -14.87
N THR A 48 -2.52 -16.25 -16.01
CA THR A 48 -1.41 -16.90 -16.71
C THR A 48 -0.42 -17.57 -15.76
N LEU A 49 0.22 -16.77 -14.90
CA LEU A 49 1.29 -17.24 -14.00
C LEU A 49 0.89 -18.32 -13.00
N ALA A 50 -0.24 -18.13 -12.33
CA ALA A 50 -0.71 -19.10 -11.35
C ALA A 50 -0.89 -20.48 -12.02
N LYS A 51 -1.48 -20.46 -13.22
CA LYS A 51 -1.80 -21.69 -13.93
C LYS A 51 -0.55 -22.43 -14.37
N ARG A 52 0.30 -21.75 -15.13
CA ARG A 52 1.50 -22.38 -15.66
C ARG A 52 2.44 -22.84 -14.55
N GLY A 53 2.49 -22.07 -13.46
CA GLY A 53 3.33 -22.39 -12.30
C GLY A 53 2.89 -23.62 -11.53
N ALA A 54 1.58 -23.78 -11.36
CA ALA A 54 1.05 -24.98 -10.73
C ALA A 54 1.40 -26.22 -11.57
N GLU A 55 1.20 -26.09 -12.88
CA GLU A 55 1.45 -27.17 -13.82
C GLU A 55 2.94 -27.56 -13.80
N LYS A 56 3.82 -26.56 -13.81
CA LYS A 56 5.26 -26.82 -13.77
C LYS A 56 5.68 -27.41 -12.42
N LEU A 57 5.09 -26.91 -11.34
CA LEU A 57 5.37 -27.41 -9.99
C LEU A 57 4.89 -28.84 -9.82
N TRP A 58 3.79 -29.19 -10.49
CA TRP A 58 3.22 -30.53 -10.42
C TRP A 58 4.16 -31.56 -11.05
N THR A 59 4.47 -31.34 -12.33
CA THR A 59 5.39 -32.19 -13.08
C THR A 59 6.70 -32.38 -12.34
N LEU A 60 7.25 -31.28 -11.81
CA LEU A 60 8.46 -31.35 -11.00
C LEU A 60 8.23 -32.28 -9.81
N ILE A 61 7.23 -31.93 -9.01
CA ILE A 61 6.87 -32.70 -7.80
C ILE A 61 6.76 -34.21 -8.07
N ASN A 62 6.18 -34.59 -9.21
CA ASN A 62 5.94 -36.00 -9.55
C ASN A 62 7.05 -36.72 -10.34
N ASN A 63 8.04 -36.00 -10.87
CA ASN A 63 9.08 -36.61 -11.73
C ASN A 63 10.50 -36.56 -11.18
N GLU A 64 10.89 -35.43 -10.60
CA GLU A 64 12.27 -35.25 -10.13
C GLU A 64 12.48 -36.13 -8.90
N PRO A 65 13.74 -36.44 -8.56
CA PRO A 65 13.95 -37.24 -7.35
C PRO A 65 13.34 -36.52 -6.18
N PHE A 66 13.44 -35.19 -6.22
CA PHE A 66 12.68 -34.29 -5.34
C PHE A 66 12.92 -32.84 -5.79
N VAL A 67 12.28 -31.90 -5.10
CA VAL A 67 12.49 -30.47 -5.34
C VAL A 67 12.81 -29.74 -4.04
N ASN A 68 13.92 -29.02 -4.01
CA ASN A 68 14.35 -28.29 -2.82
C ASN A 68 14.37 -26.77 -3.04
N ALA A 69 13.95 -26.01 -2.02
CA ALA A 69 13.82 -24.56 -2.11
C ALA A 69 14.35 -23.86 -0.86
N LEU A 70 14.55 -22.56 -0.97
CA LEU A 70 15.04 -21.75 0.14
C LEU A 70 14.16 -20.50 0.28
N GLY A 71 13.91 -20.08 1.51
CA GLY A 71 13.00 -18.95 1.76
C GLY A 71 13.50 -17.67 1.13
N ALA A 72 12.65 -17.02 0.34
CA ALA A 72 13.00 -15.72 -0.29
C ALA A 72 12.04 -14.63 0.20
N LEU A 73 12.56 -13.47 0.57
CA LEU A 73 11.74 -12.36 1.05
C LEU A 73 11.84 -11.12 0.15
N THR A 74 12.59 -11.21 -0.94
CA THR A 74 12.58 -10.17 -1.97
C THR A 74 12.75 -10.78 -3.35
N GLY A 75 12.38 -10.01 -4.37
CA GLY A 75 12.57 -10.43 -5.75
C GLY A 75 14.03 -10.81 -6.05
N ASN A 76 14.96 -9.96 -5.62
CA ASN A 76 16.38 -10.26 -5.79
C ASN A 76 16.74 -11.65 -5.25
N GLN A 77 16.36 -11.94 -4.00
CA GLN A 77 16.69 -13.23 -3.39
C GLN A 77 16.19 -14.41 -4.23
N ALA A 78 14.91 -14.35 -4.62
CA ALA A 78 14.33 -15.35 -5.52
C ALA A 78 15.10 -15.48 -6.82
N MET A 79 15.39 -14.34 -7.43
CA MET A 79 16.01 -14.28 -8.76
C MET A 79 17.34 -14.99 -8.77
N GLN A 80 18.13 -14.81 -7.71
CA GLN A 80 19.42 -15.49 -7.59
C GLN A 80 19.22 -16.99 -7.41
N GLN A 81 18.21 -17.38 -6.63
CA GLN A 81 17.86 -18.79 -6.43
C GLN A 81 17.64 -19.54 -7.75
N VAL A 82 16.97 -18.90 -8.71
CA VAL A 82 16.80 -19.48 -10.02
C VAL A 82 18.14 -19.49 -10.78
N LYS A 83 18.87 -18.38 -10.74
CA LYS A 83 20.19 -18.30 -11.37
C LYS A 83 21.20 -19.28 -10.74
N ALA A 84 20.99 -19.63 -9.47
CA ALA A 84 21.86 -20.54 -8.74
C ALA A 84 21.65 -22.00 -9.16
N GLY A 85 20.51 -22.27 -9.78
CA GLY A 85 20.16 -23.62 -10.24
C GLY A 85 18.89 -24.18 -9.64
N LEU A 86 18.36 -23.54 -8.59
CA LEU A 86 17.15 -24.04 -7.94
C LEU A 86 15.96 -23.93 -8.86
N LYS A 87 15.04 -24.88 -8.72
CA LYS A 87 13.90 -24.99 -9.64
C LYS A 87 12.59 -24.53 -9.00
N ALA A 88 12.66 -24.11 -7.74
CA ALA A 88 11.49 -23.61 -7.01
C ALA A 88 11.85 -22.60 -5.91
N ILE A 89 10.87 -21.77 -5.55
CA ILE A 89 11.03 -20.69 -4.59
C ILE A 89 10.05 -20.91 -3.45
N TYR A 90 10.52 -20.80 -2.20
CA TYR A 90 9.63 -20.89 -1.04
C TYR A 90 9.48 -19.53 -0.40
N LEU A 91 8.27 -19.24 0.06
CA LEU A 91 7.95 -17.94 0.61
C LEU A 91 7.48 -18.13 2.05
N SER A 92 8.38 -17.84 2.99
CA SER A 92 8.07 -17.95 4.40
C SER A 92 7.17 -16.81 4.86
N GLY A 93 6.21 -17.15 5.70
CA GLY A 93 5.42 -16.16 6.41
C GLY A 93 6.16 -15.66 7.64
N TRP A 94 7.12 -16.43 8.12
CA TRP A 94 7.97 -16.03 9.23
C TRP A 94 8.78 -14.81 8.81
N GLN A 95 9.42 -14.90 7.64
CA GLN A 95 10.34 -13.88 7.16
C GLN A 95 9.62 -12.58 6.79
N VAL A 96 8.39 -12.73 6.29
CA VAL A 96 7.55 -11.60 5.95
C VAL A 96 7.14 -10.90 7.23
N ALA A 97 6.73 -11.70 8.21
CA ALA A 97 6.39 -11.21 9.55
C ALA A 97 7.59 -10.46 10.15
N GLY A 98 8.76 -11.05 9.97
CA GLY A 98 9.99 -10.48 10.47
C GLY A 98 10.52 -9.25 9.74
N ASP A 99 10.31 -9.16 8.41
CA ASP A 99 11.01 -8.12 7.63
C ASP A 99 10.46 -7.67 6.26
N ALA A 100 9.28 -8.13 5.86
CA ALA A 100 8.76 -7.78 4.54
C ALA A 100 7.22 -7.78 4.46
N ASN A 101 6.55 -7.47 5.56
CA ASN A 101 5.11 -7.28 5.53
C ASN A 101 4.74 -5.83 5.23
N VAL A 102 3.53 -5.65 4.72
CA VAL A 102 3.08 -4.34 4.26
C VAL A 102 2.79 -3.34 5.41
N ALA A 103 2.68 -3.83 6.63
CA ALA A 103 2.62 -2.94 7.81
C ALA A 103 3.97 -2.29 8.05
N GLY A 104 5.03 -2.98 7.61
CA GLY A 104 6.40 -2.48 7.72
C GLY A 104 6.93 -2.50 9.14
N GLU A 105 6.48 -3.48 9.92
CA GLU A 105 6.92 -3.68 11.31
C GLU A 105 7.64 -5.01 11.41
N MET A 106 8.44 -5.17 12.47
CA MET A 106 9.10 -6.44 12.72
C MET A 106 8.26 -7.22 13.73
N TYR A 107 7.63 -8.30 13.27
CA TYR A 107 6.80 -9.14 14.13
C TYR A 107 7.37 -10.55 14.24
N PRO A 108 6.99 -11.29 15.30
CA PRO A 108 7.22 -12.73 15.43
C PRO A 108 6.11 -13.49 14.71
N ASP A 109 6.31 -14.79 14.52
CA ASP A 109 5.39 -15.60 13.73
C ASP A 109 4.07 -15.87 14.47
N GLN A 110 3.14 -14.93 14.42
CA GLN A 110 1.83 -15.10 15.05
C GLN A 110 0.64 -14.49 14.27
N SER A 111 0.76 -14.40 12.95
CA SER A 111 -0.29 -13.80 12.11
C SER A 111 -0.68 -12.39 12.60
N LEU A 112 0.34 -11.59 12.92
CA LEU A 112 0.15 -10.22 13.40
C LEU A 112 0.11 -9.23 12.25
N TYR A 113 0.81 -9.54 11.17
CA TYR A 113 0.91 -8.65 10.02
C TYR A 113 -0.39 -8.72 9.21
N PRO A 114 -0.62 -7.73 8.30
CA PRO A 114 -1.86 -7.74 7.53
C PRO A 114 -1.94 -8.89 6.54
N ALA A 115 -3.14 -9.45 6.38
CA ALA A 115 -3.37 -10.67 5.61
C ALA A 115 -2.98 -10.62 4.13
N ASN A 116 -2.87 -9.44 3.54
CA ASN A 116 -2.47 -9.36 2.12
C ASN A 116 -0.95 -9.33 1.90
N SER A 117 -0.18 -9.46 2.98
CA SER A 117 1.28 -9.27 2.92
C SER A 117 2.02 -10.32 2.10
N VAL A 118 1.78 -11.60 2.38
CA VAL A 118 2.46 -12.66 1.63
C VAL A 118 2.13 -12.57 0.12
N PRO A 119 0.83 -12.46 -0.24
CA PRO A 119 0.49 -12.28 -1.67
C PRO A 119 1.17 -11.09 -2.31
N LEU A 120 1.32 -9.99 -1.58
CA LEU A 120 2.07 -8.85 -2.09
C LEU A 120 3.47 -9.30 -2.45
N VAL A 121 4.13 -10.04 -1.57
CA VAL A 121 5.51 -10.49 -1.84
C VAL A 121 5.58 -11.61 -2.92
N VAL A 122 4.54 -12.45 -3.01
CA VAL A 122 4.43 -13.35 -4.17
C VAL A 122 4.50 -12.55 -5.47
N LYS A 123 3.77 -11.43 -5.51
CA LYS A 123 3.65 -10.60 -6.70
C LYS A 123 4.98 -9.93 -7.02
N ARG A 124 5.74 -9.57 -5.98
CA ARG A 124 7.09 -9.00 -6.16
C ARG A 124 8.00 -9.96 -6.88
N ILE A 125 8.11 -11.15 -6.32
CA ILE A 125 8.99 -12.18 -6.86
C ILE A 125 8.64 -12.38 -8.34
N ASN A 126 7.35 -12.55 -8.64
CA ASN A 126 6.90 -12.72 -10.02
C ASN A 126 7.13 -11.50 -10.93
N ASN A 127 7.08 -10.31 -10.34
CA ASN A 127 7.45 -9.10 -11.08
C ASN A 127 8.93 -9.09 -11.39
N THR A 128 9.76 -9.40 -10.39
CA THR A 128 11.19 -9.52 -10.61
C THR A 128 11.46 -10.64 -11.64
N LEU A 129 10.89 -11.82 -11.43
CA LEU A 129 11.13 -12.94 -12.36
C LEU A 129 10.70 -12.56 -13.76
N THR A 130 9.60 -11.81 -13.87
CA THR A 130 9.13 -11.33 -15.18
C THR A 130 10.17 -10.41 -15.82
N ARG A 131 10.80 -9.58 -14.99
CA ARG A 131 11.87 -8.69 -15.44
C ARG A 131 13.15 -9.46 -15.81
N ALA A 132 13.46 -10.51 -15.06
CA ALA A 132 14.58 -11.38 -15.43
C ALA A 132 14.33 -11.94 -16.83
N ASP A 133 13.09 -12.36 -17.10
CA ASP A 133 12.76 -12.98 -18.38
C ASP A 133 12.75 -12.01 -19.55
N GLN A 134 12.33 -10.77 -19.30
CA GLN A 134 12.33 -9.74 -20.32
C GLN A 134 13.75 -9.35 -20.75
N ILE A 135 14.66 -9.26 -19.78
CA ILE A 135 16.06 -8.89 -20.04
C ILE A 135 16.69 -9.93 -20.96
N GLN A 136 16.63 -11.19 -20.54
CA GLN A 136 17.12 -12.32 -21.31
C GLN A 136 16.56 -12.34 -22.75
N TRP A 137 15.25 -12.15 -22.87
CA TRP A 137 14.59 -12.18 -24.17
C TRP A 137 14.98 -11.00 -25.02
N SER A 138 15.17 -9.83 -24.40
CA SER A 138 15.53 -8.62 -25.14
C SER A 138 16.97 -8.67 -25.62
N GLU A 139 17.78 -9.54 -25.02
CA GLU A 139 19.15 -9.76 -25.48
C GLU A 139 19.25 -10.78 -26.61
N GLY A 140 18.12 -11.39 -27.00
CA GLY A 140 18.08 -12.32 -28.13
C GLY A 140 18.35 -13.78 -27.81
N LYS A 141 18.46 -14.11 -26.52
CA LYS A 141 18.57 -15.51 -26.10
C LYS A 141 17.19 -16.16 -26.20
N ASN A 142 17.13 -17.26 -26.95
CA ASN A 142 15.91 -18.02 -27.10
C ASN A 142 16.00 -19.26 -26.22
N PRO A 143 14.86 -19.90 -25.91
CA PRO A 143 14.94 -21.16 -25.18
C PRO A 143 15.61 -22.25 -26.02
N GLY A 144 16.27 -23.19 -25.36
CA GLY A 144 17.06 -24.18 -26.07
C GLY A 144 18.51 -23.74 -26.23
N ASP A 145 18.75 -22.43 -26.26
CA ASP A 145 20.12 -21.90 -26.32
C ASP A 145 20.87 -22.28 -25.04
N GLU A 146 22.20 -22.20 -25.08
CA GLU A 146 23.03 -22.48 -23.90
C GLU A 146 22.86 -21.36 -22.89
N GLY A 147 22.79 -21.75 -21.61
CA GLY A 147 22.70 -20.78 -20.51
C GLY A 147 21.33 -20.15 -20.33
N TYR A 148 20.36 -20.48 -21.18
CA TYR A 148 19.02 -19.93 -21.07
C TYR A 148 18.38 -20.40 -19.78
N VAL A 149 17.86 -19.43 -19.02
CA VAL A 149 17.25 -19.68 -17.71
C VAL A 149 15.74 -19.47 -17.80
N ASP A 150 14.98 -20.50 -17.44
CA ASP A 150 13.53 -20.36 -17.26
C ASP A 150 13.34 -19.64 -15.93
N PHE A 151 13.00 -18.36 -15.99
CA PHE A 151 12.92 -17.55 -14.77
C PHE A 151 11.62 -17.77 -14.00
N PHE A 152 10.63 -18.31 -14.67
CA PHE A 152 9.34 -18.53 -14.04
C PHE A 152 9.30 -19.82 -13.22
N ALA A 153 10.09 -19.88 -12.16
CA ALA A 153 10.02 -20.97 -11.21
C ALA A 153 8.74 -20.84 -10.37
N PRO A 154 8.11 -21.99 -10.05
CA PRO A 154 6.88 -21.88 -9.26
C PRO A 154 7.15 -21.44 -7.80
N ILE A 155 6.19 -20.74 -7.23
CA ILE A 155 6.30 -20.25 -5.85
C ILE A 155 5.35 -21.06 -4.95
N VAL A 156 5.85 -21.51 -3.81
CA VAL A 156 5.04 -22.19 -2.79
C VAL A 156 4.89 -21.26 -1.60
N ALA A 157 3.70 -20.70 -1.38
CA ALA A 157 3.51 -19.61 -0.39
C ALA A 157 2.87 -20.08 0.92
N ASP A 158 3.19 -19.38 2.00
CA ASP A 158 2.70 -19.67 3.35
C ASP A 158 1.42 -18.86 3.66
N ALA A 159 0.31 -19.56 3.88
CA ALA A 159 -0.98 -18.95 4.20
C ALA A 159 -1.35 -19.10 5.68
N GLU A 160 -0.39 -19.50 6.52
CA GLU A 160 -0.61 -19.57 7.97
C GLU A 160 -1.86 -20.43 8.23
N ALA A 161 -2.85 -19.94 8.97
CA ALA A 161 -4.14 -20.62 9.06
C ALA A 161 -5.27 -19.74 8.49
N GLY A 162 -4.98 -19.10 7.36
CA GLY A 162 -5.99 -18.34 6.62
C GLY A 162 -6.39 -16.99 7.19
N PHE A 163 -5.89 -16.65 8.38
CA PHE A 163 -6.17 -15.37 9.06
C PHE A 163 -7.65 -15.21 9.39
N GLY A 164 -8.18 -16.13 10.18
CA GLY A 164 -9.58 -16.12 10.57
C GLY A 164 -10.27 -17.43 10.26
N GLY A 165 -11.51 -17.35 9.80
CA GLY A 165 -12.29 -18.55 9.47
C GLY A 165 -12.14 -18.99 8.02
N VAL A 166 -13.17 -19.67 7.51
CA VAL A 166 -13.12 -20.26 6.19
C VAL A 166 -13.08 -19.23 5.06
N LEU A 167 -13.70 -18.08 5.29
CA LEU A 167 -13.76 -17.03 4.27
C LEU A 167 -12.43 -16.32 4.14
N ASN A 168 -11.81 -16.04 5.27
CA ASN A 168 -10.48 -15.48 5.25
C ASN A 168 -9.56 -16.42 4.47
N ALA A 169 -9.64 -17.71 4.79
CA ALA A 169 -8.87 -18.77 4.08
C ALA A 169 -9.11 -18.75 2.58
N PHE A 170 -10.38 -18.76 2.21
CA PHE A 170 -10.85 -18.64 0.82
C PHE A 170 -10.27 -17.39 0.13
N GLU A 171 -10.40 -16.22 0.77
CA GLU A 171 -9.90 -14.95 0.20
C GLU A 171 -8.39 -14.89 0.12
N LEU A 172 -7.71 -15.53 1.06
CA LEU A 172 -6.25 -15.51 1.03
C LEU A 172 -5.73 -16.32 -0.15
N MET A 173 -6.40 -17.44 -0.45
CA MET A 173 -5.98 -18.33 -1.54
C MET A 173 -6.11 -17.60 -2.88
N LYS A 174 -7.22 -16.88 -3.04
CA LYS A 174 -7.44 -16.06 -4.24
C LYS A 174 -6.36 -15.00 -4.40
N ALA A 175 -5.97 -14.38 -3.29
CA ALA A 175 -4.87 -13.42 -3.28
C ALA A 175 -3.59 -14.08 -3.77
N MET A 176 -3.33 -15.31 -3.30
CA MET A 176 -2.11 -16.03 -3.64
C MET A 176 -2.05 -16.40 -5.13
N ILE A 177 -3.19 -16.86 -5.64
CA ILE A 177 -3.34 -17.22 -7.05
C ILE A 177 -3.26 -15.99 -7.97
N GLU A 178 -3.93 -14.90 -7.58
CA GLU A 178 -3.89 -13.66 -8.35
C GLU A 178 -2.46 -13.12 -8.42
N ALA A 179 -1.73 -13.21 -7.32
CA ALA A 179 -0.32 -12.83 -7.29
C ALA A 179 0.52 -13.74 -8.20
N GLY A 180 0.09 -14.98 -8.36
CA GLY A 180 0.77 -15.93 -9.21
C GLY A 180 1.51 -16.99 -8.44
N ALA A 181 1.00 -17.36 -7.27
CA ALA A 181 1.57 -18.46 -6.49
C ALA A 181 1.23 -19.78 -7.18
N SER A 182 2.14 -20.73 -7.07
CA SER A 182 1.98 -22.06 -7.64
C SER A 182 1.63 -23.10 -6.58
N GLY A 183 2.01 -22.83 -5.34
CA GLY A 183 1.61 -23.67 -4.21
C GLY A 183 1.25 -22.81 -3.02
N VAL A 184 0.28 -23.27 -2.23
CA VAL A 184 -0.08 -22.57 -1.00
C VAL A 184 -0.26 -23.61 0.09
N HIS A 185 0.19 -23.28 1.30
CA HIS A 185 0.02 -24.20 2.43
C HIS A 185 -0.69 -23.57 3.63
N PHE A 186 -1.56 -24.37 4.24
CA PHE A 186 -2.32 -23.95 5.43
C PHE A 186 -1.98 -24.85 6.62
N GLU A 187 -1.91 -24.28 7.81
CA GLU A 187 -1.56 -25.05 8.99
C GLU A 187 -2.75 -25.16 9.94
N ASP A 188 -2.66 -26.09 10.88
CA ASP A 188 -3.77 -26.41 11.77
C ASP A 188 -3.62 -25.85 13.18
N GLN A 189 -2.86 -24.78 13.35
CA GLN A 189 -2.76 -24.12 14.66
C GLN A 189 -3.43 -22.75 14.66
N LEU A 190 -3.61 -22.20 15.85
CA LEU A 190 -3.91 -20.80 16.03
C LEU A 190 -2.70 -20.16 16.72
N ALA A 191 -1.84 -19.54 15.92
CA ALA A 191 -0.71 -18.79 16.46
C ALA A 191 -1.20 -17.48 17.12
N SER A 192 -2.39 -17.05 16.76
CA SER A 192 -3.02 -15.88 17.38
C SER A 192 -3.42 -16.11 18.85
N VAL A 193 -3.51 -17.37 19.28
CA VAL A 193 -3.80 -17.68 20.69
C VAL A 193 -2.79 -18.64 21.34
N LYS A 194 -1.54 -18.59 20.88
CA LYS A 194 -0.44 -19.36 21.47
C LYS A 194 -0.33 -19.07 22.96
N LYS A 195 -0.19 -20.12 23.76
CA LYS A 195 -0.07 -19.96 25.21
C LYS A 195 1.36 -19.69 25.63
N CYS A 196 1.51 -18.68 26.50
CA CYS A 196 2.76 -18.36 27.17
C CYS A 196 2.83 -19.11 28.50
N GLY A 197 4.03 -19.34 28.99
CA GLY A 197 4.24 -19.98 30.29
C GLY A 197 4.71 -21.41 30.15
N HIS A 198 5.10 -21.99 31.30
CA HIS A 198 5.65 -23.34 31.37
C HIS A 198 4.71 -24.39 30.80
N MET A 199 3.41 -24.23 31.09
CA MET A 199 2.36 -25.13 30.59
C MET A 199 1.60 -24.50 29.40
N GLY A 200 2.30 -24.28 28.29
CA GLY A 200 1.74 -23.60 27.11
C GLY A 200 2.22 -24.12 25.76
N GLY A 201 2.44 -23.19 24.82
CA GLY A 201 2.91 -23.53 23.46
C GLY A 201 1.85 -23.40 22.37
N LYS A 202 2.10 -24.05 21.22
CA LYS A 202 1.17 -24.03 20.08
C LYS A 202 -0.15 -24.71 20.43
N VAL A 203 -1.23 -24.30 19.76
CA VAL A 203 -2.58 -24.78 20.04
C VAL A 203 -3.33 -25.19 18.76
N LEU A 204 -3.68 -26.47 18.64
CA LEU A 204 -4.37 -26.96 17.44
C LEU A 204 -5.84 -26.59 17.41
N VAL A 205 -6.41 -26.62 16.20
CA VAL A 205 -7.85 -26.53 15.98
C VAL A 205 -8.36 -27.93 15.65
N PRO A 206 -9.67 -28.17 15.84
CA PRO A 206 -10.22 -29.47 15.49
C PRO A 206 -9.93 -29.88 14.05
N THR A 207 -9.67 -31.17 13.83
CA THR A 207 -9.54 -31.72 12.48
C THR A 207 -10.63 -31.14 11.57
N ARG A 208 -11.86 -31.14 12.09
CA ARG A 208 -13.02 -30.59 11.41
C ARG A 208 -12.76 -29.17 10.83
N GLU A 209 -12.14 -28.32 11.63
CA GLU A 209 -11.85 -26.94 11.23
C GLU A 209 -10.70 -26.83 10.23
N ALA A 210 -9.65 -27.61 10.45
CA ALA A 210 -8.53 -27.69 9.49
C ALA A 210 -9.01 -28.18 8.11
N VAL A 211 -9.82 -29.22 8.11
CA VAL A 211 -10.41 -29.73 6.87
C VAL A 211 -11.31 -28.68 6.24
N ALA A 212 -12.08 -27.99 7.07
CA ALA A 212 -12.91 -26.86 6.62
C ALA A 212 -12.10 -25.82 5.82
N LYS A 213 -10.91 -25.50 6.33
CA LYS A 213 -10.00 -24.55 5.65
C LYS A 213 -9.47 -25.11 4.33
N LEU A 214 -9.00 -26.36 4.37
CA LEU A 214 -8.53 -27.03 3.15
C LEU A 214 -9.60 -27.01 2.07
N THR A 215 -10.86 -27.29 2.43
CA THR A 215 -11.93 -27.24 1.45
C THR A 215 -12.04 -25.84 0.84
N ALA A 216 -12.04 -24.82 1.70
CA ALA A 216 -12.14 -23.41 1.26
C ALA A 216 -10.97 -22.99 0.37
N ALA A 217 -9.78 -23.43 0.75
CA ALA A 217 -8.57 -23.23 -0.06
C ALA A 217 -8.70 -23.84 -1.44
N ARG A 218 -9.33 -25.00 -1.56
CA ARG A 218 -9.40 -25.65 -2.87
C ARG A 218 -10.56 -25.10 -3.67
N LEU A 219 -11.66 -24.81 -2.99
CA LEU A 219 -12.78 -24.13 -3.64
C LEU A 219 -12.30 -22.81 -4.24
N ALA A 220 -11.41 -22.13 -3.52
CA ALA A 220 -10.81 -20.89 -4.00
C ALA A 220 -10.11 -21.12 -5.34
N ALA A 221 -9.22 -22.10 -5.34
CA ALA A 221 -8.45 -22.54 -6.52
C ALA A 221 -9.32 -22.85 -7.74
N ASP A 222 -10.43 -23.54 -7.51
CA ASP A 222 -11.31 -23.94 -8.62
C ASP A 222 -12.05 -22.74 -9.20
N VAL A 223 -12.56 -21.87 -8.33
CA VAL A 223 -13.18 -20.62 -8.76
C VAL A 223 -12.22 -19.71 -9.57
N MET A 224 -10.93 -19.72 -9.21
CA MET A 224 -9.93 -18.92 -9.93
C MET A 224 -9.51 -19.63 -11.22
N GLY A 225 -9.78 -20.93 -11.28
CA GLY A 225 -9.56 -21.72 -12.50
C GLY A 225 -8.12 -22.20 -12.64
N THR A 226 -7.45 -22.44 -11.51
CA THR A 226 -6.04 -22.84 -11.50
C THR A 226 -5.80 -24.11 -10.68
N PRO A 227 -5.02 -25.08 -11.22
CA PRO A 227 -4.72 -26.31 -10.50
C PRO A 227 -3.66 -26.11 -9.40
N THR A 228 -3.87 -25.11 -8.55
CA THR A 228 -2.89 -24.73 -7.54
C THR A 228 -2.58 -25.93 -6.65
N VAL A 229 -1.30 -26.11 -6.34
CA VAL A 229 -0.86 -27.16 -5.42
C VAL A 229 -1.20 -26.77 -3.99
N LEU A 230 -2.17 -27.47 -3.39
CA LEU A 230 -2.52 -27.25 -1.97
C LEU A 230 -1.73 -28.17 -1.04
N VAL A 231 -1.20 -27.59 0.04
CA VAL A 231 -0.38 -28.33 1.01
C VAL A 231 -0.94 -28.17 2.42
N ALA A 232 -1.01 -29.27 3.16
CA ALA A 232 -1.59 -29.25 4.50
C ALA A 232 -0.51 -29.45 5.54
N ARG A 233 -0.40 -28.48 6.46
CA ARG A 233 0.57 -28.56 7.54
C ARG A 233 -0.10 -28.92 8.85
N THR A 234 0.34 -30.02 9.45
CA THR A 234 -0.02 -30.31 10.83
C THR A 234 1.12 -29.90 11.74
N ASP A 235 0.75 -29.34 12.88
CA ASP A 235 1.68 -29.00 13.95
C ASP A 235 1.45 -29.94 15.13
N ALA A 236 0.92 -31.12 14.85
CA ALA A 236 0.45 -32.05 15.89
C ALA A 236 1.58 -32.93 16.45
N GLU A 237 2.80 -32.76 15.95
CA GLU A 237 3.95 -33.45 16.52
C GLU A 237 4.34 -32.86 17.86
N ALA A 238 4.35 -31.52 17.96
CA ALA A 238 4.78 -30.82 19.16
C ALA A 238 3.62 -30.14 19.92
N ALA A 239 2.63 -29.62 19.20
CA ALA A 239 1.51 -28.92 19.83
C ALA A 239 0.74 -29.88 20.74
N ASP A 240 0.57 -29.46 21.99
CA ASP A 240 -0.03 -30.29 23.03
C ASP A 240 -1.27 -29.63 23.63
N LEU A 241 -1.87 -28.71 22.88
CA LEU A 241 -3.14 -28.08 23.28
C LEU A 241 -4.06 -28.03 22.06
N ILE A 242 -5.36 -28.06 22.33
CA ILE A 242 -6.38 -27.95 21.31
C ILE A 242 -7.51 -27.07 21.84
N THR A 243 -8.15 -26.30 20.96
CA THR A 243 -9.16 -25.32 21.39
C THR A 243 -10.47 -25.98 21.81
N SER A 244 -10.76 -27.14 21.23
CA SER A 244 -12.00 -27.86 21.53
C SER A 244 -11.87 -29.38 21.37
N ASP A 245 -12.89 -30.09 21.86
CA ASP A 245 -12.92 -31.57 21.85
C ASP A 245 -13.90 -32.18 20.83
N ILE A 246 -14.74 -31.36 20.20
CA ILE A 246 -15.88 -31.88 19.42
C ILE A 246 -15.55 -32.99 18.42
N ASP A 247 -14.42 -32.92 17.75
CA ASP A 247 -14.10 -33.92 16.71
C ASP A 247 -13.63 -35.24 17.32
N ASP A 248 -14.27 -36.32 16.89
CA ASP A 248 -13.93 -37.67 17.34
C ASP A 248 -12.52 -38.09 16.89
N ASN A 249 -12.06 -37.54 15.77
CA ASN A 249 -10.67 -37.75 15.31
C ASN A 249 -9.64 -37.37 16.37
N ASP A 250 -9.99 -36.42 17.24
CA ASP A 250 -9.06 -35.82 18.22
C ASP A 250 -9.19 -36.33 19.66
N LYS A 251 -10.37 -36.80 20.05
CA LYS A 251 -10.62 -37.29 21.42
C LYS A 251 -9.57 -38.28 21.97
N PRO A 252 -9.15 -39.27 21.16
CA PRO A 252 -8.12 -40.25 21.57
C PRO A 252 -6.79 -39.66 22.08
N TYR A 253 -6.54 -38.40 21.78
CA TYR A 253 -5.26 -37.76 22.09
C TYR A 253 -5.37 -36.80 23.27
N LEU A 254 -6.59 -36.60 23.77
CA LEU A 254 -6.81 -35.74 24.93
C LEU A 254 -6.25 -36.37 26.21
N THR A 255 -5.87 -35.54 27.18
CA THR A 255 -5.44 -36.01 28.49
C THR A 255 -6.43 -35.65 29.58
N GLY A 256 -7.66 -35.30 29.21
CA GLY A 256 -8.69 -34.93 30.18
C GLY A 256 -8.55 -33.54 30.79
N GLU A 257 -7.34 -32.98 30.82
CA GLU A 257 -7.09 -31.69 31.46
C GLU A 257 -7.64 -30.48 30.68
N ARG A 258 -7.92 -29.39 31.39
CA ARG A 258 -8.31 -28.11 30.77
C ARG A 258 -7.52 -26.94 31.34
N THR A 259 -7.15 -26.00 30.48
CA THR A 259 -6.43 -24.79 30.89
C THR A 259 -7.43 -23.71 31.30
N VAL A 260 -6.88 -22.58 31.77
CA VAL A 260 -7.67 -21.42 32.20
C VAL A 260 -8.51 -20.85 31.07
N GLU A 261 -7.94 -20.88 29.87
CA GLU A 261 -8.55 -20.28 28.69
C GLU A 261 -9.57 -21.19 28.04
N GLY A 262 -9.72 -22.40 28.58
CA GLY A 262 -10.70 -23.35 28.07
C GLY A 262 -10.18 -24.20 26.91
N PHE A 263 -8.87 -24.34 26.83
CA PHE A 263 -8.28 -25.25 25.86
C PHE A 263 -8.18 -26.63 26.50
N PHE A 264 -7.92 -27.64 25.68
CA PHE A 264 -7.78 -29.02 26.16
C PHE A 264 -6.37 -29.52 25.89
N ARG A 265 -5.70 -30.01 26.93
CA ARG A 265 -4.35 -30.58 26.79
C ARG A 265 -4.43 -31.87 25.97
N THR A 266 -3.43 -32.10 25.11
CA THR A 266 -3.36 -33.32 24.31
C THR A 266 -1.99 -33.97 24.50
N LYS A 267 -1.87 -35.23 24.06
CA LYS A 267 -0.61 -35.96 24.07
C LYS A 267 0.08 -35.79 22.72
N PRO A 268 1.09 -34.89 22.65
CA PRO A 268 1.73 -34.64 21.37
C PRO A 268 2.57 -35.82 20.91
N GLY A 269 3.05 -35.79 19.68
CA GLY A 269 3.91 -36.85 19.15
C GLY A 269 3.50 -37.33 17.77
N LEU A 270 4.10 -38.44 17.34
CA LEU A 270 3.89 -38.97 15.99
C LEU A 270 2.44 -39.42 15.74
N GLU A 271 1.81 -40.04 16.73
CA GLU A 271 0.45 -40.58 16.56
C GLU A 271 -0.58 -39.47 16.36
N GLN A 272 -0.45 -38.37 17.11
CA GLN A 272 -1.32 -37.19 16.93
C GLN A 272 -1.06 -36.59 15.55
N ALA A 273 0.21 -36.33 15.25
CA ALA A 273 0.60 -35.90 13.92
C ALA A 273 -0.07 -36.80 12.90
N ILE A 274 0.15 -38.10 13.04
CA ILE A 274 -0.37 -39.09 12.07
C ILE A 274 -1.86 -38.93 11.79
N SER A 275 -2.68 -38.85 12.83
CA SER A 275 -4.14 -38.73 12.62
C SER A 275 -4.50 -37.49 11.81
N ARG A 276 -3.80 -36.38 12.06
CA ARG A 276 -3.99 -35.17 11.27
C ARG A 276 -3.53 -35.37 9.81
N GLY A 277 -2.41 -36.08 9.65
CA GLY A 277 -1.91 -36.43 8.32
C GLY A 277 -2.93 -37.24 7.56
N LEU A 278 -3.52 -38.21 8.24
CA LEU A 278 -4.54 -39.07 7.63
C LEU A 278 -5.84 -38.31 7.37
N ALA A 279 -6.18 -37.39 8.28
CA ALA A 279 -7.39 -36.59 8.14
C ALA A 279 -7.33 -35.65 6.93
N TYR A 280 -6.17 -35.01 6.73
CA TYR A 280 -6.02 -34.01 5.65
C TYR A 280 -5.68 -34.62 4.28
N ALA A 281 -5.22 -35.88 4.29
CA ALA A 281 -4.67 -36.55 3.10
C ALA A 281 -5.60 -36.63 1.89
N PRO A 282 -6.92 -36.79 2.10
CA PRO A 282 -7.86 -36.80 0.98
C PRO A 282 -8.09 -35.46 0.30
N TYR A 283 -7.70 -34.38 0.98
CA TYR A 283 -8.05 -33.01 0.58
C TYR A 283 -6.87 -32.22 0.00
N ALA A 284 -5.67 -32.44 0.53
CA ALA A 284 -4.46 -31.69 0.12
C ALA A 284 -3.60 -32.54 -0.80
N ASP A 285 -2.75 -31.88 -1.59
CA ASP A 285 -1.90 -32.56 -2.56
C ASP A 285 -0.61 -33.12 -1.97
N LEU A 286 -0.03 -32.38 -1.03
CA LEU A 286 1.10 -32.90 -0.25
C LEU A 286 0.80 -32.73 1.22
N ILE A 287 1.31 -33.64 2.04
CA ILE A 287 1.13 -33.58 3.49
C ILE A 287 2.47 -33.27 4.15
N TRP A 288 2.45 -32.37 5.12
CA TRP A 288 3.68 -31.89 5.77
C TRP A 288 3.52 -31.86 7.29
N CYS A 289 4.34 -32.66 7.96
CA CYS A 289 4.45 -32.64 9.41
C CYS A 289 5.57 -31.67 9.74
N GLU A 290 5.20 -30.53 10.33
CA GLU A 290 6.20 -29.56 10.74
C GLU A 290 6.91 -30.14 11.94
N THR A 291 8.24 -30.17 11.85
CA THR A 291 9.09 -30.70 12.91
C THR A 291 10.12 -29.64 13.27
N GLY A 292 10.47 -29.59 14.56
CA GLY A 292 11.53 -28.72 15.05
C GLY A 292 12.86 -29.44 15.06
N LYS A 293 12.82 -30.77 15.30
CA LYS A 293 14.00 -31.62 15.38
C LYS A 293 14.05 -32.53 14.16
N PRO A 294 14.92 -32.22 13.18
CA PRO A 294 15.00 -33.07 11.97
C PRO A 294 15.49 -34.48 12.30
N ASP A 295 14.74 -35.50 11.86
CA ASP A 295 15.03 -36.89 12.20
C ASP A 295 14.59 -37.84 11.07
N LEU A 296 15.55 -38.59 10.54
CA LEU A 296 15.27 -39.51 9.42
C LEU A 296 14.37 -40.69 9.85
N GLU A 297 14.54 -41.14 11.09
CA GLU A 297 13.71 -42.21 11.64
C GLU A 297 12.26 -41.75 11.74
N TYR A 298 12.06 -40.62 12.42
CA TYR A 298 10.73 -39.99 12.52
C TYR A 298 10.12 -39.84 11.14
N ALA A 299 10.90 -39.28 10.22
CA ALA A 299 10.43 -39.06 8.86
C ALA A 299 9.91 -40.36 8.24
N LYS A 300 10.74 -41.41 8.28
CA LYS A 300 10.41 -42.71 7.67
C LYS A 300 9.16 -43.35 8.28
N LYS A 301 8.99 -43.21 9.59
CA LYS A 301 7.78 -43.70 10.28
C LYS A 301 6.52 -43.00 9.78
N PHE A 302 6.57 -41.67 9.73
CA PHE A 302 5.43 -40.86 9.27
C PHE A 302 5.19 -41.07 7.77
N ALA A 303 6.27 -41.31 7.02
CA ALA A 303 6.13 -41.68 5.62
C ALA A 303 5.38 -43.01 5.47
N GLU A 304 5.82 -44.05 6.16
CA GLU A 304 5.19 -45.38 6.07
C GLU A 304 3.74 -45.37 6.60
N ALA A 305 3.48 -44.58 7.65
CA ALA A 305 2.14 -44.52 8.26
C ALA A 305 1.10 -43.97 7.28
N ILE A 306 1.42 -42.85 6.64
CA ILE A 306 0.51 -42.22 5.65
C ILE A 306 0.39 -43.05 4.37
N HIS A 307 1.50 -43.60 3.92
CA HIS A 307 1.54 -44.37 2.66
C HIS A 307 0.75 -45.68 2.73
N LYS A 308 0.67 -46.30 3.92
CA LYS A 308 -0.17 -47.49 4.12
C LYS A 308 -1.63 -47.20 3.73
N GLN A 309 -2.10 -45.99 4.06
CA GLN A 309 -3.50 -45.62 3.85
C GLN A 309 -3.70 -44.79 2.59
N PHE A 310 -2.64 -44.12 2.13
CA PHE A 310 -2.67 -43.32 0.88
C PHE A 310 -1.36 -43.49 0.13
N PRO A 311 -1.18 -44.62 -0.57
CA PRO A 311 0.15 -44.91 -1.15
C PRO A 311 0.57 -43.95 -2.28
N GLY A 312 1.86 -43.64 -2.33
CA GLY A 312 2.41 -42.75 -3.34
C GLY A 312 2.27 -41.27 -2.99
N LYS A 313 1.33 -40.95 -2.08
CA LYS A 313 0.95 -39.56 -1.76
C LYS A 313 2.14 -38.69 -1.47
N LEU A 314 2.22 -37.55 -2.15
CA LEU A 314 3.37 -36.66 -2.04
C LEU A 314 3.47 -36.01 -0.65
N LEU A 315 4.69 -35.65 -0.25
CA LEU A 315 4.96 -35.08 1.07
C LEU A 315 6.01 -33.97 0.97
N SER A 316 6.11 -33.16 2.03
CA SER A 316 7.15 -32.16 2.11
C SER A 316 7.71 -32.06 3.52
N TYR A 317 8.92 -31.51 3.63
CA TYR A 317 9.67 -31.51 4.87
C TYR A 317 10.36 -30.17 5.06
N ASN A 318 10.29 -29.61 6.26
CA ASN A 318 10.99 -28.36 6.52
C ASN A 318 12.29 -28.64 7.27
N CYS A 319 13.39 -28.15 6.71
CA CYS A 319 14.70 -28.43 7.28
C CYS A 319 15.10 -27.27 8.19
N SER A 320 14.70 -27.37 9.46
CA SER A 320 14.86 -26.26 10.41
C SER A 320 16.23 -25.58 10.31
N PRO A 321 16.23 -24.24 10.19
CA PRO A 321 17.46 -23.45 10.16
C PRO A 321 18.01 -23.08 11.55
N SER A 322 17.24 -23.35 12.61
CA SER A 322 17.66 -23.03 13.98
C SER A 322 18.42 -24.18 14.64
N PHE A 323 18.01 -25.40 14.27
CA PHE A 323 18.62 -26.64 14.74
C PHE A 323 20.13 -26.64 14.48
N ASN A 324 20.91 -27.09 15.47
CA ASN A 324 22.35 -27.18 15.31
C ASN A 324 22.71 -28.50 14.61
N TRP A 325 23.00 -28.42 13.31
CA TRP A 325 23.10 -29.61 12.47
C TRP A 325 24.34 -30.47 12.77
N LYS A 326 25.52 -29.84 12.75
CA LYS A 326 26.77 -30.55 13.06
C LYS A 326 26.77 -31.08 14.50
N LYS A 327 26.35 -30.24 15.45
CA LYS A 327 26.18 -30.68 16.85
C LYS A 327 25.49 -32.05 16.98
N ASN A 328 24.47 -32.29 16.15
CA ASN A 328 23.64 -33.47 16.31
C ASN A 328 23.71 -34.47 15.15
N LEU A 329 24.53 -34.18 14.12
CA LEU A 329 24.72 -35.09 12.98
C LEU A 329 26.15 -35.05 12.41
N ASP A 330 26.56 -36.15 11.78
CA ASP A 330 27.84 -36.21 11.07
C ASP A 330 27.63 -35.79 9.61
N ASP A 331 28.71 -35.27 9.02
CA ASP A 331 28.69 -34.73 7.65
C ASP A 331 28.01 -35.67 6.65
N ALA A 332 28.19 -36.98 6.82
CA ALA A 332 27.69 -37.98 5.87
C ALA A 332 26.16 -38.05 5.85
N THR A 333 25.56 -38.13 7.04
CA THR A 333 24.09 -38.06 7.16
C THR A 333 23.54 -36.69 6.72
N ILE A 334 24.21 -35.61 7.13
CA ILE A 334 23.86 -34.25 6.67
C ILE A 334 23.88 -34.14 5.13
N ALA A 335 24.97 -34.61 4.52
CA ALA A 335 25.15 -34.50 3.08
C ALA A 335 24.19 -35.39 2.28
N LYS A 336 23.65 -36.43 2.92
CA LYS A 336 22.68 -37.33 2.27
C LYS A 336 21.27 -37.19 2.86
N PHE A 337 21.02 -36.09 3.57
CA PHE A 337 19.78 -35.90 4.31
C PHE A 337 18.59 -35.76 3.36
N GLN A 338 18.66 -34.77 2.49
CA GLN A 338 17.57 -34.50 1.55
C GLN A 338 17.42 -35.65 0.56
N LYS A 339 18.56 -36.13 0.06
CA LYS A 339 18.64 -37.32 -0.79
C LYS A 339 17.74 -38.42 -0.25
N GLU A 340 17.97 -38.79 1.01
CA GLU A 340 17.23 -39.90 1.63
C GLU A 340 15.73 -39.60 1.69
N LEU A 341 15.36 -38.45 2.25
CA LEU A 341 13.95 -38.01 2.36
C LEU A 341 13.20 -38.05 1.03
N GLY A 342 13.93 -37.83 -0.06
CA GLY A 342 13.37 -37.99 -1.40
C GLY A 342 12.79 -39.39 -1.55
N ALA A 343 13.65 -40.40 -1.38
CA ALA A 343 13.27 -41.81 -1.49
C ALA A 343 12.01 -42.15 -0.69
N MET A 344 11.90 -41.58 0.52
CA MET A 344 10.72 -41.79 1.38
C MET A 344 9.45 -41.15 0.81
N GLY A 345 9.60 -40.15 -0.06
CA GLY A 345 8.45 -39.47 -0.68
C GLY A 345 8.27 -37.99 -0.29
N TYR A 346 9.31 -37.38 0.26
CA TYR A 346 9.29 -35.96 0.57
C TYR A 346 9.77 -35.19 -0.65
N LYS A 347 8.89 -35.09 -1.65
CA LYS A 347 9.22 -34.46 -2.95
C LYS A 347 9.42 -32.94 -2.93
N PHE A 348 9.00 -32.27 -1.85
CA PHE A 348 9.25 -30.83 -1.69
C PHE A 348 9.87 -30.52 -0.32
N GLN A 349 11.07 -29.97 -0.33
CA GLN A 349 11.79 -29.70 0.90
C GLN A 349 12.29 -28.28 0.86
N PHE A 350 12.52 -27.68 2.02
CA PHE A 350 12.90 -26.28 2.10
C PHE A 350 13.47 -25.84 3.46
N ILE A 351 14.30 -24.80 3.43
CA ILE A 351 14.69 -24.09 4.65
C ILE A 351 13.84 -22.82 4.76
N THR A 352 12.85 -22.84 5.65
CA THR A 352 11.95 -21.70 5.83
C THR A 352 12.70 -20.37 5.90
N LEU A 353 13.63 -20.23 6.85
CA LEU A 353 14.28 -18.93 7.12
C LEU A 353 15.62 -18.73 6.42
N ALA A 354 15.84 -19.40 5.30
CA ALA A 354 17.09 -19.26 4.53
C ALA A 354 17.39 -17.79 4.22
N GLY A 355 16.39 -17.09 3.66
CA GLY A 355 16.53 -15.66 3.32
C GLY A 355 16.86 -14.75 4.48
N PHE A 356 16.35 -15.06 5.66
CA PHE A 356 16.63 -14.28 6.86
C PHE A 356 18.10 -14.38 7.23
N HIS A 357 18.62 -15.60 7.25
CA HIS A 357 19.99 -15.86 7.67
C HIS A 357 20.99 -15.37 6.62
N ALA A 358 20.63 -15.56 5.35
CA ALA A 358 21.42 -15.04 4.24
C ALA A 358 21.53 -13.52 4.31
N LEU A 359 20.38 -12.85 4.45
CA LEU A 359 20.34 -11.38 4.52
C LEU A 359 21.05 -10.86 5.76
N ASN A 360 20.71 -11.41 6.90
CA ASN A 360 21.19 -10.87 8.18
C ASN A 360 22.66 -11.15 8.48
N TYR A 361 23.21 -12.27 8.01
CA TYR A 361 24.63 -12.54 8.20
C TYR A 361 25.51 -11.63 7.35
N SER A 362 25.21 -11.57 6.05
CA SER A 362 26.00 -10.79 5.11
C SER A 362 26.14 -9.35 5.52
N MET A 363 25.02 -8.69 5.78
CA MET A 363 25.06 -7.29 6.15
C MET A 363 25.83 -7.10 7.44
N PHE A 364 25.70 -8.01 8.40
CA PHE A 364 26.45 -7.88 9.65
C PHE A 364 27.95 -8.05 9.45
N ASN A 365 28.33 -9.15 8.82
CA ASN A 365 29.71 -9.45 8.50
C ASN A 365 30.39 -8.28 7.76
N LEU A 366 29.68 -7.75 6.77
CA LEU A 366 30.17 -6.60 5.98
C LEU A 366 30.31 -5.34 6.85
N ALA A 367 29.26 -5.01 7.61
CA ALA A 367 29.24 -3.77 8.39
C ALA A 367 30.27 -3.77 9.51
N HIS A 368 30.51 -4.94 10.09
CA HIS A 368 31.46 -5.09 11.20
C HIS A 368 32.88 -4.82 10.73
N GLY A 369 33.21 -5.33 9.55
CA GLY A 369 34.46 -5.02 8.89
C GLY A 369 34.51 -3.55 8.49
N TYR A 370 33.51 -3.13 7.74
CA TYR A 370 33.38 -1.74 7.28
C TYR A 370 33.51 -0.75 8.44
N ALA A 371 32.99 -1.13 9.60
CA ALA A 371 33.13 -0.31 10.81
C ALA A 371 34.60 -0.13 11.21
N ARG A 372 35.33 -1.24 11.20
CA ARG A 372 36.69 -1.30 11.71
C ARG A 372 37.77 -1.00 10.64
N THR A 373 37.52 -1.42 9.40
CA THR A 373 38.55 -1.35 8.36
C THR A 373 38.09 -0.64 7.07
N GLN A 374 36.87 -0.07 7.10
CA GLN A 374 36.27 0.63 5.96
C GLN A 374 36.42 -0.12 4.62
N MET A 375 36.88 0.56 3.58
CA MET A 375 36.68 0.06 2.23
C MET A 375 37.15 -1.37 1.97
N SER A 376 38.13 -1.83 2.74
CA SER A 376 38.73 -3.15 2.51
C SER A 376 37.76 -4.30 2.87
N ALA A 377 36.81 -4.04 3.76
CA ALA A 377 35.76 -5.02 4.06
C ALA A 377 34.83 -5.17 2.85
N PHE A 378 34.56 -4.06 2.18
CA PHE A 378 33.79 -4.11 0.93
C PHE A 378 34.56 -4.77 -0.20
N VAL A 379 35.86 -4.57 -0.21
CA VAL A 379 36.71 -5.21 -1.22
C VAL A 379 36.67 -6.73 -1.06
N GLU A 380 36.73 -7.21 0.18
CA GLU A 380 36.57 -8.63 0.50
C GLU A 380 35.29 -9.20 -0.11
N LEU A 381 34.19 -8.45 -0.03
CA LEU A 381 32.90 -8.85 -0.61
C LEU A 381 32.97 -8.81 -2.13
N GLN A 382 33.53 -7.72 -2.66
CA GLN A 382 33.65 -7.54 -4.11
C GLN A 382 34.47 -8.65 -4.80
N GLN A 383 35.51 -9.13 -4.13
CA GLN A 383 36.34 -10.23 -4.66
C GLN A 383 35.59 -11.56 -4.67
N ALA A 384 34.81 -11.78 -3.61
CA ALA A 384 33.92 -12.94 -3.52
C ALA A 384 32.92 -12.95 -4.68
N GLU A 385 32.40 -11.76 -5.03
CA GLU A 385 31.48 -11.64 -6.15
C GLU A 385 32.16 -12.04 -7.46
N PHE A 386 33.38 -11.54 -7.70
CA PHE A 386 34.09 -11.88 -8.94
C PHE A 386 34.36 -13.39 -9.06
N ALA A 387 34.66 -14.05 -7.94
CA ALA A 387 34.82 -15.52 -7.92
C ALA A 387 33.54 -16.24 -8.37
N ALA A 388 32.38 -15.72 -7.96
CA ALA A 388 31.09 -16.36 -8.25
C ALA A 388 30.59 -16.14 -9.69
N ALA A 389 31.30 -15.30 -10.46
CA ALA A 389 30.96 -15.05 -11.87
C ALA A 389 30.96 -16.32 -12.71
N ASP A 390 32.01 -17.14 -12.54
CA ASP A 390 32.13 -18.45 -13.22
C ASP A 390 30.88 -19.29 -13.03
N LYS A 391 30.40 -19.34 -11.78
CA LYS A 391 29.27 -20.18 -11.40
C LYS A 391 27.88 -19.62 -11.79
N GLY A 392 27.85 -18.43 -12.39
CA GLY A 392 26.60 -17.85 -12.92
C GLY A 392 26.16 -16.52 -12.32
N PHE A 393 26.98 -15.96 -11.43
CA PHE A 393 26.61 -14.73 -10.73
C PHE A 393 26.82 -13.51 -11.63
N THR A 394 25.71 -12.93 -12.05
CA THR A 394 25.73 -11.79 -12.98
C THR A 394 25.55 -10.44 -12.28
N ALA A 395 25.20 -10.46 -11.00
CA ALA A 395 24.87 -9.23 -10.25
C ALA A 395 26.00 -8.21 -10.21
N VAL A 396 27.25 -8.65 -10.37
CA VAL A 396 28.37 -7.71 -10.47
C VAL A 396 28.05 -6.65 -11.53
N LYS A 397 27.62 -7.09 -12.71
CA LYS A 397 27.04 -6.18 -13.72
C LYS A 397 25.66 -5.73 -13.21
N HIS A 398 25.70 -4.79 -12.26
CA HIS A 398 24.52 -4.35 -11.51
C HIS A 398 23.48 -3.62 -12.37
N GLN A 399 23.94 -2.79 -13.29
CA GLN A 399 23.04 -2.05 -14.19
C GLN A 399 22.14 -2.98 -15.01
N ARG A 400 22.74 -3.99 -15.65
CA ARG A 400 22.02 -4.94 -16.50
C ARG A 400 21.03 -5.78 -15.70
N GLU A 401 21.44 -6.15 -14.48
CA GLU A 401 20.63 -7.00 -13.60
C GLU A 401 19.26 -6.40 -13.34
N VAL A 402 19.23 -5.13 -12.96
CA VAL A 402 17.99 -4.44 -12.58
C VAL A 402 17.11 -3.99 -13.74
N GLY A 403 17.57 -4.19 -14.99
CA GLY A 403 16.77 -3.86 -16.19
C GLY A 403 17.24 -2.66 -17.01
N THR A 404 18.34 -2.02 -16.61
CA THR A 404 18.85 -0.83 -17.31
C THR A 404 18.89 -1.03 -18.81
N GLY A 405 19.46 -2.16 -19.24
CA GLY A 405 19.62 -2.49 -20.66
C GLY A 405 18.30 -2.76 -21.35
N TYR A 406 17.36 -3.34 -20.61
CA TYR A 406 16.04 -3.59 -21.13
C TYR A 406 15.31 -2.26 -21.36
N PHE A 407 15.35 -1.41 -20.34
CA PHE A 407 14.69 -0.11 -20.42
C PHE A 407 15.37 0.86 -21.37
N ASP A 408 16.66 0.65 -21.64
CA ASP A 408 17.34 1.46 -22.65
C ASP A 408 16.76 1.09 -24.01
N ALA A 409 16.55 -0.22 -24.22
CA ALA A 409 15.92 -0.72 -25.46
C ALA A 409 14.52 -0.16 -25.63
N VAL A 410 13.82 0.07 -24.52
CA VAL A 410 12.50 0.72 -24.58
C VAL A 410 12.63 2.20 -24.99
N THR A 411 13.61 2.90 -24.45
CA THR A 411 13.81 4.30 -24.82
C THR A 411 14.27 4.46 -26.28
N GLN A 412 15.12 3.54 -26.74
CA GLN A 412 15.67 3.58 -28.11
C GLN A 412 14.61 3.24 -29.16
N THR A 413 13.69 2.36 -28.79
CA THR A 413 12.58 1.99 -29.67
C THR A 413 11.63 3.16 -29.87
N VAL A 414 11.41 3.94 -28.81
CA VAL A 414 10.50 5.09 -28.89
C VAL A 414 11.15 6.25 -29.62
N GLU A 415 12.40 6.55 -29.26
CA GLU A 415 13.11 7.74 -29.74
C GLU A 415 13.96 7.45 -31.00
N ARG A 416 13.34 6.91 -32.04
CA ARG A 416 14.07 6.55 -33.26
C ARG A 416 13.19 6.56 -34.49
N MET B 5 15.68 10.19 34.12
CA MET B 5 14.52 9.48 34.72
C MET B 5 14.77 7.96 34.74
N SER B 6 14.81 7.38 35.93
CA SER B 6 14.97 5.94 36.09
C SER B 6 13.64 5.23 35.90
N ARG B 7 13.70 3.91 35.74
CA ARG B 7 12.51 3.09 35.54
C ARG B 7 11.49 3.24 36.68
N GLN B 8 11.97 3.18 37.92
CA GLN B 8 11.10 3.35 39.09
C GLN B 8 10.45 4.75 39.15
N GLN B 9 11.20 5.78 38.75
CA GLN B 9 10.69 7.16 38.73
C GLN B 9 9.61 7.33 37.67
N GLN B 10 9.86 6.78 36.48
CA GLN B 10 8.88 6.80 35.39
C GLN B 10 7.59 6.11 35.82
N ALA B 11 7.70 4.91 36.39
CA ALA B 11 6.55 4.21 36.91
C ALA B 11 5.86 4.98 38.04
N GLN B 12 6.62 5.78 38.78
CA GLN B 12 6.05 6.64 39.83
C GLN B 12 5.15 7.74 39.24
N GLU B 13 5.68 8.48 38.27
CA GLU B 13 4.93 9.56 37.61
C GLU B 13 3.68 9.02 36.93
N LEU B 14 3.80 7.86 36.29
CA LEU B 14 2.69 7.24 35.57
C LEU B 14 1.62 6.75 36.53
N GLN B 15 2.03 5.96 37.53
CA GLN B 15 1.11 5.46 38.55
C GLN B 15 0.37 6.59 39.25
N LYS B 16 1.10 7.62 39.66
CA LYS B 16 0.49 8.78 40.33
C LYS B 16 -0.55 9.44 39.42
N GLN B 17 -0.21 9.57 38.14
CA GLN B 17 -1.09 10.18 37.15
C GLN B 17 -2.46 9.47 37.08
N TRP B 18 -2.43 8.14 37.02
CA TRP B 18 -3.65 7.34 37.01
C TRP B 18 -4.53 7.57 38.25
N GLU B 19 -3.89 7.94 39.36
CA GLU B 19 -4.59 8.24 40.62
C GLU B 19 -5.02 9.72 40.70
N THR B 20 -4.25 10.62 40.09
CA THR B 20 -4.49 12.06 40.20
C THR B 20 -5.43 12.63 39.14
N ASP B 21 -5.46 12.00 37.96
CA ASP B 21 -6.19 12.55 36.82
C ASP B 21 -7.62 12.06 36.83
N PRO B 22 -8.60 12.98 36.90
CA PRO B 22 -10.01 12.55 36.88
C PRO B 22 -10.45 11.86 35.58
N ARG B 23 -9.62 11.97 34.54
CA ARG B 23 -9.78 11.20 33.30
C ARG B 23 -9.89 9.69 33.57
N TRP B 24 -9.08 9.18 34.49
CA TRP B 24 -9.04 7.74 34.76
C TRP B 24 -9.93 7.29 35.92
N LYS B 25 -10.81 8.19 36.38
CA LYS B 25 -11.73 7.88 37.46
C LYS B 25 -12.61 6.69 37.08
N GLY B 26 -12.69 5.71 37.98
CA GLY B 26 -13.49 4.51 37.74
C GLY B 26 -12.85 3.46 36.84
N ILE B 27 -11.66 3.75 36.30
CA ILE B 27 -11.05 2.86 35.31
C ILE B 27 -10.06 1.93 35.95
N LYS B 28 -10.13 0.67 35.58
CA LYS B 28 -9.25 -0.36 36.12
C LYS B 28 -8.28 -0.79 35.03
N ARG B 29 -7.00 -0.86 35.41
CA ARG B 29 -5.98 -1.43 34.56
C ARG B 29 -5.53 -2.73 35.19
N ALA B 30 -5.69 -3.84 34.49
CA ALA B 30 -5.22 -5.15 34.97
C ALA B 30 -3.73 -5.35 34.71
N PHE B 31 -2.94 -4.33 35.02
CA PHE B 31 -1.49 -4.33 34.79
C PHE B 31 -0.94 -3.08 35.45
N THR B 32 0.35 -3.08 35.75
CA THR B 32 0.94 -1.98 36.53
C THR B 32 1.63 -0.95 35.65
N ALA B 33 1.90 0.22 36.24
CA ALA B 33 2.65 1.27 35.57
C ALA B 33 4.08 0.84 35.25
N GLU B 34 4.60 -0.14 35.99
CA GLU B 34 5.91 -0.71 35.71
C GLU B 34 5.90 -1.56 34.43
N ASP B 35 4.78 -2.24 34.18
CA ASP B 35 4.61 -3.02 32.96
C ASP B 35 4.61 -2.10 31.75
N VAL B 36 3.89 -0.99 31.85
CA VAL B 36 3.78 -0.01 30.76
C VAL B 36 5.18 0.48 30.38
N VAL B 37 5.91 0.92 31.40
CA VAL B 37 7.27 1.42 31.23
C VAL B 37 8.17 0.33 30.64
N ARG B 38 8.07 -0.89 31.17
CA ARG B 38 8.86 -2.01 30.67
C ARG B 38 8.62 -2.27 29.19
N LEU B 39 7.40 -2.02 28.72
CA LEU B 39 7.03 -2.33 27.34
C LEU B 39 7.07 -1.13 26.38
N ARG B 40 7.28 0.08 26.91
CA ARG B 40 7.39 1.30 26.10
C ARG B 40 8.55 1.22 25.13
N GLY B 41 9.72 0.93 25.69
CA GLY B 41 10.99 1.20 25.05
C GLY B 41 11.70 2.31 25.82
N SER B 42 12.91 2.67 25.36
CA SER B 42 13.71 3.73 25.98
C SER B 42 13.13 5.14 25.71
N ILE B 43 12.80 5.43 24.47
CA ILE B 43 12.24 6.73 24.08
C ILE B 43 10.77 6.61 23.78
N GLN B 44 10.00 7.65 24.09
CA GLN B 44 8.59 7.70 23.69
C GLN B 44 8.46 8.64 22.49
N GLN B 45 7.80 8.16 21.44
CA GLN B 45 7.54 8.95 20.23
C GLN B 45 6.20 9.65 20.37
N GLU B 46 6.12 10.92 19.99
CA GLU B 46 4.92 11.73 20.19
C GLU B 46 3.86 11.49 19.10
N HIS B 47 2.60 11.52 19.48
CA HIS B 47 1.48 11.41 18.54
C HIS B 47 0.48 12.54 18.81
N THR B 48 0.76 13.72 18.25
CA THR B 48 0.02 14.93 18.54
C THR B 48 -1.49 14.79 18.35
N LEU B 49 -1.90 14.37 17.15
CA LEU B 49 -3.33 14.24 16.82
C LEU B 49 -4.04 13.27 17.76
N ALA B 50 -3.49 12.07 17.91
CA ALA B 50 -4.06 11.08 18.83
C ALA B 50 -4.31 11.69 20.21
N LYS B 51 -3.33 12.41 20.74
CA LYS B 51 -3.42 13.00 22.08
C LYS B 51 -4.43 14.15 22.14
N ARG B 52 -4.20 15.22 21.38
CA ARG B 52 -5.11 16.38 21.35
C ARG B 52 -6.56 15.97 21.06
N GLY B 53 -6.74 15.02 20.13
CA GLY B 53 -8.06 14.54 19.75
C GLY B 53 -8.72 13.70 20.83
N ALA B 54 -7.93 12.93 21.56
CA ALA B 54 -8.43 12.14 22.68
C ALA B 54 -8.83 13.05 23.83
N GLU B 55 -8.03 14.08 24.09
CA GLU B 55 -8.38 15.07 25.11
C GLU B 55 -9.62 15.86 24.73
N LYS B 56 -9.75 16.17 23.44
CA LYS B 56 -10.90 16.91 22.94
C LYS B 56 -12.18 16.07 22.96
N LEU B 57 -12.06 14.81 22.55
CA LEU B 57 -13.20 13.89 22.50
C LEU B 57 -13.77 13.71 23.90
N TRP B 58 -12.89 13.51 24.89
CA TRP B 58 -13.28 13.34 26.28
C TRP B 58 -14.05 14.55 26.80
N THR B 59 -13.52 15.75 26.56
CA THR B 59 -14.19 16.98 26.94
C THR B 59 -15.60 17.05 26.36
N LEU B 60 -15.74 16.76 25.07
CA LEU B 60 -17.06 16.79 24.42
C LEU B 60 -18.09 15.84 25.05
N ILE B 61 -17.75 14.55 25.13
CA ILE B 61 -18.70 13.56 25.62
C ILE B 61 -19.07 13.74 27.10
N ASN B 62 -18.23 14.43 27.87
CA ASN B 62 -18.57 14.74 29.25
C ASN B 62 -19.35 16.06 29.43
N ASN B 63 -19.04 17.07 28.62
CA ASN B 63 -19.65 18.39 28.81
C ASN B 63 -20.84 18.70 27.91
N GLU B 64 -20.90 18.10 26.73
CA GLU B 64 -21.97 18.38 25.78
C GLU B 64 -23.18 17.51 26.15
N PRO B 65 -24.41 17.87 25.70
CA PRO B 65 -25.58 17.03 25.98
C PRO B 65 -25.40 15.63 25.41
N PHE B 66 -25.02 15.56 24.13
CA PHE B 66 -24.58 14.32 23.50
C PHE B 66 -23.82 14.66 22.22
N VAL B 67 -22.78 13.89 21.93
CA VAL B 67 -22.02 14.08 20.69
C VAL B 67 -22.55 13.07 19.70
N ASN B 68 -22.81 13.52 18.49
CA ASN B 68 -23.31 12.65 17.44
C ASN B 68 -22.41 12.71 16.21
N ALA B 69 -22.35 11.60 15.50
CA ALA B 69 -21.47 11.48 14.36
C ALA B 69 -22.15 10.70 13.25
N LEU B 70 -21.61 10.83 12.05
CA LEU B 70 -22.03 10.00 10.93
C LEU B 70 -20.80 9.29 10.43
N GLY B 71 -20.98 8.04 10.00
CA GLY B 71 -19.90 7.24 9.46
C GLY B 71 -19.33 7.86 8.19
N ALA B 72 -18.01 8.00 8.14
CA ALA B 72 -17.31 8.58 6.98
C ALA B 72 -16.27 7.59 6.44
N LEU B 73 -16.21 7.44 5.12
CA LEU B 73 -15.31 6.47 4.49
C LEU B 73 -14.24 7.08 3.58
N THR B 74 -14.28 8.41 3.41
CA THR B 74 -13.20 9.16 2.79
C THR B 74 -12.93 10.44 3.59
N GLY B 75 -11.84 11.12 3.25
CA GLY B 75 -11.51 12.39 3.91
C GLY B 75 -12.47 13.52 3.59
N ASN B 76 -12.97 13.55 2.35
CA ASN B 76 -13.94 14.54 1.94
C ASN B 76 -15.23 14.41 2.77
N GLN B 77 -15.73 13.20 2.89
CA GLN B 77 -16.92 12.98 3.71
C GLN B 77 -16.72 13.59 5.08
N ALA B 78 -15.60 13.24 5.71
CA ALA B 78 -15.24 13.76 7.02
C ALA B 78 -15.12 15.29 7.02
N MET B 79 -14.45 15.82 5.99
CA MET B 79 -14.22 17.25 5.88
C MET B 79 -15.53 18.01 5.84
N GLN B 80 -16.50 17.44 5.13
CA GLN B 80 -17.81 18.04 5.00
C GLN B 80 -18.55 17.96 6.33
N GLN B 81 -18.55 16.78 6.95
CA GLN B 81 -19.19 16.61 8.25
C GLN B 81 -18.82 17.77 9.20
N VAL B 82 -17.54 18.09 9.26
CA VAL B 82 -17.04 19.18 10.12
C VAL B 82 -17.55 20.56 9.66
N LYS B 83 -17.58 20.79 8.35
CA LYS B 83 -18.09 22.05 7.80
C LYS B 83 -19.60 22.19 7.98
N ALA B 84 -20.29 21.05 8.08
CA ALA B 84 -21.73 21.02 8.39
C ALA B 84 -22.02 21.32 9.87
N GLY B 85 -20.99 21.32 10.71
CA GLY B 85 -21.14 21.65 12.13
C GLY B 85 -21.10 20.47 13.09
N LEU B 86 -20.87 19.26 12.58
CA LEU B 86 -20.68 18.08 13.44
C LEU B 86 -19.34 18.20 14.12
N LYS B 87 -19.23 17.58 15.30
CA LYS B 87 -18.10 17.79 16.20
C LYS B 87 -17.26 16.54 16.40
N ALA B 88 -17.60 15.47 15.70
CA ALA B 88 -16.90 14.20 15.84
C ALA B 88 -17.14 13.37 14.60
N ILE B 89 -16.23 12.45 14.33
CA ILE B 89 -16.27 11.66 13.11
C ILE B 89 -16.31 10.17 13.45
N TYR B 90 -17.19 9.41 12.82
CA TYR B 90 -17.24 7.96 13.07
C TYR B 90 -16.69 7.21 11.88
N LEU B 91 -15.93 6.15 12.16
CA LEU B 91 -15.28 5.39 11.10
C LEU B 91 -15.69 3.93 11.15
N SER B 92 -16.68 3.56 10.34
CA SER B 92 -17.23 2.22 10.31
C SER B 92 -16.26 1.23 9.65
N GLY B 93 -16.20 0.04 10.21
CA GLY B 93 -15.48 -1.06 9.59
C GLY B 93 -16.30 -1.64 8.47
N TRP B 94 -17.63 -1.55 8.60
CA TRP B 94 -18.56 -2.02 7.57
C TRP B 94 -18.33 -1.24 6.28
N GLN B 95 -18.34 0.09 6.37
CA GLN B 95 -18.07 0.96 5.24
C GLN B 95 -16.69 0.70 4.63
N VAL B 96 -15.69 0.43 5.47
CA VAL B 96 -14.35 0.11 4.95
C VAL B 96 -14.35 -1.24 4.21
N ALA B 97 -14.91 -2.25 4.84
CA ALA B 97 -15.04 -3.56 4.21
C ALA B 97 -15.74 -3.42 2.84
N GLY B 98 -16.84 -2.67 2.85
CA GLY B 98 -17.64 -2.48 1.65
C GLY B 98 -17.00 -1.67 0.54
N ASP B 99 -16.21 -0.64 0.87
CA ASP B 99 -15.77 0.31 -0.17
C ASP B 99 -14.44 1.08 -0.02
N ALA B 100 -13.65 0.80 1.01
CA ALA B 100 -12.45 1.62 1.25
C ALA B 100 -11.29 0.92 1.97
N ASN B 101 -11.21 -0.41 1.86
CA ASN B 101 -10.08 -1.14 2.44
C ASN B 101 -8.90 -1.26 1.47
N VAL B 102 -7.73 -1.62 2.01
CA VAL B 102 -6.51 -1.63 1.20
C VAL B 102 -6.42 -2.83 0.26
N ALA B 103 -7.24 -3.86 0.46
CA ALA B 103 -7.34 -4.96 -0.52
C ALA B 103 -8.05 -4.49 -1.79
N GLY B 104 -8.79 -3.40 -1.69
CA GLY B 104 -9.55 -2.88 -2.82
C GLY B 104 -10.71 -3.77 -3.24
N GLU B 105 -11.25 -4.54 -2.30
CA GLU B 105 -12.33 -5.45 -2.57
C GLU B 105 -13.62 -4.93 -1.94
N MET B 106 -14.75 -5.24 -2.57
CA MET B 106 -16.04 -5.06 -1.94
C MET B 106 -16.27 -6.32 -1.10
N TYR B 107 -16.42 -6.13 0.21
CA TYR B 107 -16.57 -7.22 1.19
C TYR B 107 -17.72 -6.96 2.16
N PRO B 108 -18.33 -8.03 2.71
CA PRO B 108 -19.29 -7.94 3.80
C PRO B 108 -18.59 -7.80 5.14
N ASP B 109 -19.35 -7.73 6.22
CA ASP B 109 -18.82 -7.38 7.52
C ASP B 109 -18.45 -8.62 8.30
N GLN B 110 -17.35 -9.26 7.91
CA GLN B 110 -16.81 -10.43 8.66
C GLN B 110 -15.29 -10.37 8.88
N SER B 111 -14.78 -9.17 9.14
CA SER B 111 -13.34 -8.92 9.31
C SER B 111 -12.53 -9.65 8.22
N LEU B 112 -12.86 -9.36 6.96
CA LEU B 112 -12.23 -10.00 5.78
C LEU B 112 -11.07 -9.19 5.22
N TYR B 113 -11.10 -7.88 5.45
CA TYR B 113 -10.11 -6.97 4.89
C TYR B 113 -8.80 -7.00 5.69
N PRO B 114 -7.70 -6.51 5.10
CA PRO B 114 -6.44 -6.43 5.83
C PRO B 114 -6.53 -5.58 7.10
N ALA B 115 -5.92 -6.09 8.17
CA ALA B 115 -6.00 -5.47 9.48
C ALA B 115 -5.56 -4.00 9.52
N ASN B 116 -4.66 -3.60 8.64
CA ASN B 116 -4.19 -2.22 8.62
C ASN B 116 -5.13 -1.20 7.93
N SER B 117 -6.32 -1.66 7.52
CA SER B 117 -7.19 -0.90 6.63
C SER B 117 -7.80 0.34 7.27
N VAL B 118 -8.42 0.16 8.42
CA VAL B 118 -9.13 1.27 9.09
C VAL B 118 -8.14 2.36 9.52
N PRO B 119 -6.97 1.96 10.08
CA PRO B 119 -5.97 2.97 10.36
C PRO B 119 -5.60 3.77 9.13
N LEU B 120 -5.42 3.11 7.99
CA LEU B 120 -5.09 3.82 6.74
C LEU B 120 -6.12 4.93 6.46
N VAL B 121 -7.39 4.64 6.73
CA VAL B 121 -8.48 5.57 6.49
C VAL B 121 -8.53 6.65 7.57
N VAL B 122 -8.25 6.27 8.82
CA VAL B 122 -8.19 7.23 9.92
C VAL B 122 -7.10 8.25 9.59
N LYS B 123 -5.99 7.77 9.06
CA LYS B 123 -4.88 8.62 8.62
C LYS B 123 -5.26 9.52 7.44
N ARG B 124 -5.99 8.96 6.46
CA ARG B 124 -6.49 9.73 5.33
C ARG B 124 -7.35 10.88 5.80
N ILE B 125 -8.26 10.60 6.71
CA ILE B 125 -9.16 11.63 7.20
C ILE B 125 -8.33 12.74 7.81
N ASN B 126 -7.41 12.39 8.71
CA ASN B 126 -6.55 13.38 9.38
C ASN B 126 -5.69 14.17 8.40
N ASN B 127 -5.17 13.51 7.37
CA ASN B 127 -4.42 14.20 6.32
C ASN B 127 -5.28 15.28 5.66
N THR B 128 -6.54 14.92 5.36
CA THR B 128 -7.49 15.85 4.78
C THR B 128 -7.82 16.98 5.74
N LEU B 129 -8.05 16.63 7.00
CA LEU B 129 -8.37 17.62 8.02
C LEU B 129 -7.17 18.53 8.26
N THR B 130 -5.97 17.98 8.14
CA THR B 130 -4.76 18.78 8.23
C THR B 130 -4.73 19.79 7.06
N ARG B 131 -5.14 19.36 5.89
CA ARG B 131 -5.15 20.22 4.70
C ARG B 131 -6.22 21.33 4.74
N ALA B 132 -7.41 21.04 5.26
CA ALA B 132 -8.44 22.08 5.44
C ALA B 132 -7.94 23.18 6.39
N ASP B 133 -7.14 22.77 7.38
CA ASP B 133 -6.60 23.70 8.37
C ASP B 133 -5.48 24.55 7.77
N GLN B 134 -4.59 23.91 7.03
CA GLN B 134 -3.51 24.61 6.33
C GLN B 134 -4.06 25.68 5.40
N ILE B 135 -5.13 25.34 4.67
CA ILE B 135 -5.80 26.28 3.77
C ILE B 135 -6.34 27.46 4.56
N GLN B 136 -7.23 27.18 5.51
CA GLN B 136 -7.83 28.21 6.35
C GLN B 136 -6.77 29.14 6.93
N TRP B 137 -5.74 28.55 7.54
CA TRP B 137 -4.67 29.32 8.17
C TRP B 137 -3.93 30.16 7.12
N SER B 138 -3.51 29.51 6.03
CA SER B 138 -2.78 30.20 4.94
C SER B 138 -3.52 31.40 4.33
N GLU B 139 -4.84 31.41 4.46
CA GLU B 139 -5.67 32.55 4.03
C GLU B 139 -5.74 33.67 5.08
N GLY B 140 -5.10 33.48 6.24
CA GLY B 140 -4.99 34.53 7.24
C GLY B 140 -5.99 34.47 8.39
N LYS B 141 -7.00 33.62 8.28
CA LYS B 141 -8.03 33.51 9.33
C LYS B 141 -7.41 32.96 10.63
N ASN B 142 -7.78 33.56 11.77
CA ASN B 142 -7.30 33.10 13.09
C ASN B 142 -8.43 32.51 13.95
N PRO B 143 -8.07 31.74 14.99
CA PRO B 143 -9.08 31.30 15.95
C PRO B 143 -9.68 32.49 16.70
N GLY B 144 -10.99 32.45 16.92
CA GLY B 144 -11.72 33.58 17.46
C GLY B 144 -12.44 34.36 16.37
N ASP B 145 -11.86 34.40 15.18
CA ASP B 145 -12.47 35.10 14.06
C ASP B 145 -13.80 34.45 13.68
N GLU B 146 -14.74 35.25 13.21
CA GLU B 146 -16.02 34.75 12.72
C GLU B 146 -15.74 33.78 11.60
N GLY B 147 -16.46 32.67 11.58
CA GLY B 147 -16.35 31.67 10.49
C GLY B 147 -15.26 30.62 10.68
N TYR B 148 -14.30 30.87 11.56
CA TYR B 148 -13.19 29.94 11.78
C TYR B 148 -13.70 28.57 12.18
N VAL B 149 -13.29 27.56 11.42
CA VAL B 149 -13.68 26.18 11.67
C VAL B 149 -12.52 25.42 12.30
N ASP B 150 -12.84 24.66 13.35
CA ASP B 150 -11.89 23.74 13.97
C ASP B 150 -11.95 22.40 13.22
N PHE B 151 -11.03 22.22 12.28
CA PHE B 151 -11.05 21.06 11.41
C PHE B 151 -10.57 19.76 12.05
N PHE B 152 -9.93 19.84 13.21
CA PHE B 152 -9.45 18.63 13.91
C PHE B 152 -10.50 18.05 14.85
N ALA B 153 -11.59 17.55 14.26
CA ALA B 153 -12.61 16.84 15.00
C ALA B 153 -12.15 15.39 15.24
N PRO B 154 -12.33 14.91 16.48
CA PRO B 154 -11.86 13.56 16.79
C PRO B 154 -12.60 12.45 16.04
N ILE B 155 -11.91 11.34 15.83
CA ILE B 155 -12.41 10.23 15.06
C ILE B 155 -12.51 9.02 15.98
N VAL B 156 -13.69 8.40 16.04
CA VAL B 156 -13.84 7.13 16.75
C VAL B 156 -13.79 6.00 15.71
N ALA B 157 -12.93 5.01 15.92
CA ALA B 157 -12.59 3.99 14.90
C ALA B 157 -13.10 2.59 15.23
N ASP B 158 -13.55 1.86 14.20
CA ASP B 158 -13.99 0.47 14.35
C ASP B 158 -12.77 -0.46 14.27
N ALA B 159 -12.46 -1.12 15.38
CA ALA B 159 -11.38 -2.13 15.44
C ALA B 159 -11.91 -3.57 15.40
N GLU B 160 -13.19 -3.72 15.06
CA GLU B 160 -13.85 -5.02 14.93
C GLU B 160 -13.70 -5.84 16.20
N ALA B 161 -13.24 -7.09 16.07
CA ALA B 161 -12.87 -7.89 17.23
C ALA B 161 -11.36 -8.00 17.36
N GLY B 162 -10.61 -7.09 16.71
CA GLY B 162 -9.16 -7.04 16.84
C GLY B 162 -8.38 -7.92 15.89
N PHE B 163 -9.08 -8.62 14.99
CA PHE B 163 -8.45 -9.51 14.01
C PHE B 163 -7.54 -10.56 14.63
N GLY B 164 -8.06 -11.28 15.62
CA GLY B 164 -7.34 -12.40 16.24
C GLY B 164 -7.28 -12.34 17.75
N GLY B 165 -6.07 -12.56 18.30
CA GLY B 165 -5.85 -12.60 19.73
C GLY B 165 -5.55 -11.24 20.33
N VAL B 166 -5.04 -11.24 21.55
CA VAL B 166 -4.73 -10.00 22.26
C VAL B 166 -3.57 -9.23 21.63
N LEU B 167 -2.62 -9.91 21.00
CA LEU B 167 -1.57 -9.19 20.29
C LEU B 167 -2.12 -8.45 19.07
N ASN B 168 -3.06 -9.08 18.37
CA ASN B 168 -3.67 -8.47 17.19
C ASN B 168 -4.40 -7.19 17.55
N ALA B 169 -5.02 -7.18 18.72
CA ALA B 169 -5.77 -6.03 19.23
C ALA B 169 -4.83 -4.93 19.70
N PHE B 170 -3.85 -5.32 20.52
CA PHE B 170 -2.70 -4.48 20.92
C PHE B 170 -2.19 -3.67 19.74
N GLU B 171 -1.81 -4.39 18.69
CA GLU B 171 -1.23 -3.79 17.48
C GLU B 171 -2.17 -2.88 16.69
N LEU B 172 -3.43 -3.30 16.55
CA LEU B 172 -4.44 -2.50 15.87
C LEU B 172 -4.69 -1.20 16.61
N MET B 173 -4.73 -1.27 17.93
CA MET B 173 -4.86 -0.07 18.76
C MET B 173 -3.70 0.89 18.51
N LYS B 174 -2.50 0.34 18.42
CA LYS B 174 -1.32 1.16 18.14
C LYS B 174 -1.39 1.80 16.76
N ALA B 175 -1.91 1.05 15.79
CA ALA B 175 -2.12 1.60 14.45
C ALA B 175 -3.20 2.69 14.50
N MET B 176 -4.23 2.49 15.32
CA MET B 176 -5.32 3.46 15.42
C MET B 176 -4.78 4.79 15.96
N ILE B 177 -3.93 4.69 16.99
CA ILE B 177 -3.32 5.86 17.65
C ILE B 177 -2.27 6.55 16.76
N GLU B 178 -1.45 5.74 16.08
CA GLU B 178 -0.45 6.29 15.16
C GLU B 178 -1.08 7.04 13.99
N ALA B 179 -2.23 6.54 13.50
CA ALA B 179 -2.94 7.18 12.43
C ALA B 179 -3.71 8.43 12.90
N GLY B 180 -3.75 8.65 14.21
CA GLY B 180 -4.37 9.83 14.76
C GLY B 180 -5.83 9.65 15.15
N ALA B 181 -6.18 8.47 15.64
CA ALA B 181 -7.53 8.20 16.11
C ALA B 181 -7.64 8.70 17.54
N SER B 182 -8.85 9.10 17.93
CA SER B 182 -9.13 9.63 19.27
C SER B 182 -9.98 8.66 20.09
N GLY B 183 -10.75 7.82 19.40
CA GLY B 183 -11.49 6.75 20.04
C GLY B 183 -11.38 5.49 19.22
N VAL B 184 -11.52 4.35 19.87
CA VAL B 184 -11.47 3.05 19.20
C VAL B 184 -12.43 2.13 19.93
N HIS B 185 -13.18 1.32 19.16
CA HIS B 185 -14.06 0.33 19.78
C HIS B 185 -13.74 -1.11 19.39
N PHE B 186 -13.99 -2.02 20.34
CA PHE B 186 -13.80 -3.45 20.18
C PHE B 186 -15.08 -4.18 20.60
N GLU B 187 -15.54 -5.09 19.75
CA GLU B 187 -16.77 -5.85 19.99
C GLU B 187 -16.44 -7.28 20.45
N ASP B 188 -17.38 -7.90 21.17
CA ASP B 188 -17.13 -9.19 21.80
C ASP B 188 -17.61 -10.42 20.99
N GLN B 189 -17.78 -10.25 19.68
CA GLN B 189 -18.08 -11.39 18.81
C GLN B 189 -16.83 -11.87 18.09
N LEU B 190 -16.98 -12.96 17.36
CA LEU B 190 -15.94 -13.49 16.50
C LEU B 190 -16.54 -13.63 15.10
N ALA B 191 -16.85 -12.48 14.50
CA ALA B 191 -17.54 -12.42 13.21
C ALA B 191 -16.97 -13.44 12.22
N SER B 192 -15.65 -13.60 12.24
CA SER B 192 -14.93 -14.56 11.40
C SER B 192 -15.51 -15.98 11.40
N VAL B 193 -16.21 -16.36 12.47
CA VAL B 193 -16.93 -17.64 12.47
C VAL B 193 -18.43 -17.40 12.72
N LYS B 194 -19.08 -16.78 11.75
CA LYS B 194 -20.51 -16.50 11.83
C LYS B 194 -21.27 -17.71 11.29
N LYS B 195 -22.09 -18.33 12.13
CA LYS B 195 -22.84 -19.51 11.70
C LYS B 195 -23.96 -19.11 10.74
N CYS B 196 -24.11 -19.92 9.70
CA CYS B 196 -25.15 -19.74 8.68
C CYS B 196 -26.30 -20.72 8.90
N GLY B 197 -27.36 -20.53 8.13
CA GLY B 197 -28.58 -21.33 8.25
C GLY B 197 -29.50 -20.74 9.30
N HIS B 198 -30.68 -21.36 9.45
CA HIS B 198 -31.67 -20.90 10.43
C HIS B 198 -31.07 -20.93 11.85
N MET B 199 -30.48 -22.06 12.22
CA MET B 199 -29.88 -22.25 13.55
C MET B 199 -28.48 -21.66 13.59
N GLY B 200 -28.39 -20.33 13.57
CA GLY B 200 -27.10 -19.63 13.47
C GLY B 200 -27.14 -18.18 13.92
N GLY B 201 -26.25 -17.37 13.34
CA GLY B 201 -26.10 -15.96 13.72
C GLY B 201 -24.69 -15.66 14.23
N LYS B 202 -24.56 -14.55 14.96
CA LYS B 202 -23.29 -14.14 15.57
C LYS B 202 -22.91 -15.07 16.72
N VAL B 203 -21.61 -15.29 16.87
CA VAL B 203 -21.07 -16.10 17.94
C VAL B 203 -20.29 -15.18 18.86
N LEU B 204 -20.56 -15.29 20.17
CA LEU B 204 -19.85 -14.51 21.16
C LEU B 204 -18.62 -15.26 21.60
N VAL B 205 -17.69 -14.51 22.21
CA VAL B 205 -16.55 -15.08 22.91
C VAL B 205 -16.78 -14.90 24.41
N PRO B 206 -16.07 -15.68 25.24
CA PRO B 206 -16.21 -15.54 26.69
C PRO B 206 -15.87 -14.14 27.21
N THR B 207 -16.62 -13.67 28.19
CA THR B 207 -16.34 -12.41 28.89
C THR B 207 -14.86 -12.28 29.22
N ARG B 208 -14.24 -13.41 29.53
CA ARG B 208 -12.81 -13.51 29.79
C ARG B 208 -11.97 -12.96 28.62
N GLU B 209 -12.29 -13.40 27.39
CA GLU B 209 -11.51 -12.99 26.20
C GLU B 209 -11.78 -11.57 25.77
N ALA B 210 -13.00 -11.11 25.95
CA ALA B 210 -13.37 -9.71 25.66
C ALA B 210 -12.55 -8.76 26.53
N VAL B 211 -12.52 -9.04 27.83
CA VAL B 211 -11.79 -8.23 28.80
C VAL B 211 -10.29 -8.27 28.51
N ALA B 212 -9.81 -9.43 28.06
CA ALA B 212 -8.41 -9.58 27.63
C ALA B 212 -8.06 -8.65 26.45
N LYS B 213 -8.97 -8.50 25.50
CA LYS B 213 -8.78 -7.53 24.40
C LYS B 213 -8.82 -6.10 24.91
N LEU B 214 -9.81 -5.78 25.75
CA LEU B 214 -9.92 -4.42 26.31
C LEU B 214 -8.65 -4.00 27.06
N THR B 215 -8.10 -4.91 27.88
CA THR B 215 -6.86 -4.64 28.61
C THR B 215 -5.69 -4.43 27.64
N ALA B 216 -5.63 -5.29 26.61
CA ALA B 216 -4.68 -5.15 25.51
C ALA B 216 -4.77 -3.76 24.88
N ALA B 217 -6.00 -3.32 24.61
CA ALA B 217 -6.20 -1.99 24.03
C ALA B 217 -5.70 -0.89 24.95
N ARG B 218 -6.06 -0.96 26.22
CA ARG B 218 -5.58 0.04 27.20
C ARG B 218 -4.04 0.05 27.30
N LEU B 219 -3.45 -1.14 27.39
CA LEU B 219 -1.99 -1.28 27.50
C LEU B 219 -1.28 -0.54 26.36
N ALA B 220 -1.76 -0.80 25.14
CA ALA B 220 -1.28 -0.11 23.95
C ALA B 220 -1.42 1.41 24.08
N ALA B 221 -2.64 1.87 24.38
CA ALA B 221 -2.88 3.30 24.55
C ALA B 221 -1.89 3.94 25.54
N ASP B 222 -1.62 3.25 26.65
CA ASP B 222 -0.64 3.70 27.64
C ASP B 222 0.78 3.62 27.11
N VAL B 223 1.10 2.56 26.39
CA VAL B 223 2.42 2.39 25.77
C VAL B 223 2.70 3.46 24.69
N MET B 224 1.65 3.88 23.98
CA MET B 224 1.79 4.98 23.02
C MET B 224 1.84 6.35 23.73
N GLY B 225 1.32 6.43 24.95
CA GLY B 225 1.29 7.67 25.70
C GLY B 225 0.17 8.61 25.33
N THR B 226 -0.98 8.05 24.97
CA THR B 226 -2.16 8.82 24.60
C THR B 226 -3.37 8.38 25.44
N PRO B 227 -4.17 9.34 25.92
CA PRO B 227 -5.35 9.02 26.70
C PRO B 227 -6.56 8.66 25.82
N THR B 228 -6.37 7.68 24.94
CA THR B 228 -7.38 7.33 23.94
C THR B 228 -8.67 6.82 24.61
N VAL B 229 -9.80 7.23 24.05
CA VAL B 229 -11.12 6.85 24.55
C VAL B 229 -11.47 5.45 24.07
N LEU B 230 -11.61 4.52 25.00
CA LEU B 230 -11.85 3.12 24.68
C LEU B 230 -13.32 2.78 24.87
N VAL B 231 -13.93 2.26 23.81
CA VAL B 231 -15.36 1.92 23.79
C VAL B 231 -15.53 0.41 23.65
N ALA B 232 -16.14 -0.22 24.65
CA ALA B 232 -16.38 -1.67 24.63
C ALA B 232 -17.79 -1.95 24.09
N ARG B 233 -17.87 -2.76 23.03
CA ARG B 233 -19.16 -3.11 22.43
C ARG B 233 -19.57 -4.55 22.73
N THR B 234 -20.84 -4.74 23.09
CA THR B 234 -21.39 -6.07 23.26
C THR B 234 -22.40 -6.39 22.16
N ASP B 235 -22.36 -7.64 21.69
CA ASP B 235 -23.33 -8.14 20.72
C ASP B 235 -24.24 -9.16 21.41
N ALA B 236 -24.29 -9.08 22.73
CA ALA B 236 -25.04 -10.07 23.53
C ALA B 236 -26.57 -9.95 23.40
N GLU B 237 -27.08 -8.85 22.84
CA GLU B 237 -28.53 -8.68 22.68
C GLU B 237 -29.13 -9.65 21.66
N ALA B 238 -28.45 -9.83 20.53
CA ALA B 238 -28.90 -10.77 19.50
C ALA B 238 -28.17 -12.10 19.59
N ALA B 239 -26.85 -12.05 19.79
CA ALA B 239 -26.00 -13.26 19.76
C ALA B 239 -26.50 -14.37 20.68
N ASP B 240 -26.82 -15.51 20.08
CA ASP B 240 -27.29 -16.67 20.82
C ASP B 240 -26.34 -17.85 20.62
N LEU B 241 -25.06 -17.56 20.41
CA LEU B 241 -24.02 -18.58 20.40
C LEU B 241 -22.82 -18.07 21.20
N ILE B 242 -22.02 -19.00 21.71
CA ILE B 242 -20.81 -18.65 22.43
C ILE B 242 -19.79 -19.74 22.13
N THR B 243 -18.53 -19.36 21.93
CA THR B 243 -17.51 -20.31 21.50
C THR B 243 -17.15 -21.35 22.57
N SER B 244 -17.19 -20.95 23.84
CA SER B 244 -16.73 -21.77 24.96
C SER B 244 -17.49 -21.44 26.25
N ASP B 245 -17.57 -22.42 27.15
CA ASP B 245 -18.39 -22.33 28.36
C ASP B 245 -17.60 -22.08 29.65
N ILE B 246 -16.30 -21.79 29.57
CA ILE B 246 -15.47 -21.72 30.80
C ILE B 246 -15.84 -20.59 31.75
N ASP B 247 -16.08 -19.40 31.23
CA ASP B 247 -16.31 -18.24 32.09
C ASP B 247 -17.63 -18.33 32.85
N ASP B 248 -17.56 -18.20 34.17
CA ASP B 248 -18.75 -18.25 35.05
C ASP B 248 -19.73 -17.08 34.82
N ASN B 249 -19.24 -15.96 34.28
CA ASN B 249 -20.11 -14.84 33.90
C ASN B 249 -21.08 -15.20 32.77
N ASP B 250 -20.75 -16.21 31.97
CA ASP B 250 -21.57 -16.62 30.82
C ASP B 250 -22.46 -17.85 31.09
N LYS B 251 -22.03 -18.72 32.01
CA LYS B 251 -22.77 -19.94 32.33
C LYS B 251 -24.27 -19.77 32.58
N PRO B 252 -24.68 -18.67 33.25
CA PRO B 252 -26.11 -18.45 33.46
C PRO B 252 -26.98 -18.38 32.20
N TYR B 253 -26.38 -18.14 31.04
CA TYR B 253 -27.13 -17.92 29.79
C TYR B 253 -27.06 -19.10 28.83
N LEU B 254 -26.30 -20.13 29.17
CA LEU B 254 -26.19 -21.31 28.31
C LEU B 254 -27.44 -22.17 28.40
N THR B 255 -27.89 -22.68 27.26
CA THR B 255 -29.04 -23.58 27.25
C THR B 255 -28.61 -25.03 27.48
N GLY B 256 -27.33 -25.34 27.32
CA GLY B 256 -26.86 -26.71 27.43
C GLY B 256 -26.67 -27.41 26.08
N GLU B 257 -27.28 -26.88 25.02
CA GLU B 257 -27.08 -27.38 23.66
C GLU B 257 -25.72 -27.02 23.08
N ARG B 258 -25.33 -27.74 22.03
CA ARG B 258 -24.12 -27.47 21.26
C ARG B 258 -24.34 -27.69 19.77
N THR B 259 -23.81 -26.77 18.98
CA THR B 259 -23.92 -26.84 17.53
C THR B 259 -22.89 -27.82 17.01
N VAL B 260 -23.02 -28.20 15.75
CA VAL B 260 -22.05 -29.10 15.11
C VAL B 260 -20.60 -28.64 15.31
N GLU B 261 -20.40 -27.33 15.33
CA GLU B 261 -19.06 -26.74 15.45
C GLU B 261 -18.46 -26.90 16.85
N GLY B 262 -19.31 -27.00 17.85
CA GLY B 262 -18.86 -27.01 19.23
C GLY B 262 -19.26 -25.78 20.02
N PHE B 263 -19.88 -24.81 19.34
CA PHE B 263 -20.36 -23.62 20.02
C PHE B 263 -21.44 -24.05 21.00
N PHE B 264 -21.72 -23.20 21.98
CA PHE B 264 -22.78 -23.45 22.95
C PHE B 264 -23.88 -22.42 22.70
N ARG B 265 -25.13 -22.89 22.58
CA ARG B 265 -26.26 -21.99 22.35
C ARG B 265 -26.53 -21.22 23.63
N THR B 266 -27.04 -20.00 23.51
CA THR B 266 -27.32 -19.17 24.67
C THR B 266 -28.63 -18.38 24.52
N LYS B 267 -29.04 -17.76 25.63
CA LYS B 267 -30.30 -17.01 25.69
C LYS B 267 -30.05 -15.53 25.47
N PRO B 268 -30.41 -15.00 24.29
CA PRO B 268 -30.07 -13.63 23.92
C PRO B 268 -30.96 -12.60 24.59
N GLY B 269 -30.53 -11.34 24.61
CA GLY B 269 -31.37 -10.25 25.12
C GLY B 269 -30.73 -9.40 26.21
N LEU B 270 -31.58 -8.57 26.83
CA LEU B 270 -31.14 -7.53 27.76
C LEU B 270 -30.34 -8.07 28.96
N GLU B 271 -30.63 -9.30 29.37
CA GLU B 271 -29.93 -9.87 30.52
C GLU B 271 -28.51 -10.30 30.17
N GLN B 272 -28.35 -10.89 28.98
CA GLN B 272 -27.03 -11.28 28.50
C GLN B 272 -26.18 -10.05 28.22
N ALA B 273 -26.79 -9.03 27.63
CA ALA B 273 -26.10 -7.77 27.33
C ALA B 273 -25.62 -7.05 28.57
N ILE B 274 -26.42 -7.09 29.63
CA ILE B 274 -26.10 -6.44 30.90
C ILE B 274 -24.93 -7.12 31.60
N SER B 275 -24.91 -8.45 31.58
CA SER B 275 -23.81 -9.21 32.17
C SER B 275 -22.47 -8.88 31.52
N ARG B 276 -22.52 -8.56 30.23
CA ARG B 276 -21.33 -8.11 29.49
C ARG B 276 -21.02 -6.64 29.74
N GLY B 277 -22.03 -5.78 29.64
CA GLY B 277 -21.87 -4.36 29.95
C GLY B 277 -21.23 -4.18 31.31
N LEU B 278 -21.79 -4.85 32.31
CA LEU B 278 -21.28 -4.80 33.68
C LEU B 278 -19.86 -5.33 33.80
N ALA B 279 -19.55 -6.39 33.02
CA ALA B 279 -18.23 -7.00 33.06
C ALA B 279 -17.19 -6.10 32.40
N TYR B 280 -17.58 -5.37 31.35
CA TYR B 280 -16.64 -4.50 30.63
C TYR B 280 -16.48 -3.12 31.26
N ALA B 281 -17.53 -2.63 31.92
CA ALA B 281 -17.55 -1.26 32.46
C ALA B 281 -16.30 -0.83 33.21
N PRO B 282 -15.75 -1.71 34.07
CA PRO B 282 -14.53 -1.34 34.81
C PRO B 282 -13.33 -1.03 33.91
N TYR B 283 -13.30 -1.65 32.73
CA TYR B 283 -12.15 -1.56 31.83
C TYR B 283 -12.26 -0.50 30.73
N ALA B 284 -13.49 -0.08 30.42
CA ALA B 284 -13.74 0.79 29.26
C ALA B 284 -14.33 2.16 29.63
N ASP B 285 -14.09 3.13 28.78
CA ASP B 285 -14.56 4.50 29.00
C ASP B 285 -16.00 4.68 28.60
N LEU B 286 -16.41 3.98 27.55
CA LEU B 286 -17.80 3.90 27.17
C LEU B 286 -18.19 2.43 26.97
N ILE B 287 -19.47 2.15 27.23
CA ILE B 287 -20.07 0.87 26.98
C ILE B 287 -21.10 1.04 25.86
N TRP B 288 -21.14 0.05 24.97
CA TRP B 288 -22.03 0.09 23.81
C TRP B 288 -22.71 -1.27 23.63
N CYS B 289 -24.03 -1.30 23.78
CA CYS B 289 -24.82 -2.47 23.43
C CYS B 289 -25.33 -2.27 22.03
N GLU B 290 -24.90 -3.11 21.10
CA GLU B 290 -25.31 -2.96 19.71
C GLU B 290 -26.74 -3.46 19.55
N THR B 291 -27.54 -2.72 18.78
CA THR B 291 -28.95 -3.07 18.55
C THR B 291 -29.25 -3.11 17.06
N GLY B 292 -30.31 -3.81 16.71
CA GLY B 292 -30.84 -3.81 15.35
C GLY B 292 -32.04 -2.89 15.28
N LYS B 293 -32.97 -3.08 16.22
CA LYS B 293 -34.15 -2.22 16.32
C LYS B 293 -33.89 -1.13 17.37
N PRO B 294 -33.96 0.15 16.96
CA PRO B 294 -33.99 1.27 17.90
C PRO B 294 -35.21 1.21 18.81
N ASP B 295 -34.99 1.45 20.09
CA ASP B 295 -36.04 1.30 21.10
C ASP B 295 -35.65 2.09 22.35
N LEU B 296 -36.37 3.17 22.62
CA LEU B 296 -36.12 4.00 23.80
C LEU B 296 -36.36 3.23 25.11
N GLU B 297 -37.39 2.38 25.11
CA GLU B 297 -37.64 1.52 26.26
C GLU B 297 -36.43 0.67 26.58
N TYR B 298 -35.95 -0.11 25.59
CA TYR B 298 -34.77 -0.95 25.79
C TYR B 298 -33.56 -0.14 26.27
N ALA B 299 -33.33 0.99 25.61
CA ALA B 299 -32.21 1.86 25.94
C ALA B 299 -32.19 2.22 27.43
N LYS B 300 -33.35 2.62 27.95
CA LYS B 300 -33.47 3.10 29.33
C LYS B 300 -33.18 1.98 30.33
N LYS B 301 -33.76 0.80 30.10
CA LYS B 301 -33.51 -0.38 30.93
C LYS B 301 -32.03 -0.73 31.02
N PHE B 302 -31.36 -0.72 29.87
CA PHE B 302 -29.92 -1.01 29.79
C PHE B 302 -29.11 0.10 30.49
N ALA B 303 -29.47 1.36 30.22
CA ALA B 303 -28.84 2.49 30.88
C ALA B 303 -28.92 2.36 32.40
N GLU B 304 -30.13 2.17 32.89
CA GLU B 304 -30.36 1.98 34.32
C GLU B 304 -29.70 0.72 34.87
N ALA B 305 -29.70 -0.35 34.08
CA ALA B 305 -29.04 -1.59 34.47
C ALA B 305 -27.56 -1.35 34.74
N ILE B 306 -26.91 -0.61 33.84
CA ILE B 306 -25.49 -0.31 34.00
C ILE B 306 -25.29 0.68 35.15
N HIS B 307 -26.13 1.71 35.23
CA HIS B 307 -25.93 2.81 36.17
C HIS B 307 -26.09 2.47 37.67
N LYS B 308 -26.90 1.45 37.99
CA LYS B 308 -26.99 0.95 39.37
C LYS B 308 -25.61 0.55 39.87
N GLN B 309 -24.89 -0.23 39.06
CA GLN B 309 -23.54 -0.68 39.40
C GLN B 309 -22.46 0.40 39.14
N PHE B 310 -22.61 1.16 38.05
CA PHE B 310 -21.62 2.18 37.65
C PHE B 310 -22.27 3.54 37.39
N PRO B 311 -22.59 4.29 38.45
CA PRO B 311 -23.28 5.59 38.28
C PRO B 311 -22.59 6.58 37.35
N GLY B 312 -23.35 7.14 36.42
CA GLY B 312 -22.83 8.14 35.46
C GLY B 312 -21.95 7.61 34.34
N LYS B 313 -21.87 6.29 34.18
CA LYS B 313 -21.04 5.70 33.14
C LYS B 313 -21.46 6.21 31.77
N LEU B 314 -20.49 6.66 30.98
CA LEU B 314 -20.76 7.11 29.62
C LEU B 314 -21.13 5.93 28.74
N LEU B 315 -22.21 6.07 27.99
CA LEU B 315 -22.69 5.04 27.09
C LEU B 315 -22.74 5.57 25.66
N SER B 316 -22.70 4.68 24.67
CA SER B 316 -22.91 5.10 23.29
C SER B 316 -23.91 4.20 22.59
N TYR B 317 -24.46 4.70 21.49
CA TYR B 317 -25.64 4.11 20.86
C TYR B 317 -25.57 4.24 19.33
N ASN B 318 -25.84 3.14 18.62
CA ASN B 318 -25.89 3.15 17.15
C ASN B 318 -27.33 3.24 16.66
N CYS B 319 -27.59 4.16 15.73
CA CYS B 319 -28.93 4.34 15.18
C CYS B 319 -28.96 3.72 13.80
N SER B 320 -29.64 2.58 13.69
CA SER B 320 -29.56 1.73 12.50
C SER B 320 -29.98 2.44 11.21
N PRO B 321 -29.13 2.38 10.17
CA PRO B 321 -29.48 2.96 8.87
C PRO B 321 -30.40 2.08 8.02
N SER B 322 -30.66 0.85 8.48
CA SER B 322 -31.47 -0.13 7.74
C SER B 322 -32.91 -0.23 8.25
N PHE B 323 -33.10 0.09 9.53
CA PHE B 323 -34.43 0.11 10.14
C PHE B 323 -35.31 1.14 9.44
N ASN B 324 -36.56 0.78 9.17
CA ASN B 324 -37.49 1.69 8.51
C ASN B 324 -38.12 2.64 9.53
N TRP B 325 -37.51 3.82 9.68
CA TRP B 325 -37.90 4.73 10.76
C TRP B 325 -39.31 5.31 10.61
N LYS B 326 -39.66 5.72 9.41
CA LYS B 326 -40.96 6.34 9.15
C LYS B 326 -42.11 5.35 9.30
N LYS B 327 -41.89 4.08 8.95
CA LYS B 327 -42.91 3.04 9.06
C LYS B 327 -43.22 2.64 10.52
N ASN B 328 -42.27 2.82 11.42
CA ASN B 328 -42.39 2.31 12.79
C ASN B 328 -42.36 3.33 13.92
N LEU B 329 -41.99 4.58 13.62
CA LEU B 329 -41.99 5.66 14.61
C LEU B 329 -42.54 6.93 13.93
N ASP B 330 -43.37 7.68 14.65
CA ASP B 330 -43.87 8.95 14.11
C ASP B 330 -42.81 10.04 14.17
N ASP B 331 -43.03 11.12 13.44
CA ASP B 331 -42.01 12.16 13.25
C ASP B 331 -41.53 12.81 14.54
N ALA B 332 -42.43 12.99 15.50
CA ALA B 332 -42.07 13.61 16.77
C ALA B 332 -41.14 12.70 17.60
N THR B 333 -41.34 11.39 17.50
CA THR B 333 -40.46 10.41 18.17
C THR B 333 -39.09 10.39 17.50
N ILE B 334 -39.08 10.33 16.17
CA ILE B 334 -37.87 10.43 15.35
C ILE B 334 -37.11 11.72 15.67
N ALA B 335 -37.84 12.82 15.77
CA ALA B 335 -37.24 14.13 15.99
C ALA B 335 -36.54 14.25 17.34
N LYS B 336 -37.07 13.60 18.37
CA LYS B 336 -36.50 13.70 19.71
C LYS B 336 -35.58 12.55 20.08
N PHE B 337 -35.49 11.53 19.23
CA PHE B 337 -34.81 10.27 19.55
C PHE B 337 -33.40 10.42 20.14
N GLN B 338 -32.53 11.20 19.49
CA GLN B 338 -31.15 11.37 19.97
C GLN B 338 -31.05 12.24 21.22
N LYS B 339 -31.96 13.21 21.38
CA LYS B 339 -32.02 14.03 22.60
C LYS B 339 -32.43 13.19 23.81
N GLU B 340 -33.38 12.30 23.57
CA GLU B 340 -33.92 11.42 24.59
C GLU B 340 -32.83 10.46 25.10
N LEU B 341 -32.11 9.81 24.18
CA LEU B 341 -30.99 8.93 24.52
C LEU B 341 -29.84 9.65 25.24
N GLY B 342 -29.67 10.94 24.96
CA GLY B 342 -28.65 11.73 25.63
C GLY B 342 -28.88 11.82 27.13
N ALA B 343 -30.10 12.19 27.51
CA ALA B 343 -30.52 12.29 28.91
C ALA B 343 -30.36 10.97 29.67
N MET B 344 -30.52 9.85 28.96
CA MET B 344 -30.26 8.53 29.53
C MET B 344 -28.76 8.26 29.75
N GLY B 345 -27.90 9.02 29.08
CA GLY B 345 -26.45 8.88 29.24
C GLY B 345 -25.74 8.31 28.01
N TYR B 346 -26.42 8.28 26.86
CA TYR B 346 -25.76 7.92 25.62
C TYR B 346 -25.15 9.18 25.03
N LYS B 347 -23.88 9.41 25.39
CA LYS B 347 -23.20 10.66 25.11
C LYS B 347 -22.48 10.67 23.77
N PHE B 348 -22.18 9.49 23.23
CA PHE B 348 -21.69 9.38 21.86
C PHE B 348 -22.67 8.55 21.04
N GLN B 349 -23.22 9.17 19.99
CA GLN B 349 -24.18 8.52 19.12
C GLN B 349 -23.76 8.65 17.67
N PHE B 350 -24.13 7.66 16.85
CA PHE B 350 -23.74 7.68 15.45
C PHE B 350 -24.66 6.87 14.56
N ILE B 351 -24.55 7.13 13.25
CA ILE B 351 -25.13 6.30 12.22
C ILE B 351 -23.99 5.63 11.48
N THR B 352 -23.80 4.35 11.73
CA THR B 352 -22.66 3.57 11.18
C THR B 352 -22.43 3.77 9.69
N LEU B 353 -23.49 3.63 8.90
CA LEU B 353 -23.34 3.60 7.44
C LEU B 353 -23.87 4.85 6.72
N ALA B 354 -23.81 6.01 7.35
CA ALA B 354 -24.29 7.25 6.73
C ALA B 354 -23.60 7.60 5.41
N GLY B 355 -22.30 7.31 5.32
CA GLY B 355 -21.52 7.60 4.12
C GLY B 355 -21.81 6.67 2.96
N PHE B 356 -22.03 5.40 3.28
CA PHE B 356 -22.39 4.40 2.27
C PHE B 356 -23.68 4.85 1.58
N HIS B 357 -24.68 5.18 2.38
CA HIS B 357 -25.97 5.60 1.86
C HIS B 357 -25.91 6.97 1.16
N ALA B 358 -25.12 7.90 1.69
CA ALA B 358 -24.92 9.18 1.03
C ALA B 358 -24.32 8.98 -0.36
N LEU B 359 -23.17 8.29 -0.39
CA LEU B 359 -22.39 8.07 -1.60
C LEU B 359 -23.16 7.29 -2.67
N ASN B 360 -23.80 6.20 -2.26
CA ASN B 360 -24.49 5.36 -3.22
C ASN B 360 -25.77 5.97 -3.79
N TYR B 361 -26.55 6.67 -2.97
CA TYR B 361 -27.75 7.31 -3.47
C TYR B 361 -27.40 8.45 -4.41
N SER B 362 -26.55 9.36 -3.94
CA SER B 362 -26.16 10.55 -4.70
C SER B 362 -25.61 10.23 -6.10
N MET B 363 -24.82 9.16 -6.22
CA MET B 363 -24.27 8.79 -7.52
C MET B 363 -25.31 8.11 -8.37
N PHE B 364 -25.98 7.08 -7.83
CA PHE B 364 -27.04 6.42 -8.60
C PHE B 364 -27.99 7.45 -9.20
N ASN B 365 -28.43 8.39 -8.36
CA ASN B 365 -29.41 9.38 -8.74
C ASN B 365 -28.92 10.21 -9.90
N LEU B 366 -27.73 10.78 -9.73
CA LEU B 366 -27.08 11.56 -10.78
C LEU B 366 -27.00 10.73 -12.05
N ALA B 367 -26.44 9.53 -11.94
CA ALA B 367 -26.21 8.65 -13.09
C ALA B 367 -27.51 8.31 -13.82
N HIS B 368 -28.58 8.05 -13.06
CA HIS B 368 -29.87 7.65 -13.65
C HIS B 368 -30.50 8.73 -14.53
N GLY B 369 -30.45 9.99 -14.08
CA GLY B 369 -30.94 11.12 -14.88
C GLY B 369 -30.02 11.45 -16.05
N TYR B 370 -28.72 11.44 -15.76
CA TYR B 370 -27.67 11.69 -16.74
C TYR B 370 -27.73 10.72 -17.92
N ALA B 371 -28.03 9.45 -17.65
CA ALA B 371 -28.20 8.45 -18.70
C ALA B 371 -29.41 8.76 -19.60
N ARG B 372 -30.35 9.55 -19.11
CA ARG B 372 -31.59 9.86 -19.85
C ARG B 372 -31.67 11.31 -20.32
N THR B 373 -31.24 12.26 -19.50
CA THR B 373 -31.33 13.68 -19.87
C THR B 373 -29.97 14.39 -19.88
N GLN B 374 -28.89 13.61 -19.82
CA GLN B 374 -27.53 14.12 -19.97
C GLN B 374 -27.25 15.30 -19.05
N MET B 375 -26.80 16.43 -19.60
CA MET B 375 -26.31 17.56 -18.79
C MET B 375 -27.37 18.23 -17.91
N SER B 376 -28.63 18.07 -18.26
CA SER B 376 -29.73 18.60 -17.45
C SER B 376 -29.77 17.97 -16.06
N ALA B 377 -29.30 16.73 -15.95
CA ALA B 377 -29.29 16.03 -14.66
C ALA B 377 -28.18 16.56 -13.76
N PHE B 378 -27.02 16.88 -14.34
CA PHE B 378 -25.94 17.47 -13.56
C PHE B 378 -26.27 18.90 -13.12
N VAL B 379 -26.95 19.67 -13.97
CA VAL B 379 -27.33 21.04 -13.58
C VAL B 379 -28.25 21.02 -12.34
N GLU B 380 -29.12 20.02 -12.22
CA GLU B 380 -29.90 19.78 -11.00
C GLU B 380 -28.99 19.68 -9.77
N LEU B 381 -27.94 18.89 -9.89
CA LEU B 381 -26.99 18.72 -8.79
C LEU B 381 -26.22 20.01 -8.51
N GLN B 382 -25.78 20.67 -9.58
CA GLN B 382 -25.03 21.92 -9.45
C GLN B 382 -25.85 23.03 -8.80
N GLN B 383 -27.13 23.09 -9.17
CA GLN B 383 -28.04 24.07 -8.58
C GLN B 383 -28.33 23.78 -7.10
N ALA B 384 -28.37 22.52 -6.70
CA ALA B 384 -28.47 22.19 -5.27
C ALA B 384 -27.23 22.70 -4.55
N GLU B 385 -26.06 22.47 -5.14
CA GLU B 385 -24.80 22.93 -4.57
C GLU B 385 -24.76 24.46 -4.37
N PHE B 386 -25.40 25.20 -5.27
CA PHE B 386 -25.48 26.66 -5.14
C PHE B 386 -26.31 27.10 -3.95
N ALA B 387 -27.42 26.40 -3.72
CA ALA B 387 -28.30 26.68 -2.59
C ALA B 387 -27.60 26.41 -1.25
N ALA B 388 -26.64 25.48 -1.26
CA ALA B 388 -25.90 25.09 -0.06
C ALA B 388 -24.87 26.13 0.38
N ALA B 389 -24.50 27.05 -0.51
CA ALA B 389 -23.49 28.05 -0.20
C ALA B 389 -23.91 28.90 1.00
N ASP B 390 -25.19 29.27 1.06
CA ASP B 390 -25.81 29.93 2.23
C ASP B 390 -25.44 29.25 3.54
N LYS B 391 -25.47 27.91 3.52
CA LYS B 391 -25.36 27.09 4.73
C LYS B 391 -23.93 26.63 5.07
N GLY B 392 -22.94 27.12 4.33
CA GLY B 392 -21.53 26.82 4.63
C GLY B 392 -20.81 25.89 3.66
N PHE B 393 -21.48 25.49 2.58
CA PHE B 393 -20.92 24.58 1.59
C PHE B 393 -19.95 25.32 0.65
N THR B 394 -18.66 25.05 0.81
CA THR B 394 -17.62 25.75 0.07
C THR B 394 -17.12 24.98 -1.15
N ALA B 395 -17.50 23.70 -1.29
CA ALA B 395 -16.91 22.79 -2.28
C ALA B 395 -17.26 23.08 -3.76
N VAL B 396 -18.10 24.07 -4.02
CA VAL B 396 -18.33 24.57 -5.38
C VAL B 396 -17.08 25.25 -5.91
N LYS B 397 -16.33 25.93 -5.03
CA LYS B 397 -15.01 26.48 -5.34
C LYS B 397 -13.98 25.34 -5.26
N HIS B 398 -14.21 24.35 -6.13
CA HIS B 398 -13.58 23.04 -6.06
C HIS B 398 -12.06 23.07 -6.06
N GLN B 399 -11.47 24.13 -6.59
CA GLN B 399 -10.02 24.24 -6.65
C GLN B 399 -9.46 24.57 -5.27
N ARG B 400 -10.05 25.57 -4.64
CA ARG B 400 -9.63 26.02 -3.32
C ARG B 400 -9.77 24.90 -2.30
N GLU B 401 -10.85 24.13 -2.44
CA GLU B 401 -11.22 23.08 -1.48
C GLU B 401 -10.14 22.01 -1.35
N VAL B 402 -9.55 21.58 -2.48
CA VAL B 402 -8.48 20.57 -2.49
C VAL B 402 -7.08 21.14 -2.22
N GLY B 403 -7.01 22.46 -2.06
CA GLY B 403 -5.77 23.13 -1.68
C GLY B 403 -4.99 23.74 -2.83
N THR B 404 -5.68 24.17 -3.90
CA THR B 404 -5.00 24.81 -5.03
C THR B 404 -4.37 26.14 -4.63
N GLY B 405 -5.11 26.94 -3.84
CA GLY B 405 -4.60 28.20 -3.32
C GLY B 405 -3.42 28.03 -2.38
N TYR B 406 -3.50 27.04 -1.50
CA TYR B 406 -2.41 26.76 -0.57
C TYR B 406 -1.11 26.42 -1.28
N PHE B 407 -1.18 25.56 -2.29
CA PHE B 407 0.02 25.13 -2.99
C PHE B 407 0.54 26.17 -3.99
N ASP B 408 -0.33 27.07 -4.43
CA ASP B 408 0.13 28.22 -5.21
C ASP B 408 0.87 29.17 -4.26
N ALA B 409 0.49 29.18 -2.99
CA ALA B 409 1.26 29.87 -1.97
C ALA B 409 2.65 29.26 -1.81
N VAL B 410 2.73 27.94 -1.75
CA VAL B 410 4.01 27.24 -1.60
C VAL B 410 4.88 27.45 -2.84
N THR B 411 4.25 27.41 -4.02
CA THR B 411 4.97 27.69 -5.26
C THR B 411 5.55 29.11 -5.20
N GLN B 412 4.71 30.08 -4.79
CA GLN B 412 5.09 31.49 -4.79
C GLN B 412 6.16 31.81 -3.76
N THR B 413 6.10 31.15 -2.61
CA THR B 413 7.12 31.33 -1.57
C THR B 413 8.49 30.80 -2.01
N VAL B 414 8.54 29.76 -2.83
CA VAL B 414 9.81 29.24 -3.34
C VAL B 414 10.33 30.08 -4.52
N GLU B 415 9.42 30.52 -5.40
CA GLU B 415 9.80 31.20 -6.65
C GLU B 415 9.75 32.72 -6.48
N ARG B 416 10.92 33.37 -6.53
CA ARG B 416 11.08 34.82 -6.36
C ARG B 416 11.06 35.21 -4.88
N MET C 5 6.50 -21.14 -32.47
CA MET C 5 6.52 -19.73 -32.95
C MET C 5 7.88 -19.08 -32.68
N SER C 6 8.61 -18.78 -33.75
CA SER C 6 9.88 -18.08 -33.63
C SER C 6 9.61 -16.58 -33.53
N ARG C 7 10.67 -15.81 -33.29
CA ARG C 7 10.58 -14.36 -33.24
C ARG C 7 10.06 -13.81 -34.56
N GLN C 8 10.57 -14.36 -35.66
CA GLN C 8 10.16 -13.93 -36.99
C GLN C 8 8.66 -14.16 -37.20
N GLN C 9 8.17 -15.32 -36.80
CA GLN C 9 6.76 -15.67 -37.03
C GLN C 9 5.83 -14.81 -36.19
N GLN C 10 6.21 -14.62 -34.93
CA GLN C 10 5.48 -13.76 -34.00
C GLN C 10 5.33 -12.36 -34.58
N ALA C 11 6.44 -11.80 -35.03
CA ALA C 11 6.46 -10.46 -35.64
C ALA C 11 5.50 -10.38 -36.84
N GLN C 12 5.55 -11.39 -37.71
CA GLN C 12 4.69 -11.43 -38.90
C GLN C 12 3.20 -11.51 -38.56
N GLU C 13 2.86 -12.38 -37.62
CA GLU C 13 1.49 -12.53 -37.16
C GLU C 13 0.99 -11.19 -36.59
N LEU C 14 1.86 -10.54 -35.82
CA LEU C 14 1.56 -9.26 -35.21
C LEU C 14 1.50 -8.13 -36.23
N GLN C 15 2.38 -8.17 -37.22
CA GLN C 15 2.36 -7.20 -38.32
C GLN C 15 1.11 -7.39 -39.18
N LYS C 16 0.75 -8.64 -39.46
CA LYS C 16 -0.48 -8.94 -40.21
C LYS C 16 -1.70 -8.36 -39.52
N GLN C 17 -1.77 -8.57 -38.21
CA GLN C 17 -2.82 -8.00 -37.37
C GLN C 17 -2.96 -6.47 -37.53
N TRP C 18 -1.83 -5.76 -37.65
CA TRP C 18 -1.86 -4.30 -37.75
C TRP C 18 -2.32 -3.82 -39.13
N GLU C 19 -1.90 -4.54 -40.18
CA GLU C 19 -2.27 -4.19 -41.56
C GLU C 19 -3.66 -4.71 -41.93
N THR C 20 -4.12 -5.77 -41.25
CA THR C 20 -5.40 -6.40 -41.56
C THR C 20 -6.58 -5.82 -40.77
N ASP C 21 -6.43 -5.69 -39.45
CA ASP C 21 -7.58 -5.38 -38.58
C ASP C 21 -8.04 -3.93 -38.77
N PRO C 22 -9.34 -3.70 -39.04
CA PRO C 22 -9.89 -2.33 -39.15
C PRO C 22 -9.76 -1.47 -37.88
N ARG C 23 -9.64 -2.14 -36.73
CA ARG C 23 -9.34 -1.50 -35.44
C ARG C 23 -8.16 -0.54 -35.54
N TRP C 24 -7.16 -0.91 -36.34
CA TRP C 24 -5.92 -0.14 -36.47
C TRP C 24 -5.84 0.72 -37.73
N LYS C 25 -6.97 0.96 -38.39
CA LYS C 25 -7.00 1.82 -39.57
C LYS C 25 -6.63 3.24 -39.19
N GLY C 26 -5.64 3.80 -39.88
CA GLY C 26 -5.22 5.17 -39.66
C GLY C 26 -4.48 5.43 -38.36
N ILE C 27 -3.87 4.38 -37.81
CA ILE C 27 -3.07 4.51 -36.60
C ILE C 27 -1.61 4.23 -36.94
N LYS C 28 -0.78 5.24 -36.74
CA LYS C 28 0.64 5.14 -37.04
C LYS C 28 1.36 4.56 -35.84
N ARG C 29 2.26 3.62 -36.11
CA ARG C 29 3.12 3.07 -35.08
C ARG C 29 4.55 3.39 -35.44
N ALA C 30 5.15 4.31 -34.69
CA ALA C 30 6.56 4.69 -34.85
C ALA C 30 7.49 3.57 -34.40
N PHE C 31 7.11 2.32 -34.65
CA PHE C 31 7.94 1.16 -34.32
C PHE C 31 7.37 -0.06 -35.03
N THR C 32 8.11 -1.17 -34.96
CA THR C 32 7.79 -2.37 -35.73
C THR C 32 7.33 -3.51 -34.84
N ALA C 33 6.69 -4.50 -35.45
CA ALA C 33 6.31 -5.74 -34.75
C ALA C 33 7.54 -6.40 -34.14
N GLU C 34 8.67 -6.34 -34.84
CA GLU C 34 9.91 -6.91 -34.34
C GLU C 34 10.26 -6.29 -32.99
N ASP C 35 10.07 -4.98 -32.86
CA ASP C 35 10.36 -4.25 -31.63
C ASP C 35 9.46 -4.67 -30.48
N VAL C 36 8.17 -4.78 -30.74
CA VAL C 36 7.21 -5.21 -29.73
C VAL C 36 7.59 -6.59 -29.21
N VAL C 37 7.93 -7.49 -30.11
CA VAL C 37 8.32 -8.85 -29.73
C VAL C 37 9.59 -8.87 -28.90
N ARG C 38 10.57 -8.06 -29.28
CA ARG C 38 11.84 -7.97 -28.54
C ARG C 38 11.65 -7.57 -27.07
N LEU C 39 10.62 -6.77 -26.81
CA LEU C 39 10.35 -6.25 -25.46
C LEU C 39 9.21 -6.98 -24.71
N ARG C 40 8.56 -7.94 -25.37
CA ARG C 40 7.50 -8.76 -24.77
C ARG C 40 7.95 -9.65 -23.63
N GLY C 41 9.18 -10.14 -23.71
CA GLY C 41 9.59 -11.32 -22.96
C GLY C 41 9.29 -12.60 -23.74
N SER C 42 9.52 -13.74 -23.11
CA SER C 42 9.35 -15.06 -23.75
C SER C 42 7.94 -15.57 -23.65
N ILE C 43 7.15 -14.98 -22.75
CA ILE C 43 5.77 -15.42 -22.50
C ILE C 43 4.90 -14.20 -22.23
N GLN C 44 3.82 -14.08 -22.98
CA GLN C 44 2.84 -13.03 -22.79
C GLN C 44 1.86 -13.46 -21.69
N GLN C 45 1.57 -12.55 -20.77
CA GLN C 45 0.61 -12.83 -19.70
C GLN C 45 -0.73 -12.19 -20.06
N GLU C 46 -1.80 -12.93 -19.79
CA GLU C 46 -3.15 -12.56 -20.21
C GLU C 46 -3.71 -11.53 -19.26
N HIS C 47 -4.44 -10.56 -19.81
CA HIS C 47 -5.11 -9.54 -19.02
C HIS C 47 -6.57 -9.45 -19.48
N THR C 48 -7.33 -10.47 -19.12
CA THR C 48 -8.74 -10.62 -19.50
C THR C 48 -9.48 -9.29 -19.49
N LEU C 49 -9.62 -8.68 -18.32
CA LEU C 49 -10.47 -7.48 -18.17
C LEU C 49 -10.11 -6.31 -19.09
N ALA C 50 -8.81 -6.04 -19.24
CA ALA C 50 -8.35 -4.95 -20.09
C ALA C 50 -8.70 -5.21 -21.56
N LYS C 51 -8.49 -6.46 -22.00
CA LYS C 51 -8.75 -6.87 -23.38
C LYS C 51 -10.23 -6.76 -23.73
N ARG C 52 -11.07 -7.52 -23.02
CA ARG C 52 -12.51 -7.51 -23.27
C ARG C 52 -13.10 -6.11 -23.13
N GLY C 53 -12.66 -5.37 -22.11
CA GLY C 53 -13.12 -4.00 -21.89
C GLY C 53 -12.76 -3.05 -23.01
N ALA C 54 -11.54 -3.19 -23.54
CA ALA C 54 -11.10 -2.36 -24.66
C ALA C 54 -11.96 -2.60 -25.91
N GLU C 55 -12.10 -3.87 -26.28
CA GLU C 55 -12.91 -4.27 -27.43
C GLU C 55 -14.34 -3.75 -27.30
N LYS C 56 -14.93 -3.92 -26.13
CA LYS C 56 -16.29 -3.43 -25.83
C LYS C 56 -16.41 -1.92 -25.98
N LEU C 57 -15.42 -1.20 -25.43
CA LEU C 57 -15.38 0.25 -25.52
C LEU C 57 -15.22 0.70 -26.97
N TRP C 58 -14.46 -0.06 -27.75
CA TRP C 58 -14.22 0.29 -29.16
C TRP C 58 -15.51 0.19 -29.97
N THR C 59 -16.32 -0.82 -29.68
CA THR C 59 -17.60 -1.03 -30.36
C THR C 59 -18.60 0.05 -29.98
N LEU C 60 -18.73 0.29 -28.69
CA LEU C 60 -19.65 1.31 -28.19
C LEU C 60 -19.35 2.65 -28.83
N ILE C 61 -18.06 2.98 -28.91
CA ILE C 61 -17.60 4.27 -29.40
C ILE C 61 -17.82 4.44 -30.91
N ASN C 62 -17.70 3.36 -31.65
CA ASN C 62 -17.95 3.38 -33.09
C ASN C 62 -19.42 3.18 -33.53
N ASN C 63 -20.30 2.82 -32.60
CA ASN C 63 -21.68 2.49 -32.97
C ASN C 63 -22.78 3.31 -32.29
N GLU C 64 -22.57 3.72 -31.04
CA GLU C 64 -23.58 4.53 -30.36
C GLU C 64 -23.61 5.92 -30.92
N PRO C 65 -24.73 6.63 -30.73
CA PRO C 65 -24.78 8.06 -31.09
C PRO C 65 -23.67 8.80 -30.37
N PHE C 66 -23.45 8.38 -29.12
CA PHE C 66 -22.24 8.69 -28.36
C PHE C 66 -22.29 7.87 -27.06
N VAL C 67 -21.18 7.87 -26.32
CA VAL C 67 -21.12 7.24 -25.01
C VAL C 67 -20.82 8.33 -23.98
N ASN C 68 -21.47 8.28 -22.83
CA ASN C 68 -21.23 9.27 -21.78
C ASN C 68 -20.94 8.61 -20.43
N ALA C 69 -20.10 9.27 -19.63
CA ALA C 69 -19.62 8.69 -18.37
C ALA C 69 -19.46 9.79 -17.34
N LEU C 70 -19.45 9.41 -16.07
CA LEU C 70 -19.21 10.34 -14.98
C LEU C 70 -17.93 9.92 -14.27
N GLY C 71 -17.34 10.85 -13.52
CA GLY C 71 -16.11 10.57 -12.78
C GLY C 71 -16.36 9.77 -11.52
N ALA C 72 -15.73 8.60 -11.42
CA ALA C 72 -15.87 7.75 -10.24
C ALA C 72 -14.55 7.65 -9.47
N LEU C 73 -14.61 7.83 -8.14
CA LEU C 73 -13.43 7.73 -7.27
C LEU C 73 -13.51 6.56 -6.27
N THR C 74 -14.63 5.84 -6.25
CA THR C 74 -14.71 4.54 -5.56
C THR C 74 -15.43 3.52 -6.40
N GLY C 75 -15.21 2.25 -6.07
CA GLY C 75 -15.89 1.15 -6.73
C GLY C 75 -17.40 1.19 -6.58
N ASN C 76 -17.87 1.58 -5.39
CA ASN C 76 -19.32 1.76 -5.21
C ASN C 76 -19.90 2.76 -6.21
N GLN C 77 -19.21 3.87 -6.46
CA GLN C 77 -19.71 4.90 -7.36
C GLN C 77 -19.89 4.37 -8.78
N ALA C 78 -18.88 3.66 -9.28
CA ALA C 78 -18.92 3.01 -10.60
C ALA C 78 -20.01 1.96 -10.67
N MET C 79 -20.21 1.26 -9.56
CA MET C 79 -21.24 0.25 -9.45
C MET C 79 -22.62 0.88 -9.59
N GLN C 80 -22.84 2.03 -8.94
CA GLN C 80 -24.12 2.71 -9.08
C GLN C 80 -24.27 3.31 -10.47
N GLN C 81 -23.18 3.76 -11.07
CA GLN C 81 -23.21 4.30 -12.43
C GLN C 81 -23.67 3.26 -13.44
N VAL C 82 -23.24 2.02 -13.25
CA VAL C 82 -23.62 0.92 -14.12
C VAL C 82 -25.07 0.50 -13.87
N LYS C 83 -25.48 0.49 -12.61
CA LYS C 83 -26.87 0.15 -12.26
C LYS C 83 -27.88 1.17 -12.79
N ALA C 84 -27.47 2.44 -12.83
CA ALA C 84 -28.32 3.50 -13.35
C ALA C 84 -28.40 3.51 -14.89
N GLY C 85 -27.55 2.74 -15.55
CA GLY C 85 -27.67 2.52 -17.00
C GLY C 85 -26.55 3.11 -17.86
N LEU C 86 -25.54 3.70 -17.23
CA LEU C 86 -24.41 4.25 -17.96
C LEU C 86 -23.56 3.11 -18.52
N LYS C 87 -22.88 3.37 -19.64
CA LYS C 87 -22.26 2.30 -20.44
C LYS C 87 -20.73 2.23 -20.28
N ALA C 88 -20.15 3.26 -19.69
CA ALA C 88 -18.72 3.26 -19.33
C ALA C 88 -18.47 4.16 -18.12
N ILE C 89 -17.30 3.99 -17.51
CA ILE C 89 -16.91 4.67 -16.28
C ILE C 89 -15.70 5.55 -16.59
N TYR C 90 -15.68 6.76 -16.03
CA TYR C 90 -14.52 7.64 -16.16
C TYR C 90 -13.77 7.81 -14.82
N LEU C 91 -12.44 7.76 -14.89
CA LEU C 91 -11.60 7.87 -13.70
C LEU C 91 -10.74 9.14 -13.76
N SER C 92 -11.17 10.15 -13.01
CA SER C 92 -10.50 11.45 -12.97
C SER C 92 -9.22 11.40 -12.14
N GLY C 93 -8.16 11.99 -12.67
CA GLY C 93 -6.91 12.15 -11.93
C GLY C 93 -7.13 13.20 -10.86
N TRP C 94 -7.86 14.24 -11.21
CA TRP C 94 -8.24 15.31 -10.30
C TRP C 94 -8.90 14.75 -9.05
N GLN C 95 -9.83 13.82 -9.24
CA GLN C 95 -10.57 13.20 -8.13
C GLN C 95 -9.67 12.34 -7.25
N VAL C 96 -8.75 11.61 -7.87
CA VAL C 96 -7.83 10.75 -7.15
C VAL C 96 -6.86 11.61 -6.33
N ALA C 97 -6.32 12.64 -6.96
CA ALA C 97 -5.54 13.66 -6.26
C ALA C 97 -6.26 14.17 -5.00
N GLY C 98 -7.50 14.59 -5.19
CA GLY C 98 -8.27 15.21 -4.11
C GLY C 98 -8.72 14.32 -2.97
N ASP C 99 -9.01 13.05 -3.22
CA ASP C 99 -9.65 12.20 -2.20
C ASP C 99 -9.44 10.68 -2.29
N ALA C 100 -8.54 10.20 -3.17
CA ALA C 100 -8.43 8.74 -3.42
C ALA C 100 -7.05 8.23 -3.85
N ASN C 101 -6.01 8.99 -3.57
CA ASN C 101 -4.65 8.57 -3.91
C ASN C 101 -4.04 7.69 -2.82
N VAL C 102 -2.94 7.03 -3.15
CA VAL C 102 -2.36 6.03 -2.25
C VAL C 102 -1.49 6.69 -1.18
N ALA C 103 -1.07 7.94 -1.41
CA ALA C 103 -0.45 8.77 -0.34
C ALA C 103 -1.42 9.12 0.78
N GLY C 104 -2.71 9.14 0.50
CA GLY C 104 -3.70 9.44 1.52
C GLY C 104 -3.87 10.93 1.78
N GLU C 105 -3.48 11.76 0.80
CA GLU C 105 -3.45 13.19 0.98
C GLU C 105 -4.47 13.87 0.06
N MET C 106 -5.00 15.00 0.51
CA MET C 106 -5.84 15.85 -0.34
C MET C 106 -4.89 16.76 -1.12
N TYR C 107 -4.92 16.64 -2.45
CA TYR C 107 -4.02 17.40 -3.33
C TYR C 107 -4.78 18.13 -4.44
N PRO C 108 -4.24 19.26 -4.89
CA PRO C 108 -4.71 19.84 -6.15
C PRO C 108 -4.14 19.09 -7.35
N ASP C 109 -4.59 19.48 -8.54
CA ASP C 109 -4.32 18.75 -9.77
C ASP C 109 -3.02 19.20 -10.44
N GLN C 110 -1.90 18.67 -9.96
CA GLN C 110 -0.57 18.95 -10.51
C GLN C 110 0.39 17.77 -10.37
N SER C 111 -0.11 16.56 -10.59
CA SER C 111 0.66 15.33 -10.49
C SER C 111 1.52 15.24 -9.22
N LEU C 112 0.85 15.40 -8.08
CA LEU C 112 1.49 15.35 -6.77
C LEU C 112 1.45 13.96 -6.13
N TYR C 113 0.39 13.20 -6.41
CA TYR C 113 0.19 11.89 -5.81
C TYR C 113 1.13 10.87 -6.42
N PRO C 114 1.36 9.74 -5.72
CA PRO C 114 2.21 8.68 -6.26
C PRO C 114 1.67 8.12 -7.56
N ALA C 115 2.60 7.82 -8.48
CA ALA C 115 2.25 7.48 -9.85
C ALA C 115 1.36 6.25 -10.01
N ASN C 116 1.35 5.34 -9.04
CA ASN C 116 0.48 4.15 -9.11
C ASN C 116 -0.95 4.36 -8.56
N SER C 117 -1.28 5.58 -8.14
CA SER C 117 -2.57 5.84 -7.48
C SER C 117 -3.80 5.57 -8.32
N VAL C 118 -3.79 6.00 -9.57
CA VAL C 118 -4.95 5.81 -10.45
C VAL C 118 -5.19 4.35 -10.88
N PRO C 119 -4.12 3.61 -11.24
CA PRO C 119 -4.25 2.17 -11.49
C PRO C 119 -4.85 1.40 -10.33
N LEU C 120 -4.45 1.75 -9.10
CA LEU C 120 -5.02 1.12 -7.90
C LEU C 120 -6.52 1.36 -7.84
N VAL C 121 -6.98 2.55 -8.20
CA VAL C 121 -8.42 2.83 -8.22
C VAL C 121 -9.10 2.09 -9.39
N VAL C 122 -8.47 2.03 -10.54
CA VAL C 122 -8.96 1.18 -11.64
C VAL C 122 -9.08 -0.27 -11.18
N LYS C 123 -8.14 -0.73 -10.36
CA LYS C 123 -8.22 -2.08 -9.82
C LYS C 123 -9.35 -2.24 -8.79
N ARG C 124 -9.64 -1.19 -8.02
CA ARG C 124 -10.73 -1.22 -7.05
C ARG C 124 -12.08 -1.34 -7.74
N ILE C 125 -12.29 -0.47 -8.72
CA ILE C 125 -13.55 -0.41 -9.45
C ILE C 125 -13.78 -1.75 -10.10
N ASN C 126 -12.76 -2.31 -10.74
CA ASN C 126 -12.89 -3.63 -11.37
C ASN C 126 -13.23 -4.77 -10.39
N ASN C 127 -12.60 -4.74 -9.22
CA ASN C 127 -12.93 -5.70 -8.17
C ASN C 127 -14.38 -5.64 -7.71
N THR C 128 -14.91 -4.42 -7.57
CA THR C 128 -16.29 -4.19 -7.16
C THR C 128 -17.24 -4.71 -8.23
N LEU C 129 -16.94 -4.37 -9.49
CA LEU C 129 -17.74 -4.83 -10.61
C LEU C 129 -17.65 -6.35 -10.70
N THR C 130 -16.45 -6.90 -10.58
CA THR C 130 -16.25 -8.36 -10.56
C THR C 130 -17.13 -9.03 -9.48
N ARG C 131 -17.28 -8.35 -8.34
CA ARG C 131 -18.07 -8.87 -7.22
C ARG C 131 -19.57 -8.77 -7.51
N ALA C 132 -19.96 -7.67 -8.16
CA ALA C 132 -21.34 -7.48 -8.58
C ALA C 132 -21.80 -8.59 -9.51
N ASP C 133 -20.97 -8.89 -10.51
CA ASP C 133 -21.23 -9.99 -11.42
C ASP C 133 -21.24 -11.35 -10.71
N GLN C 134 -20.53 -11.47 -9.60
CA GLN C 134 -20.55 -12.70 -8.80
C GLN C 134 -21.86 -12.84 -8.04
N ILE C 135 -22.32 -11.74 -7.45
CA ILE C 135 -23.58 -11.72 -6.72
C ILE C 135 -24.72 -12.07 -7.66
N GLN C 136 -24.78 -11.36 -8.79
CA GLN C 136 -25.82 -11.58 -9.80
C GLN C 136 -25.80 -13.03 -10.28
N TRP C 137 -24.64 -13.50 -10.73
CA TRP C 137 -24.51 -14.88 -11.21
C TRP C 137 -24.86 -15.92 -10.16
N SER C 138 -24.54 -15.68 -8.90
CA SER C 138 -24.84 -16.66 -7.87
C SER C 138 -26.33 -16.69 -7.54
N GLU C 139 -27.06 -15.65 -7.93
CA GLU C 139 -28.50 -15.62 -7.74
C GLU C 139 -29.27 -16.34 -8.86
N GLY C 140 -28.55 -16.91 -9.82
CA GLY C 140 -29.17 -17.69 -10.88
C GLY C 140 -29.37 -16.93 -12.17
N LYS C 141 -29.16 -15.63 -12.17
CA LYS C 141 -29.40 -14.83 -13.37
C LYS C 141 -28.33 -15.12 -14.43
N ASN C 142 -28.78 -15.29 -15.67
CA ASN C 142 -27.89 -15.54 -16.81
C ASN C 142 -27.94 -14.39 -17.82
N PRO C 143 -26.91 -14.28 -18.68
CA PRO C 143 -26.97 -13.30 -19.76
C PRO C 143 -28.21 -13.49 -20.63
N GLY C 144 -28.91 -12.40 -20.93
CA GLY C 144 -30.15 -12.45 -21.68
C GLY C 144 -31.34 -12.89 -20.84
N ASP C 145 -31.37 -12.51 -19.57
CA ASP C 145 -32.60 -12.54 -18.79
C ASP C 145 -33.05 -11.10 -18.74
N GLU C 146 -34.31 -10.87 -18.35
CA GLU C 146 -34.85 -9.51 -18.32
C GLU C 146 -34.28 -8.75 -17.13
N GLY C 147 -33.27 -7.92 -17.40
CA GLY C 147 -32.64 -7.10 -16.35
C GLY C 147 -31.18 -7.44 -16.06
N TYR C 148 -30.69 -8.52 -16.66
CA TYR C 148 -29.31 -8.95 -16.47
C TYR C 148 -28.33 -7.83 -16.82
N VAL C 149 -27.63 -7.34 -15.79
CA VAL C 149 -26.68 -6.24 -15.94
C VAL C 149 -25.29 -6.77 -16.27
N ASP C 150 -24.69 -6.16 -17.29
CA ASP C 150 -23.29 -6.41 -17.63
C ASP C 150 -22.47 -5.42 -16.83
N PHE C 151 -22.02 -5.84 -15.65
CA PHE C 151 -21.33 -4.96 -14.70
C PHE C 151 -19.95 -4.54 -15.16
N PHE C 152 -19.36 -5.30 -16.08
CA PHE C 152 -18.03 -4.98 -16.60
C PHE C 152 -18.03 -3.85 -17.62
N ALA C 153 -18.48 -2.66 -17.22
CA ALA C 153 -18.39 -1.50 -18.09
C ALA C 153 -16.91 -1.08 -18.25
N PRO C 154 -16.54 -0.53 -19.41
CA PRO C 154 -15.14 -0.17 -19.59
C PRO C 154 -14.78 1.06 -18.78
N ILE C 155 -13.55 1.09 -18.30
CA ILE C 155 -13.03 2.24 -17.59
C ILE C 155 -12.06 2.98 -18.51
N VAL C 156 -12.22 4.30 -18.62
CA VAL C 156 -11.27 5.19 -19.30
C VAL C 156 -10.57 6.01 -18.23
N ALA C 157 -9.25 5.81 -18.08
CA ALA C 157 -8.49 6.36 -16.92
C ALA C 157 -7.56 7.53 -17.28
N ASP C 158 -7.34 8.39 -16.28
CA ASP C 158 -6.51 9.58 -16.40
C ASP C 158 -5.04 9.22 -16.08
N ALA C 159 -4.16 9.39 -17.06
CA ALA C 159 -2.72 9.16 -16.88
C ALA C 159 -1.94 10.46 -16.78
N GLU C 160 -2.66 11.57 -16.60
CA GLU C 160 -2.07 12.91 -16.56
C GLU C 160 -1.11 13.12 -17.76
N ALA C 161 0.18 13.38 -17.49
CA ALA C 161 1.20 13.48 -18.55
C ALA C 161 2.25 12.37 -18.37
N GLY C 162 1.85 11.28 -17.72
CA GLY C 162 2.72 10.14 -17.57
C GLY C 162 3.72 10.19 -16.44
N PHE C 163 3.70 11.26 -15.64
CA PHE C 163 4.57 11.39 -14.47
C PHE C 163 6.05 11.29 -14.81
N GLY C 164 6.47 12.02 -15.82
CA GLY C 164 7.89 12.14 -16.15
C GLY C 164 8.15 12.04 -17.64
N GLY C 165 9.06 11.16 -18.03
CA GLY C 165 9.43 10.97 -19.42
C GLY C 165 8.85 9.69 -20.01
N VAL C 166 9.29 9.37 -21.21
CA VAL C 166 8.70 8.26 -21.97
C VAL C 166 8.55 6.98 -21.13
N LEU C 167 9.58 6.62 -20.35
CA LEU C 167 9.55 5.37 -19.57
C LEU C 167 8.53 5.36 -18.42
N ASN C 168 8.28 6.53 -17.84
CA ASN C 168 7.25 6.69 -16.81
C ASN C 168 5.86 6.47 -17.41
N ALA C 169 5.64 7.03 -18.59
CA ALA C 169 4.38 6.84 -19.31
C ALA C 169 4.19 5.38 -19.72
N PHE C 170 5.26 4.78 -20.21
CA PHE C 170 5.29 3.36 -20.55
C PHE C 170 4.82 2.53 -19.38
N GLU C 171 5.42 2.78 -18.21
CA GLU C 171 5.09 1.99 -17.02
C GLU C 171 3.72 2.28 -16.48
N LEU C 172 3.24 3.52 -16.62
CA LEU C 172 1.91 3.86 -16.14
C LEU C 172 0.87 3.16 -17.02
N MET C 173 1.03 3.25 -18.33
CA MET C 173 0.13 2.52 -19.25
C MET C 173 0.07 1.04 -18.94
N LYS C 174 1.20 0.42 -18.59
CA LYS C 174 1.21 -0.99 -18.21
C LYS C 174 0.45 -1.23 -16.90
N ALA C 175 0.55 -0.29 -15.97
CA ALA C 175 -0.17 -0.40 -14.70
C ALA C 175 -1.66 -0.30 -14.93
N MET C 176 -2.05 0.57 -15.87
CA MET C 176 -3.46 0.74 -16.22
C MET C 176 -4.02 -0.57 -16.70
N ILE C 177 -3.34 -1.12 -17.72
CA ILE C 177 -3.72 -2.36 -18.37
C ILE C 177 -3.84 -3.50 -17.37
N GLU C 178 -2.86 -3.62 -16.48
CA GLU C 178 -2.85 -4.70 -15.47
C GLU C 178 -4.03 -4.58 -14.49
N ALA C 179 -4.43 -3.33 -14.22
CA ALA C 179 -5.55 -3.04 -13.32
C ALA C 179 -6.87 -3.36 -13.99
N GLY C 180 -6.88 -3.34 -15.32
CA GLY C 180 -8.05 -3.69 -16.13
C GLY C 180 -8.74 -2.49 -16.76
N ALA C 181 -7.94 -1.48 -17.13
CA ALA C 181 -8.47 -0.28 -17.77
C ALA C 181 -8.71 -0.58 -19.24
N SER C 182 -9.75 0.04 -19.80
CA SER C 182 -10.11 -0.15 -21.21
C SER C 182 -9.56 0.99 -22.07
N GLY C 183 -9.59 2.21 -21.52
CA GLY C 183 -9.06 3.39 -22.19
C GLY C 183 -8.11 4.16 -21.27
N VAL C 184 -7.21 4.91 -21.89
CA VAL C 184 -6.25 5.73 -21.15
C VAL C 184 -5.95 7.03 -21.90
N HIS C 185 -5.96 8.15 -21.21
CA HIS C 185 -5.56 9.39 -21.86
C HIS C 185 -4.25 9.99 -21.27
N PHE C 186 -3.51 10.71 -22.13
CA PHE C 186 -2.28 11.41 -21.75
C PHE C 186 -2.34 12.84 -22.29
N GLU C 187 -2.02 13.83 -21.47
CA GLU C 187 -2.07 15.25 -21.90
C GLU C 187 -0.67 15.78 -22.22
N ASP C 188 -0.62 16.97 -22.84
CA ASP C 188 0.63 17.53 -23.35
C ASP C 188 1.20 18.71 -22.54
N GLN C 189 0.73 18.90 -21.32
CA GLN C 189 1.30 19.91 -20.42
C GLN C 189 2.30 19.28 -19.45
N LEU C 190 3.21 20.10 -18.93
CA LEU C 190 3.89 19.81 -17.67
C LEU C 190 3.12 20.55 -16.57
N ALA C 191 2.20 19.86 -15.91
CA ALA C 191 1.47 20.42 -14.78
C ALA C 191 2.44 20.69 -13.63
N SER C 192 3.42 19.81 -13.47
CA SER C 192 4.42 19.89 -12.40
C SER C 192 5.31 21.14 -12.41
N VAL C 193 5.21 21.96 -13.46
CA VAL C 193 5.97 23.21 -13.52
C VAL C 193 5.05 24.37 -13.90
N LYS C 194 3.90 24.43 -13.23
CA LYS C 194 2.87 25.44 -13.51
C LYS C 194 3.35 26.84 -13.12
N LYS C 195 3.23 27.79 -14.05
CA LYS C 195 3.62 29.17 -13.77
C LYS C 195 2.59 29.82 -12.87
N CYS C 196 3.08 30.35 -11.75
CA CYS C 196 2.25 31.08 -10.79
C CYS C 196 2.19 32.58 -11.18
N GLY C 197 1.49 33.37 -10.37
CA GLY C 197 1.39 34.80 -10.59
C GLY C 197 0.38 35.13 -11.68
N HIS C 198 0.31 36.41 -12.03
CA HIS C 198 -0.64 36.87 -13.05
C HIS C 198 -0.17 36.54 -14.47
N MET C 199 1.15 36.47 -14.68
CA MET C 199 1.72 36.07 -15.97
C MET C 199 2.17 34.61 -15.96
N GLY C 200 1.21 33.67 -15.99
CA GLY C 200 1.50 32.24 -15.84
C GLY C 200 0.49 31.31 -16.51
N GLY C 201 0.02 30.31 -15.75
CA GLY C 201 -0.95 29.30 -16.26
C GLY C 201 -0.30 27.95 -16.56
N LYS C 202 -0.98 27.13 -17.35
CA LYS C 202 -0.43 25.82 -17.74
C LYS C 202 0.74 25.97 -18.72
N VAL C 203 1.55 24.93 -18.83
CA VAL C 203 2.76 24.96 -19.65
C VAL C 203 2.85 23.75 -20.56
N LEU C 204 2.77 23.99 -21.87
CA LEU C 204 2.80 22.92 -22.88
C LEU C 204 4.19 22.38 -23.07
N VAL C 205 4.29 21.12 -23.47
CA VAL C 205 5.55 20.53 -23.90
C VAL C 205 5.57 20.51 -25.42
N PRO C 206 6.76 20.37 -26.02
CA PRO C 206 6.83 20.31 -27.47
C PRO C 206 6.01 19.15 -28.06
N THR C 207 5.29 19.45 -29.14
CA THR C 207 4.59 18.44 -29.96
C THR C 207 5.37 17.14 -30.03
N ARG C 208 6.65 17.26 -30.34
CA ARG C 208 7.58 16.13 -30.46
C ARG C 208 7.58 15.24 -29.23
N GLU C 209 7.53 15.86 -28.05
CA GLU C 209 7.56 15.13 -26.80
C GLU C 209 6.21 14.50 -26.47
N ALA C 210 5.12 15.25 -26.69
CA ALA C 210 3.78 14.70 -26.45
C ALA C 210 3.54 13.44 -27.28
N VAL C 211 4.09 13.40 -28.49
CA VAL C 211 3.98 12.25 -29.40
C VAL C 211 4.84 11.06 -28.97
N ALA C 212 6.01 11.35 -28.39
CA ALA C 212 6.86 10.32 -27.82
C ALA C 212 6.13 9.60 -26.71
N LYS C 213 5.37 10.34 -25.92
CA LYS C 213 4.60 9.76 -24.82
C LYS C 213 3.50 8.86 -25.37
N LEU C 214 2.79 9.37 -26.36
CA LEU C 214 1.74 8.61 -27.02
C LEU C 214 2.32 7.37 -27.67
N THR C 215 3.48 7.51 -28.29
CA THR C 215 4.16 6.36 -28.90
C THR C 215 4.47 5.35 -27.83
N ALA C 216 5.02 5.82 -26.70
CA ALA C 216 5.36 4.97 -25.56
C ALA C 216 4.12 4.24 -25.05
N ALA C 217 3.06 5.00 -24.82
CA ALA C 217 1.78 4.45 -24.41
C ALA C 217 1.35 3.30 -25.33
N ARG C 218 1.33 3.54 -26.64
CA ARG C 218 0.95 2.47 -27.57
C ARG C 218 1.87 1.26 -27.54
N LEU C 219 3.17 1.50 -27.43
CA LEU C 219 4.13 0.41 -27.34
C LEU C 219 3.80 -0.46 -26.13
N ALA C 220 3.33 0.16 -25.05
CA ALA C 220 2.97 -0.53 -23.83
C ALA C 220 1.73 -1.39 -24.02
N ALA C 221 0.71 -0.82 -24.66
CA ALA C 221 -0.52 -1.55 -24.98
C ALA C 221 -0.17 -2.80 -25.78
N ASP C 222 0.70 -2.65 -26.77
CA ASP C 222 1.09 -3.76 -27.63
C ASP C 222 1.93 -4.80 -26.91
N VAL C 223 2.81 -4.35 -26.02
CA VAL C 223 3.61 -5.28 -25.21
C VAL C 223 2.69 -6.03 -24.24
N MET C 224 1.73 -5.33 -23.66
CA MET C 224 0.75 -5.97 -22.77
C MET C 224 -0.22 -6.89 -23.53
N GLY C 225 -0.31 -6.71 -24.85
CA GLY C 225 -1.10 -7.58 -25.70
C GLY C 225 -2.57 -7.25 -25.71
N THR C 226 -2.93 -5.98 -25.49
CA THR C 226 -4.33 -5.56 -25.47
C THR C 226 -4.53 -4.31 -26.34
N PRO C 227 -5.71 -4.19 -26.99
CA PRO C 227 -6.00 -3.08 -27.88
C PRO C 227 -6.54 -1.87 -27.12
N THR C 228 -5.79 -1.41 -26.13
CA THR C 228 -6.24 -0.35 -25.25
C THR C 228 -6.55 0.90 -26.04
N VAL C 229 -7.67 1.54 -25.72
CA VAL C 229 -8.08 2.78 -26.37
C VAL C 229 -7.23 3.93 -25.87
N LEU C 230 -6.47 4.54 -26.78
CA LEU C 230 -5.53 5.61 -26.43
C LEU C 230 -6.11 6.98 -26.81
N VAL C 231 -6.42 7.80 -25.82
CA VAL C 231 -6.89 9.15 -26.05
C VAL C 231 -5.73 10.14 -25.91
N ALA C 232 -5.65 11.10 -26.82
CA ALA C 232 -4.65 12.17 -26.75
C ALA C 232 -5.33 13.50 -26.42
N ARG C 233 -4.95 14.07 -25.27
CA ARG C 233 -5.49 15.34 -24.82
C ARG C 233 -4.53 16.47 -25.13
N THR C 234 -5.10 17.63 -25.45
CA THR C 234 -4.29 18.84 -25.62
C THR C 234 -4.86 19.93 -24.73
N ASP C 235 -3.96 20.66 -24.09
CA ASP C 235 -4.30 21.82 -23.27
C ASP C 235 -4.02 23.12 -24.03
N ALA C 236 -3.81 23.00 -25.33
CA ALA C 236 -3.35 24.11 -26.15
C ALA C 236 -4.39 25.20 -26.42
N GLU C 237 -5.63 25.02 -25.97
CA GLU C 237 -6.64 26.07 -26.13
C GLU C 237 -6.44 27.23 -25.17
N ALA C 238 -6.05 26.91 -23.92
CA ALA C 238 -5.84 27.94 -22.89
C ALA C 238 -4.37 28.07 -22.44
N ALA C 239 -3.54 27.07 -22.70
CA ALA C 239 -2.11 27.13 -22.32
C ALA C 239 -1.39 28.13 -23.21
N ASP C 240 -0.68 29.07 -22.59
CA ASP C 240 0.06 30.11 -23.31
C ASP C 240 1.55 30.16 -22.93
N LEU C 241 2.07 29.02 -22.47
CA LEU C 241 3.49 28.83 -22.24
C LEU C 241 3.90 27.46 -22.79
N ILE C 242 5.17 27.32 -23.16
CA ILE C 242 5.70 26.07 -23.68
C ILE C 242 7.15 25.94 -23.25
N THR C 243 7.61 24.72 -22.98
CA THR C 243 8.95 24.55 -22.40
C THR C 243 10.09 24.89 -23.36
N SER C 244 9.82 24.87 -24.66
CA SER C 244 10.90 24.96 -25.64
C SER C 244 10.33 25.27 -27.00
N ASP C 245 11.19 25.80 -27.88
CA ASP C 245 10.83 26.16 -29.25
C ASP C 245 11.46 25.23 -30.28
N ILE C 246 11.90 24.05 -29.83
CA ILE C 246 12.61 23.09 -30.67
C ILE C 246 11.82 22.55 -31.88
N ASP C 247 10.48 22.55 -31.78
CA ASP C 247 9.60 21.91 -32.78
C ASP C 247 9.05 22.89 -33.81
N ASP C 248 9.22 22.57 -35.09
CA ASP C 248 8.69 23.40 -36.17
C ASP C 248 7.16 23.59 -36.13
N ASN C 249 6.45 22.59 -35.61
CA ASN C 249 5.00 22.64 -35.46
C ASN C 249 4.55 23.71 -34.47
N ASP C 250 5.41 24.01 -33.50
CA ASP C 250 5.03 24.93 -32.42
C ASP C 250 5.49 26.37 -32.69
N LYS C 251 6.66 26.51 -33.33
CA LYS C 251 7.24 27.82 -33.65
C LYS C 251 6.22 28.85 -34.11
N PRO C 252 5.31 28.48 -35.04
CA PRO C 252 4.29 29.41 -35.52
C PRO C 252 3.48 30.13 -34.43
N TYR C 253 3.42 29.57 -33.24
CA TYR C 253 2.56 30.12 -32.19
C TYR C 253 3.29 30.97 -31.15
N LEU C 254 4.63 30.96 -31.19
CA LEU C 254 5.47 31.72 -30.26
C LEU C 254 5.29 33.23 -30.46
N THR C 255 5.15 33.98 -29.36
CA THR C 255 5.13 35.45 -29.44
C THR C 255 6.53 36.04 -29.27
N GLY C 256 7.56 35.20 -29.22
CA GLY C 256 8.93 35.68 -29.05
C GLY C 256 9.31 36.03 -27.61
N GLU C 257 8.32 36.16 -26.73
CA GLU C 257 8.56 36.49 -25.33
C GLU C 257 9.06 35.28 -24.54
N ARG C 258 9.73 35.54 -23.41
CA ARG C 258 10.22 34.50 -22.52
C ARG C 258 10.03 34.90 -21.06
N THR C 259 9.98 33.88 -20.20
CA THR C 259 9.79 34.10 -18.78
C THR C 259 11.11 33.86 -18.06
N VAL C 260 11.14 34.18 -16.77
CA VAL C 260 12.32 33.96 -15.94
C VAL C 260 12.78 32.49 -15.95
N GLU C 261 11.82 31.57 -16.03
CA GLU C 261 12.12 30.14 -16.05
C GLU C 261 12.74 29.71 -17.39
N GLY C 262 12.64 30.57 -18.39
CA GLY C 262 13.14 30.26 -19.72
C GLY C 262 12.13 29.46 -20.51
N PHE C 263 10.85 29.80 -20.33
CA PHE C 263 9.77 29.23 -21.13
C PHE C 263 9.45 30.23 -22.21
N PHE C 264 8.77 29.78 -23.26
CA PHE C 264 8.38 30.64 -24.39
C PHE C 264 6.88 30.87 -24.36
N ARG C 265 6.47 32.14 -24.30
CA ARG C 265 5.05 32.49 -24.33
C ARG C 265 4.51 32.19 -25.73
N THR C 266 3.33 31.57 -25.78
CA THR C 266 2.72 31.24 -27.07
C THR C 266 1.37 31.94 -27.18
N LYS C 267 0.76 31.84 -28.36
CA LYS C 267 -0.57 32.40 -28.60
C LYS C 267 -1.62 31.29 -28.42
N PRO C 268 -2.38 31.31 -27.31
CA PRO C 268 -3.37 30.26 -27.07
C PRO C 268 -4.63 30.40 -27.95
N GLY C 269 -5.46 29.36 -27.96
CA GLY C 269 -6.71 29.37 -28.72
C GLY C 269 -6.94 28.15 -29.60
N LEU C 270 -7.95 28.24 -30.45
CA LEU C 270 -8.32 27.16 -31.37
C LEU C 270 -7.18 26.73 -32.30
N GLU C 271 -6.48 27.71 -32.87
CA GLU C 271 -5.40 27.45 -33.84
C GLU C 271 -4.27 26.60 -33.26
N GLN C 272 -3.80 26.95 -32.07
CA GLN C 272 -2.77 26.15 -31.40
C GLN C 272 -3.33 24.78 -30.99
N ALA C 273 -4.62 24.73 -30.62
CA ALA C 273 -5.30 23.47 -30.32
C ALA C 273 -5.38 22.54 -31.54
N ILE C 274 -5.61 23.11 -32.72
CA ILE C 274 -5.73 22.34 -33.96
C ILE C 274 -4.41 21.70 -34.36
N SER C 275 -3.35 22.51 -34.31
CA SER C 275 -1.99 22.05 -34.62
C SER C 275 -1.55 20.88 -33.74
N ARG C 276 -1.99 20.86 -32.49
CA ARG C 276 -1.75 19.72 -31.61
C ARG C 276 -2.68 18.56 -31.95
N GLY C 277 -3.96 18.86 -32.12
CA GLY C 277 -4.93 17.86 -32.52
C GLY C 277 -4.52 17.09 -33.77
N LEU C 278 -4.09 17.82 -34.79
CA LEU C 278 -3.60 17.21 -36.04
C LEU C 278 -2.32 16.44 -35.81
N ALA C 279 -1.44 16.99 -34.97
CA ALA C 279 -0.16 16.38 -34.69
C ALA C 279 -0.31 15.01 -34.01
N TYR C 280 -1.31 14.90 -33.13
CA TYR C 280 -1.51 13.68 -32.32
C TYR C 280 -2.40 12.65 -33.00
N ALA C 281 -3.29 13.11 -33.88
CA ALA C 281 -4.31 12.26 -34.47
C ALA C 281 -3.80 10.89 -34.99
N PRO C 282 -2.68 10.87 -35.74
CA PRO C 282 -2.18 9.61 -36.26
C PRO C 282 -1.73 8.57 -35.21
N TYR C 283 -1.55 9.00 -33.97
CA TYR C 283 -1.08 8.09 -32.92
C TYR C 283 -2.15 7.77 -31.87
N ALA C 284 -3.27 8.49 -31.92
CA ALA C 284 -4.34 8.37 -30.92
C ALA C 284 -5.61 7.80 -31.53
N ASP C 285 -6.43 7.17 -30.71
CA ASP C 285 -7.71 6.64 -31.17
C ASP C 285 -8.78 7.72 -31.06
N LEU C 286 -8.77 8.46 -29.95
CA LEU C 286 -9.60 9.64 -29.80
C LEU C 286 -8.74 10.88 -29.58
N ILE C 287 -9.29 12.03 -29.95
CA ILE C 287 -8.65 13.32 -29.71
C ILE C 287 -9.53 14.13 -28.78
N TRP C 288 -8.89 14.80 -27.84
CA TRP C 288 -9.57 15.59 -26.84
C TRP C 288 -8.86 16.93 -26.65
N CYS C 289 -9.59 18.01 -26.96
CA CYS C 289 -9.17 19.35 -26.67
C CYS C 289 -9.91 19.77 -25.42
N GLU C 290 -9.20 19.80 -24.31
CA GLU C 290 -9.81 20.17 -23.03
C GLU C 290 -10.16 21.66 -23.04
N THR C 291 -11.37 21.98 -22.62
CA THR C 291 -11.89 23.35 -22.67
C THR C 291 -12.42 23.76 -21.31
N GLY C 292 -12.27 25.05 -20.98
CA GLY C 292 -12.80 25.61 -19.73
C GLY C 292 -14.22 26.12 -19.89
N LYS C 293 -14.51 26.65 -21.08
CA LYS C 293 -15.84 27.13 -21.43
C LYS C 293 -16.48 26.15 -22.40
N PRO C 294 -17.60 25.52 -22.00
CA PRO C 294 -18.36 24.69 -22.94
C PRO C 294 -19.08 25.55 -23.98
N ASP C 295 -18.62 25.48 -25.23
CA ASP C 295 -19.18 26.25 -26.33
C ASP C 295 -19.34 25.31 -27.54
N LEU C 296 -20.57 25.13 -27.97
CA LEU C 296 -20.88 24.28 -29.13
C LEU C 296 -20.18 24.81 -30.38
N GLU C 297 -20.24 26.14 -30.55
CA GLU C 297 -19.56 26.82 -31.65
C GLU C 297 -18.11 26.36 -31.78
N TYR C 298 -17.36 26.48 -30.68
CA TYR C 298 -15.97 26.08 -30.64
C TYR C 298 -15.83 24.61 -31.01
N ALA C 299 -16.60 23.77 -30.32
CA ALA C 299 -16.60 22.33 -30.54
C ALA C 299 -16.76 21.98 -32.01
N LYS C 300 -17.63 22.72 -32.72
CA LYS C 300 -17.85 22.50 -34.16
C LYS C 300 -16.58 22.79 -34.99
N LYS C 301 -16.06 24.01 -34.86
CA LYS C 301 -14.87 24.44 -35.60
C LYS C 301 -13.74 23.45 -35.41
N PHE C 302 -13.52 23.05 -34.15
CA PHE C 302 -12.45 22.13 -33.82
C PHE C 302 -12.65 20.76 -34.48
N ALA C 303 -13.87 20.23 -34.37
CA ALA C 303 -14.23 18.97 -35.02
C ALA C 303 -13.95 19.04 -36.52
N GLU C 304 -14.43 20.12 -37.14
CA GLU C 304 -14.27 20.30 -38.58
C GLU C 304 -12.82 20.40 -38.99
N ALA C 305 -12.06 21.22 -38.28
CA ALA C 305 -10.63 21.37 -38.52
C ALA C 305 -9.92 20.01 -38.50
N ILE C 306 -10.30 19.15 -37.56
CA ILE C 306 -9.67 17.83 -37.45
C ILE C 306 -10.14 16.90 -38.56
N HIS C 307 -11.46 16.89 -38.80
CA HIS C 307 -12.06 15.99 -39.76
C HIS C 307 -11.74 16.41 -41.19
N LYS C 308 -11.27 17.65 -41.35
CA LYS C 308 -10.76 18.13 -42.63
C LYS C 308 -9.62 17.25 -43.11
N GLN C 309 -8.68 16.95 -42.20
CA GLN C 309 -7.53 16.12 -42.51
C GLN C 309 -7.69 14.64 -42.12
N PHE C 310 -8.52 14.37 -41.11
CA PHE C 310 -8.79 13.00 -40.65
C PHE C 310 -10.30 12.79 -40.53
N PRO C 311 -11.00 12.61 -41.66
CA PRO C 311 -12.44 12.39 -41.67
C PRO C 311 -12.88 11.25 -40.76
N GLY C 312 -13.91 11.50 -39.95
CA GLY C 312 -14.45 10.47 -39.05
C GLY C 312 -13.55 10.09 -37.87
N LYS C 313 -12.52 10.89 -37.60
CA LYS C 313 -11.74 10.72 -36.37
C LYS C 313 -12.65 10.87 -35.16
N LEU C 314 -12.56 9.91 -34.25
CA LEU C 314 -13.38 9.91 -33.05
C LEU C 314 -12.84 10.96 -32.09
N LEU C 315 -13.71 11.82 -31.59
CA LEU C 315 -13.31 12.86 -30.66
C LEU C 315 -13.89 12.61 -29.26
N SER C 316 -13.38 13.33 -28.26
CA SER C 316 -13.98 13.30 -26.93
C SER C 316 -13.95 14.67 -26.22
N TYR C 317 -14.96 14.89 -25.39
CA TYR C 317 -15.24 16.21 -24.83
C TYR C 317 -15.50 16.08 -23.33
N ASN C 318 -14.80 16.89 -22.53
CA ASN C 318 -15.08 16.96 -21.10
C ASN C 318 -16.07 18.07 -20.85
N CYS C 319 -17.13 17.75 -20.12
CA CYS C 319 -18.17 18.72 -19.81
C CYS C 319 -17.89 19.30 -18.44
N SER C 320 -17.30 20.50 -18.43
CA SER C 320 -16.86 21.18 -17.20
C SER C 320 -17.92 21.18 -16.10
N PRO C 321 -17.54 20.70 -14.90
CA PRO C 321 -18.42 20.77 -13.75
C PRO C 321 -18.39 22.13 -13.03
N SER C 322 -17.38 22.95 -13.28
CA SER C 322 -17.30 24.27 -12.64
C SER C 322 -18.19 25.33 -13.33
N PHE C 323 -18.45 25.14 -14.62
CA PHE C 323 -19.19 26.12 -15.40
C PHE C 323 -20.62 26.31 -14.89
N ASN C 324 -21.03 27.56 -14.67
CA ASN C 324 -22.40 27.85 -14.24
C ASN C 324 -23.36 27.70 -15.42
N TRP C 325 -23.82 26.48 -15.65
CA TRP C 325 -24.59 26.15 -16.85
C TRP C 325 -25.89 26.97 -16.98
N LYS C 326 -26.58 27.20 -15.87
CA LYS C 326 -27.86 27.92 -15.89
C LYS C 326 -27.72 29.43 -16.19
N LYS C 327 -26.73 30.07 -15.57
CA LYS C 327 -26.49 31.51 -15.80
C LYS C 327 -26.11 31.79 -17.25
N ASN C 328 -25.48 30.81 -17.91
CA ASN C 328 -24.90 31.02 -19.25
C ASN C 328 -25.64 30.37 -20.42
N LEU C 329 -26.38 29.30 -20.16
CA LEU C 329 -27.09 28.57 -21.21
C LEU C 329 -28.54 28.35 -20.78
N ASP C 330 -29.46 28.50 -21.73
CA ASP C 330 -30.86 28.17 -21.52
C ASP C 330 -31.03 26.65 -21.45
N ASP C 331 -32.12 26.22 -20.83
CA ASP C 331 -32.35 24.81 -20.52
C ASP C 331 -32.43 23.90 -21.75
N ALA C 332 -32.95 24.42 -22.86
CA ALA C 332 -33.04 23.63 -24.11
C ALA C 332 -31.65 23.36 -24.70
N THR C 333 -30.76 24.35 -24.60
CA THR C 333 -29.35 24.20 -25.00
C THR C 333 -28.65 23.19 -24.10
N ILE C 334 -28.84 23.32 -22.79
CA ILE C 334 -28.32 22.35 -21.81
C ILE C 334 -28.83 20.94 -22.12
N ALA C 335 -30.09 20.86 -22.55
CA ALA C 335 -30.73 19.57 -22.86
C ALA C 335 -30.14 18.91 -24.10
N LYS C 336 -29.82 19.71 -25.11
CA LYS C 336 -29.34 19.17 -26.40
C LYS C 336 -27.81 18.98 -26.46
N PHE C 337 -27.11 19.44 -25.42
CA PHE C 337 -25.66 19.61 -25.46
C PHE C 337 -24.85 18.35 -25.78
N GLN C 338 -25.13 17.23 -25.12
CA GLN C 338 -24.35 16.00 -25.37
C GLN C 338 -24.81 15.28 -26.64
N LYS C 339 -26.04 15.53 -27.05
CA LYS C 339 -26.58 14.99 -28.31
C LYS C 339 -25.95 15.73 -29.48
N GLU C 340 -25.93 17.06 -29.39
CA GLU C 340 -25.37 17.91 -30.44
C GLU C 340 -23.89 17.57 -30.65
N LEU C 341 -23.14 17.51 -29.56
CA LEU C 341 -21.71 17.16 -29.60
C LEU C 341 -21.47 15.80 -30.24
N GLY C 342 -22.34 14.84 -29.94
CA GLY C 342 -22.26 13.50 -30.53
C GLY C 342 -22.41 13.51 -32.04
N ALA C 343 -23.29 14.39 -32.52
CA ALA C 343 -23.51 14.55 -33.95
C ALA C 343 -22.31 15.15 -34.68
N MET C 344 -21.36 15.74 -33.94
CA MET C 344 -20.12 16.30 -34.53
C MET C 344 -18.97 15.31 -34.57
N GLY C 345 -19.04 14.24 -33.79
CA GLY C 345 -17.95 13.28 -33.69
C GLY C 345 -17.39 13.07 -32.29
N TYR C 346 -17.94 13.78 -31.29
CA TYR C 346 -17.55 13.56 -29.90
C TYR C 346 -18.25 12.32 -29.36
N LYS C 347 -17.57 11.18 -29.48
CA LYS C 347 -18.18 9.89 -29.16
C LYS C 347 -17.94 9.42 -27.74
N PHE C 348 -16.98 10.03 -27.05
CA PHE C 348 -16.83 9.82 -25.62
C PHE C 348 -16.95 11.17 -24.91
N GLN C 349 -17.93 11.31 -24.03
CA GLN C 349 -18.13 12.56 -23.28
C GLN C 349 -18.23 12.22 -21.81
N PHE C 350 -17.83 13.15 -20.96
CA PHE C 350 -17.78 12.86 -19.53
C PHE C 350 -17.74 14.12 -18.68
N ILE C 351 -18.32 14.01 -17.48
CA ILE C 351 -18.16 15.03 -16.44
C ILE C 351 -17.11 14.51 -15.48
N THR C 352 -15.97 15.20 -15.45
CA THR C 352 -14.79 14.77 -14.71
C THR C 352 -14.96 14.66 -13.17
N LEU C 353 -15.53 15.71 -12.57
CA LEU C 353 -15.59 15.78 -11.10
C LEU C 353 -16.98 15.45 -10.57
N ALA C 354 -17.77 14.72 -11.37
CA ALA C 354 -19.11 14.30 -10.97
C ALA C 354 -19.08 13.63 -9.61
N GLY C 355 -18.14 12.69 -9.46
CA GLY C 355 -17.90 12.00 -8.18
C GLY C 355 -17.62 12.91 -7.00
N PHE C 356 -16.81 13.94 -7.22
CA PHE C 356 -16.41 14.85 -6.15
C PHE C 356 -17.59 15.65 -5.66
N HIS C 357 -18.40 16.14 -6.60
CA HIS C 357 -19.56 16.93 -6.26
C HIS C 357 -20.66 16.08 -5.61
N ALA C 358 -20.90 14.88 -6.14
CA ALA C 358 -21.93 13.98 -5.61
C ALA C 358 -21.62 13.53 -4.18
N LEU C 359 -20.37 13.20 -3.92
CA LEU C 359 -19.92 12.75 -2.59
C LEU C 359 -19.96 13.88 -1.56
N ASN C 360 -19.43 15.04 -1.92
CA ASN C 360 -19.32 16.15 -0.98
C ASN C 360 -20.67 16.80 -0.67
N TYR C 361 -21.44 17.11 -1.70
CA TYR C 361 -22.76 17.70 -1.48
C TYR C 361 -23.66 16.79 -0.63
N SER C 362 -23.70 15.50 -0.98
CA SER C 362 -24.58 14.57 -0.29
C SER C 362 -24.22 14.49 1.19
N MET C 363 -22.93 14.45 1.49
CA MET C 363 -22.53 14.31 2.89
C MET C 363 -22.73 15.63 3.64
N PHE C 364 -22.50 16.76 2.98
CA PHE C 364 -22.78 18.04 3.60
C PHE C 364 -24.25 18.17 3.90
N ASN C 365 -25.10 17.85 2.92
CA ASN C 365 -26.55 17.98 3.08
C ASN C 365 -27.08 17.09 4.20
N LEU C 366 -26.61 15.86 4.26
CA LEU C 366 -26.96 14.95 5.33
C LEU C 366 -26.45 15.50 6.66
N ALA C 367 -25.20 15.95 6.69
CA ALA C 367 -24.54 16.32 7.95
C ALA C 367 -25.06 17.63 8.54
N HIS C 368 -25.32 18.62 7.69
CA HIS C 368 -25.89 19.91 8.12
C HIS C 368 -27.24 19.69 8.79
N GLY C 369 -28.10 18.92 8.14
CA GLY C 369 -29.38 18.59 8.70
C GLY C 369 -29.24 17.84 10.01
N TYR C 370 -28.40 16.79 9.97
CA TYR C 370 -28.12 15.94 11.13
C TYR C 370 -27.68 16.73 12.36
N ALA C 371 -26.93 17.82 12.15
CA ALA C 371 -26.49 18.66 13.24
C ALA C 371 -27.66 19.38 13.93
N ARG C 372 -28.73 19.63 13.18
CA ARG C 372 -29.84 20.44 13.66
C ARG C 372 -31.15 19.66 13.94
N THR C 373 -31.43 18.61 13.18
CA THR C 373 -32.63 17.80 13.39
C THR C 373 -32.33 16.34 13.73
N GLN C 374 -31.05 15.97 13.78
CA GLN C 374 -30.64 14.59 14.04
C GLN C 374 -31.28 13.61 13.06
N MET C 375 -32.06 12.64 13.57
CA MET C 375 -32.46 11.50 12.77
C MET C 375 -33.40 11.87 11.63
N SER C 376 -34.27 12.85 11.85
CA SER C 376 -35.18 13.30 10.80
C SER C 376 -34.44 13.63 9.49
N ALA C 377 -33.23 14.18 9.62
CA ALA C 377 -32.34 14.40 8.48
C ALA C 377 -31.95 13.09 7.78
N PHE C 378 -31.65 12.05 8.55
CA PHE C 378 -31.32 10.76 7.95
C PHE C 378 -32.55 10.13 7.31
N VAL C 379 -33.72 10.34 7.90
CA VAL C 379 -34.94 9.75 7.36
C VAL C 379 -35.31 10.36 5.99
N GLU C 380 -35.03 11.65 5.78
CA GLU C 380 -35.17 12.28 4.46
C GLU C 380 -34.37 11.55 3.38
N LEU C 381 -33.14 11.18 3.70
CA LEU C 381 -32.28 10.44 2.77
C LEU C 381 -32.84 9.05 2.52
N GLN C 382 -33.27 8.39 3.60
CA GLN C 382 -33.79 7.03 3.53
C GLN C 382 -35.07 6.95 2.71
N GLN C 383 -35.93 7.93 2.86
CA GLN C 383 -37.14 8.03 2.05
C GLN C 383 -36.76 8.26 0.59
N ALA C 384 -35.78 9.13 0.38
CA ALA C 384 -35.27 9.39 -0.95
C ALA C 384 -34.72 8.12 -1.58
N GLU C 385 -34.09 7.27 -0.77
CA GLU C 385 -33.56 5.99 -1.25
C GLU C 385 -34.64 4.97 -1.60
N PHE C 386 -35.80 5.04 -0.94
CA PHE C 386 -36.90 4.11 -1.23
C PHE C 386 -37.55 4.44 -2.56
N ALA C 387 -37.71 5.73 -2.84
CA ALA C 387 -38.29 6.20 -4.10
C ALA C 387 -37.48 5.76 -5.33
N ALA C 388 -36.16 5.63 -5.17
CA ALA C 388 -35.28 5.23 -6.27
C ALA C 388 -35.20 3.71 -6.45
N ALA C 389 -35.89 2.95 -5.59
CA ALA C 389 -35.96 1.50 -5.74
C ALA C 389 -36.68 1.12 -7.04
N ASP C 390 -37.72 1.89 -7.39
CA ASP C 390 -38.43 1.71 -8.67
C ASP C 390 -37.47 1.65 -9.84
N LYS C 391 -36.43 2.50 -9.78
CA LYS C 391 -35.58 2.83 -10.92
C LYS C 391 -34.34 1.96 -11.07
N GLY C 392 -34.11 1.03 -10.14
CA GLY C 392 -32.94 0.14 -10.19
C GLY C 392 -31.95 0.30 -9.04
N PHE C 393 -32.23 1.19 -8.09
CA PHE C 393 -31.34 1.39 -6.93
C PHE C 393 -31.56 0.28 -5.95
N THR C 394 -30.53 -0.54 -5.77
CA THR C 394 -30.62 -1.76 -4.97
C THR C 394 -29.93 -1.62 -3.61
N ALA C 395 -29.27 -0.49 -3.37
CA ALA C 395 -28.36 -0.34 -2.23
C ALA C 395 -29.01 -0.31 -0.84
N VAL C 396 -30.32 -0.14 -0.75
CA VAL C 396 -30.98 -0.13 0.56
C VAL C 396 -30.95 -1.52 1.17
N LYS C 397 -31.05 -2.54 0.32
CA LYS C 397 -30.77 -3.90 0.74
C LYS C 397 -29.26 -4.03 0.82
N HIS C 398 -28.73 -3.43 1.88
CA HIS C 398 -27.30 -3.07 1.98
C HIS C 398 -26.35 -4.25 2.17
N GLN C 399 -26.82 -5.30 2.82
CA GLN C 399 -26.00 -6.48 3.08
C GLN C 399 -25.79 -7.26 1.80
N ARG C 400 -26.79 -7.28 0.95
CA ARG C 400 -26.69 -7.95 -0.33
C ARG C 400 -25.72 -7.20 -1.25
N GLU C 401 -25.82 -5.87 -1.22
CA GLU C 401 -25.07 -4.97 -2.11
C GLU C 401 -23.56 -5.21 -2.01
N VAL C 402 -23.07 -5.41 -0.79
CA VAL C 402 -21.64 -5.62 -0.52
C VAL C 402 -21.25 -7.09 -0.46
N GLY C 403 -22.15 -7.98 -0.85
CA GLY C 403 -21.81 -9.39 -1.07
C GLY C 403 -22.02 -10.33 0.10
N THR C 404 -22.81 -9.93 1.10
CA THR C 404 -23.14 -10.84 2.19
C THR C 404 -23.79 -12.13 1.68
N GLY C 405 -24.65 -12.00 0.68
CA GLY C 405 -25.31 -13.16 0.07
C GLY C 405 -24.31 -14.11 -0.56
N TYR C 406 -23.47 -13.58 -1.43
CA TYR C 406 -22.46 -14.37 -2.13
C TYR C 406 -21.57 -15.15 -1.15
N PHE C 407 -21.05 -14.46 -0.14
CA PHE C 407 -20.13 -15.07 0.82
C PHE C 407 -20.82 -16.06 1.76
N ASP C 408 -22.10 -15.84 2.03
CA ASP C 408 -22.90 -16.83 2.74
C ASP C 408 -23.02 -18.10 1.91
N ALA C 409 -23.33 -17.96 0.63
CA ALA C 409 -23.37 -19.10 -0.28
C ALA C 409 -22.06 -19.91 -0.21
N VAL C 410 -20.94 -19.20 -0.12
CA VAL C 410 -19.61 -19.81 -0.06
C VAL C 410 -19.40 -20.55 1.24
N THR C 411 -19.82 -19.93 2.34
CA THR C 411 -19.68 -20.55 3.66
C THR C 411 -20.52 -21.84 3.73
N GLN C 412 -21.71 -21.79 3.14
CA GLN C 412 -22.62 -22.94 3.13
C GLN C 412 -22.16 -24.03 2.17
N THR C 413 -21.51 -23.63 1.08
CA THR C 413 -20.81 -24.56 0.20
C THR C 413 -19.71 -25.33 0.93
N VAL C 414 -18.98 -24.64 1.80
CA VAL C 414 -17.86 -25.23 2.55
C VAL C 414 -18.34 -26.07 3.72
N GLU C 415 -19.34 -25.57 4.44
CA GLU C 415 -19.89 -26.25 5.63
C GLU C 415 -21.18 -27.04 5.29
N ARG C 416 -21.00 -28.27 4.78
CA ARG C 416 -22.15 -29.08 4.33
C ARG C 416 -21.78 -30.55 4.09
N MET D 5 -0.66 32.94 21.49
CA MET D 5 0.55 33.02 20.64
C MET D 5 0.19 33.39 19.20
N SER D 6 0.45 34.63 18.81
CA SER D 6 0.05 35.14 17.51
C SER D 6 0.98 34.68 16.38
N ARG D 7 0.57 34.97 15.14
CA ARG D 7 1.39 34.75 13.94
C ARG D 7 2.69 35.53 14.02
N GLN D 8 2.59 36.79 14.43
CA GLN D 8 3.73 37.70 14.55
C GLN D 8 4.69 37.16 15.60
N GLN D 9 4.12 36.61 16.67
CA GLN D 9 4.89 36.11 17.79
C GLN D 9 5.60 34.81 17.44
N GLN D 10 4.90 33.93 16.71
CA GLN D 10 5.50 32.70 16.20
C GLN D 10 6.64 32.99 15.21
N ALA D 11 6.47 34.02 14.38
CA ALA D 11 7.45 34.38 13.37
C ALA D 11 8.73 34.93 13.97
N GLN D 12 8.60 35.85 14.93
CA GLN D 12 9.77 36.40 15.63
C GLN D 12 10.54 35.29 16.33
N GLU D 13 9.80 34.42 17.02
CA GLU D 13 10.34 33.26 17.72
C GLU D 13 11.16 32.39 16.77
N LEU D 14 10.59 32.08 15.61
CA LEU D 14 11.27 31.28 14.62
C LEU D 14 12.51 32.01 14.10
N GLN D 15 12.35 33.29 13.77
CA GLN D 15 13.42 34.10 13.19
C GLN D 15 14.64 34.18 14.11
N LYS D 16 14.41 34.45 15.40
CA LYS D 16 15.51 34.48 16.37
C LYS D 16 16.31 33.19 16.36
N GLN D 17 15.60 32.08 16.17
CA GLN D 17 16.23 30.76 16.22
C GLN D 17 17.19 30.56 15.05
N TRP D 18 16.81 31.04 13.87
CA TRP D 18 17.70 30.97 12.71
C TRP D 18 18.96 31.81 12.94
N GLU D 19 18.79 33.00 13.53
CA GLU D 19 19.90 33.91 13.85
C GLU D 19 20.82 33.39 14.96
N THR D 20 20.22 32.83 16.01
CA THR D 20 20.94 32.39 17.22
C THR D 20 21.57 31.00 17.13
N ASP D 21 20.80 30.04 16.65
CA ASP D 21 21.25 28.66 16.68
C ASP D 21 22.40 28.46 15.69
N PRO D 22 23.55 27.94 16.18
CA PRO D 22 24.70 27.68 15.31
C PRO D 22 24.51 26.50 14.36
N ARG D 23 23.40 25.77 14.51
CA ARG D 23 22.95 24.82 13.50
C ARG D 23 22.77 25.50 12.15
N TRP D 24 22.25 26.73 12.18
CA TRP D 24 21.95 27.48 10.96
C TRP D 24 23.05 28.47 10.56
N LYS D 25 24.26 28.26 11.06
CA LYS D 25 25.39 29.11 10.71
C LYS D 25 25.67 29.03 9.20
N GLY D 26 25.52 30.17 8.51
CA GLY D 26 25.88 30.26 7.11
C GLY D 26 24.91 29.60 6.16
N ILE D 27 23.66 29.45 6.59
CA ILE D 27 22.62 28.83 5.78
C ILE D 27 21.59 29.87 5.32
N LYS D 28 21.51 30.07 4.01
CA LYS D 28 20.59 31.02 3.43
C LYS D 28 19.20 30.41 3.32
N ARG D 29 18.19 31.23 3.49
CA ARG D 29 16.83 30.84 3.17
C ARG D 29 16.22 31.92 2.28
N ALA D 30 15.77 31.53 1.09
CA ALA D 30 15.13 32.47 0.16
C ALA D 30 13.66 32.67 0.52
N PHE D 31 13.36 32.68 1.82
CA PHE D 31 12.01 32.90 2.32
C PHE D 31 12.06 33.36 3.77
N THR D 32 10.98 34.00 4.21
CA THR D 32 10.94 34.59 5.54
C THR D 32 10.36 33.58 6.53
N ALA D 33 10.56 33.82 7.83
CA ALA D 33 9.90 33.04 8.87
C ALA D 33 8.39 33.25 8.86
N GLU D 34 7.95 34.42 8.41
CA GLU D 34 6.53 34.72 8.32
C GLU D 34 5.90 33.82 7.28
N ASP D 35 6.67 33.48 6.24
CA ASP D 35 6.27 32.50 5.24
C ASP D 35 6.07 31.11 5.86
N VAL D 36 7.05 30.65 6.63
CA VAL D 36 6.97 29.33 7.27
C VAL D 36 5.72 29.21 8.15
N VAL D 37 5.40 30.27 8.87
CA VAL D 37 4.21 30.31 9.73
C VAL D 37 2.91 30.23 8.93
N ARG D 38 2.85 30.97 7.82
CA ARG D 38 1.66 30.99 6.97
C ARG D 38 1.32 29.61 6.41
N LEU D 39 2.35 28.78 6.18
CA LEU D 39 2.22 27.47 5.57
C LEU D 39 2.23 26.31 6.58
N ARG D 40 2.31 26.61 7.87
CA ARG D 40 2.29 25.60 8.95
C ARG D 40 0.94 24.94 9.15
N GLY D 41 -0.13 25.72 8.99
CA GLY D 41 -1.42 25.38 9.59
C GLY D 41 -1.40 25.94 10.99
N SER D 42 -2.46 25.73 11.76
CA SER D 42 -2.59 26.34 13.08
C SER D 42 -1.92 25.52 14.20
N ILE D 43 -1.85 24.21 14.03
CA ILE D 43 -1.25 23.32 15.01
C ILE D 43 -0.08 22.61 14.35
N GLN D 44 0.97 22.34 15.12
CA GLN D 44 2.14 21.64 14.64
C GLN D 44 2.12 20.22 15.23
N GLN D 45 2.16 19.22 14.36
CA GLN D 45 2.28 17.85 14.81
C GLN D 45 3.76 17.53 15.01
N GLU D 46 4.07 16.82 16.10
CA GLU D 46 5.45 16.45 16.43
C GLU D 46 5.91 15.25 15.61
N HIS D 47 7.18 15.27 15.24
CA HIS D 47 7.82 14.17 14.51
C HIS D 47 9.12 13.83 15.21
N THR D 48 8.99 13.02 16.26
CA THR D 48 10.09 12.70 17.18
C THR D 48 11.37 12.22 16.49
N LEU D 49 11.33 11.08 15.81
CA LEU D 49 12.55 10.52 15.22
C LEU D 49 13.20 11.47 14.21
N ALA D 50 12.37 12.13 13.39
CA ALA D 50 12.87 13.12 12.45
C ALA D 50 13.64 14.23 13.18
N LYS D 51 13.14 14.66 14.34
CA LYS D 51 13.78 15.70 15.11
C LYS D 51 15.01 15.18 15.88
N ARG D 52 14.85 14.14 16.67
CA ARG D 52 15.97 13.56 17.44
C ARG D 52 17.08 13.08 16.50
N GLY D 53 16.70 12.40 15.43
CA GLY D 53 17.66 11.86 14.48
C GLY D 53 18.47 12.93 13.77
N ALA D 54 17.80 14.02 13.38
CA ALA D 54 18.46 15.11 12.68
C ALA D 54 19.49 15.79 13.59
N GLU D 55 19.15 15.92 14.86
CA GLU D 55 20.06 16.54 15.82
C GLU D 55 21.23 15.60 16.09
N LYS D 56 20.92 14.32 16.29
CA LYS D 56 21.97 13.30 16.45
C LYS D 56 22.91 13.26 15.24
N LEU D 57 22.36 13.32 14.03
CA LEU D 57 23.16 13.28 12.82
C LEU D 57 24.06 14.50 12.73
N TRP D 58 23.49 15.67 12.99
CA TRP D 58 24.24 16.93 13.01
C TRP D 58 25.44 16.88 13.96
N THR D 59 25.18 16.41 15.18
CA THR D 59 26.23 16.28 16.16
C THR D 59 27.31 15.30 15.69
N LEU D 60 26.92 14.10 15.26
CA LEU D 60 27.87 13.11 14.79
C LEU D 60 28.74 13.70 13.66
N ILE D 61 28.08 14.28 12.67
CA ILE D 61 28.75 14.87 11.51
C ILE D 61 29.80 15.94 11.85
N ASN D 62 29.55 16.70 12.91
CA ASN D 62 30.42 17.82 13.28
C ASN D 62 31.55 17.50 14.26
N ASN D 63 31.37 16.48 15.11
CA ASN D 63 32.35 16.10 16.12
C ASN D 63 33.27 14.94 15.73
N GLU D 64 32.73 13.96 15.00
CA GLU D 64 33.42 12.71 14.68
C GLU D 64 34.43 12.94 13.56
N PRO D 65 35.46 12.05 13.44
CA PRO D 65 36.40 12.22 12.34
C PRO D 65 35.64 12.21 11.04
N PHE D 66 34.77 11.21 10.91
CA PHE D 66 33.83 11.10 9.81
C PHE D 66 32.78 10.06 10.18
N VAL D 67 31.71 9.98 9.40
CA VAL D 67 30.70 8.96 9.61
C VAL D 67 30.59 8.17 8.32
N ASN D 68 30.65 6.85 8.41
CA ASN D 68 30.49 6.03 7.22
C ASN D 68 29.23 5.16 7.29
N ALA D 69 28.62 4.94 6.12
CA ALA D 69 27.33 4.27 6.03
C ALA D 69 27.33 3.23 4.92
N LEU D 70 26.40 2.28 5.02
CA LEU D 70 26.13 1.35 3.94
C LEU D 70 24.66 1.47 3.51
N GLY D 71 24.39 1.22 2.24
CA GLY D 71 23.03 1.31 1.71
C GLY D 71 22.16 0.18 2.24
N ALA D 72 21.04 0.53 2.86
CA ALA D 72 20.11 -0.48 3.41
C ALA D 72 18.79 -0.47 2.63
N LEU D 73 18.25 -1.66 2.35
CA LEU D 73 16.98 -1.79 1.63
C LEU D 73 15.89 -2.49 2.44
N THR D 74 16.24 -2.95 3.65
CA THR D 74 15.27 -3.52 4.58
C THR D 74 15.57 -3.11 6.00
N GLY D 75 14.57 -3.23 6.87
CA GLY D 75 14.75 -2.97 8.29
C GLY D 75 15.84 -3.82 8.92
N ASN D 76 15.88 -5.11 8.59
CA ASN D 76 16.90 -6.04 9.13
C ASN D 76 18.31 -5.64 8.76
N GLN D 77 18.53 -5.33 7.48
CA GLN D 77 19.81 -4.80 7.01
C GLN D 77 20.28 -3.61 7.86
N ALA D 78 19.36 -2.68 8.16
CA ALA D 78 19.70 -1.48 8.90
C ALA D 78 20.03 -1.83 10.35
N MET D 79 19.18 -2.67 10.94
CA MET D 79 19.41 -3.21 12.27
C MET D 79 20.82 -3.84 12.41
N GLN D 80 21.16 -4.77 11.51
CA GLN D 80 22.48 -5.44 11.57
C GLN D 80 23.64 -4.47 11.38
N GLN D 81 23.39 -3.34 10.73
CA GLN D 81 24.40 -2.28 10.62
C GLN D 81 24.59 -1.54 11.95
N VAL D 82 23.54 -1.45 12.76
CA VAL D 82 23.65 -0.76 14.04
C VAL D 82 24.34 -1.72 14.99
N LYS D 83 23.91 -2.98 14.96
CA LYS D 83 24.55 -4.05 15.75
C LYS D 83 26.03 -4.29 15.35
N ALA D 84 26.36 -4.10 14.07
CA ALA D 84 27.75 -4.25 13.62
C ALA D 84 28.64 -3.12 14.13
N GLY D 85 28.02 -1.99 14.50
CA GLY D 85 28.74 -0.87 15.08
C GLY D 85 28.56 0.47 14.39
N LEU D 86 27.89 0.50 13.24
CA LEU D 86 27.74 1.76 12.49
C LEU D 86 26.79 2.75 13.16
N LYS D 87 26.94 4.01 12.79
CA LYS D 87 26.29 5.11 13.50
C LYS D 87 25.19 5.80 12.68
N ALA D 88 25.17 5.60 11.37
CA ALA D 88 24.13 6.13 10.49
C ALA D 88 23.74 5.09 9.43
N ILE D 89 22.56 5.29 8.84
CA ILE D 89 22.05 4.41 7.80
C ILE D 89 21.79 5.18 6.50
N TYR D 90 22.20 4.59 5.37
CA TYR D 90 21.95 5.19 4.05
C TYR D 90 20.86 4.42 3.32
N LEU D 91 19.87 5.14 2.81
CA LEU D 91 18.78 4.55 2.05
C LEU D 91 18.96 4.95 0.60
N SER D 92 19.35 3.97 -0.23
CA SER D 92 19.62 4.20 -1.64
C SER D 92 18.31 4.22 -2.47
N GLY D 93 18.17 5.23 -3.32
CA GLY D 93 17.04 5.26 -4.28
C GLY D 93 17.16 4.11 -5.26
N TRP D 94 18.40 3.87 -5.69
CA TRP D 94 18.77 2.80 -6.62
C TRP D 94 18.36 1.44 -6.10
N GLN D 95 18.68 1.17 -4.83
CA GLN D 95 18.30 -0.11 -4.22
C GLN D 95 16.79 -0.27 -4.17
N VAL D 96 16.08 0.76 -3.75
CA VAL D 96 14.63 0.76 -3.65
C VAL D 96 14.00 0.46 -5.02
N ALA D 97 14.46 1.21 -6.03
CA ALA D 97 14.08 0.99 -7.41
C ALA D 97 14.30 -0.48 -7.75
N GLY D 98 15.53 -0.93 -7.55
CA GLY D 98 15.92 -2.27 -7.93
C GLY D 98 15.08 -3.35 -7.28
N ASP D 99 14.84 -3.23 -5.97
CA ASP D 99 14.33 -4.38 -5.23
C ASP D 99 13.47 -4.10 -3.98
N ALA D 100 12.92 -2.88 -3.81
CA ALA D 100 12.09 -2.60 -2.61
C ALA D 100 11.13 -1.40 -2.72
N ASN D 101 10.64 -1.12 -3.93
CA ASN D 101 9.62 -0.08 -4.10
C ASN D 101 8.20 -0.60 -3.90
N VAL D 102 7.27 0.34 -3.69
CA VAL D 102 5.88 0.02 -3.40
C VAL D 102 5.13 -0.55 -4.63
N ALA D 103 5.68 -0.33 -5.84
CA ALA D 103 5.14 -0.95 -7.06
C ALA D 103 5.50 -2.45 -7.15
N GLY D 104 6.47 -2.89 -6.36
CA GLY D 104 6.88 -4.27 -6.38
C GLY D 104 7.57 -4.70 -7.67
N GLU D 105 8.05 -3.71 -8.42
CA GLU D 105 8.72 -3.93 -9.69
C GLU D 105 10.23 -3.78 -9.53
N MET D 106 10.99 -4.42 -10.42
CA MET D 106 12.45 -4.24 -10.52
C MET D 106 12.71 -3.21 -11.60
N TYR D 107 13.41 -2.14 -11.23
CA TYR D 107 13.64 -1.02 -12.12
C TYR D 107 15.11 -0.59 -12.09
N PRO D 108 15.57 0.07 -13.16
CA PRO D 108 16.82 0.79 -13.11
C PRO D 108 16.65 2.12 -12.38
N ASP D 109 17.74 2.88 -12.29
CA ASP D 109 17.73 4.14 -11.56
C ASP D 109 17.34 5.30 -12.46
N GLN D 110 16.05 5.39 -12.75
CA GLN D 110 15.54 6.48 -13.57
C GLN D 110 14.23 7.08 -13.05
N SER D 111 14.03 7.04 -11.73
CA SER D 111 12.83 7.62 -11.09
C SER D 111 11.51 7.00 -11.59
N LEU D 112 11.53 5.70 -11.86
CA LEU D 112 10.37 4.98 -12.39
C LEU D 112 9.36 4.59 -11.29
N TYR D 113 9.86 4.31 -10.08
CA TYR D 113 9.02 3.88 -8.96
C TYR D 113 8.14 5.01 -8.40
N PRO D 114 7.09 4.66 -7.66
CA PRO D 114 6.20 5.67 -7.10
C PRO D 114 6.88 6.56 -6.07
N ALA D 115 6.51 7.84 -6.03
CA ALA D 115 7.20 8.83 -5.21
C ALA D 115 7.21 8.56 -3.70
N ASN D 116 6.39 7.61 -3.24
CA ASN D 116 6.29 7.31 -1.80
C ASN D 116 7.14 6.11 -1.38
N SER D 117 7.87 5.53 -2.33
CA SER D 117 8.52 4.24 -2.11
C SER D 117 9.61 4.31 -1.05
N VAL D 118 10.46 5.35 -1.15
CA VAL D 118 11.56 5.55 -0.20
C VAL D 118 11.06 5.98 1.20
N PRO D 119 10.14 6.94 1.27
CA PRO D 119 9.63 7.21 2.62
C PRO D 119 9.04 5.97 3.29
N LEU D 120 8.44 5.05 2.54
CA LEU D 120 7.88 3.83 3.17
C LEU D 120 9.00 2.90 3.63
N VAL D 121 10.13 2.90 2.93
CA VAL D 121 11.29 2.12 3.40
C VAL D 121 12.01 2.80 4.59
N VAL D 122 11.94 4.13 4.70
CA VAL D 122 12.45 4.85 5.87
C VAL D 122 11.64 4.44 7.09
N LYS D 123 10.32 4.41 6.94
CA LYS D 123 9.43 3.98 8.02
C LYS D 123 9.68 2.52 8.38
N ARG D 124 9.91 1.67 7.38
CA ARG D 124 10.28 0.26 7.64
C ARG D 124 11.45 0.14 8.58
N ILE D 125 12.53 0.83 8.26
CA ILE D 125 13.74 0.73 9.06
C ILE D 125 13.49 1.26 10.48
N ASN D 126 12.90 2.46 10.57
CA ASN D 126 12.57 3.05 11.88
C ASN D 126 11.63 2.18 12.75
N ASN D 127 10.68 1.49 12.11
CA ASN D 127 9.83 0.52 12.81
C ASN D 127 10.60 -0.70 13.33
N THR D 128 11.62 -1.14 12.57
CA THR D 128 12.50 -2.23 12.98
C THR D 128 13.45 -1.74 14.07
N LEU D 129 14.00 -0.55 13.89
CA LEU D 129 14.86 0.05 14.92
C LEU D 129 14.08 0.30 16.21
N THR D 130 12.81 0.68 16.08
CA THR D 130 11.95 0.87 17.26
C THR D 130 11.70 -0.45 17.97
N ARG D 131 11.53 -1.52 17.20
CA ARG D 131 11.30 -2.82 17.81
C ARG D 131 12.51 -3.28 18.63
N ALA D 132 13.70 -3.15 18.05
CA ALA D 132 14.93 -3.62 18.70
C ALA D 132 15.13 -2.89 20.03
N ASP D 133 14.96 -1.57 20.02
CA ASP D 133 15.02 -0.78 21.26
C ASP D 133 14.03 -1.28 22.29
N GLN D 134 12.86 -1.71 21.85
CA GLN D 134 11.84 -2.25 22.74
C GLN D 134 12.27 -3.57 23.34
N ILE D 135 12.81 -4.46 22.50
CA ILE D 135 13.34 -5.76 22.95
C ILE D 135 14.45 -5.57 23.97
N GLN D 136 15.34 -4.62 23.70
CA GLN D 136 16.44 -4.34 24.60
C GLN D 136 15.92 -3.82 25.93
N TRP D 137 15.06 -2.81 25.87
CA TRP D 137 14.52 -2.16 27.06
C TRP D 137 13.63 -3.11 27.86
N SER D 138 12.92 -3.99 27.17
CA SER D 138 12.07 -4.97 27.86
C SER D 138 12.89 -5.95 28.70
N GLU D 139 14.14 -6.19 28.31
CA GLU D 139 15.03 -7.10 29.04
C GLU D 139 15.89 -6.38 30.08
N GLY D 140 15.43 -5.21 30.56
CA GLY D 140 16.01 -4.55 31.73
C GLY D 140 17.29 -3.74 31.52
N LYS D 141 17.87 -3.80 30.31
CA LYS D 141 19.16 -3.18 30.05
C LYS D 141 19.02 -1.67 29.85
N ASN D 142 19.58 -0.88 30.77
CA ASN D 142 19.48 0.57 30.69
C ASN D 142 20.61 1.25 29.89
N PRO D 143 20.39 2.52 29.48
CA PRO D 143 21.50 3.26 28.90
C PRO D 143 22.59 3.43 29.96
N GLY D 144 23.85 3.33 29.54
CA GLY D 144 24.99 3.31 30.47
C GLY D 144 25.55 1.90 30.66
N ASP D 145 24.67 0.92 30.75
CA ASP D 145 25.08 -0.48 30.92
C ASP D 145 26.01 -0.93 29.78
N GLU D 146 26.81 -1.95 30.06
CA GLU D 146 27.77 -2.48 29.08
C GLU D 146 27.06 -3.35 28.05
N GLY D 147 27.11 -2.93 26.79
CA GLY D 147 26.44 -3.64 25.71
C GLY D 147 25.27 -2.85 25.13
N TYR D 148 24.78 -1.86 25.88
CA TYR D 148 23.62 -1.08 25.44
C TYR D 148 23.86 -0.48 24.07
N VAL D 149 22.90 -0.67 23.18
CA VAL D 149 22.96 -0.08 21.85
C VAL D 149 21.90 1.01 21.68
N ASP D 150 22.28 2.16 21.15
CA ASP D 150 21.30 3.12 20.66
C ASP D 150 20.92 2.67 19.27
N PHE D 151 19.73 2.10 19.16
CA PHE D 151 19.21 1.61 17.88
C PHE D 151 18.69 2.73 16.97
N PHE D 152 18.37 3.90 17.52
CA PHE D 152 17.89 5.01 16.70
C PHE D 152 19.03 5.77 15.99
N ALA D 153 19.73 5.06 15.09
CA ALA D 153 20.75 5.66 14.25
C ALA D 153 20.07 6.55 13.22
N PRO D 154 20.66 7.70 12.90
CA PRO D 154 20.08 8.54 11.84
C PRO D 154 20.04 7.90 10.46
N ILE D 155 18.90 8.04 9.78
CA ILE D 155 18.75 7.60 8.39
C ILE D 155 18.93 8.79 7.46
N VAL D 156 19.71 8.59 6.41
CA VAL D 156 19.88 9.56 5.32
C VAL D 156 19.29 8.93 4.05
N ALA D 157 18.39 9.67 3.39
CA ALA D 157 17.54 9.12 2.33
C ALA D 157 17.70 9.82 0.98
N ASP D 158 17.66 9.00 -0.08
CA ASP D 158 17.75 9.47 -1.47
C ASP D 158 16.41 10.04 -1.89
N ALA D 159 16.38 11.31 -2.27
CA ALA D 159 15.14 11.96 -2.76
C ALA D 159 15.19 12.27 -4.26
N GLU D 160 16.05 11.55 -5.00
CA GLU D 160 16.16 11.72 -6.45
C GLU D 160 16.25 13.21 -6.79
N ALA D 161 15.51 13.68 -7.80
CA ALA D 161 15.42 15.11 -8.12
C ALA D 161 14.04 15.70 -7.77
N GLY D 162 13.36 15.08 -6.80
CA GLY D 162 12.05 15.54 -6.33
C GLY D 162 10.83 14.88 -6.97
N PHE D 163 11.05 14.05 -8.00
CA PHE D 163 9.95 13.43 -8.75
C PHE D 163 9.06 14.46 -9.45
N GLY D 164 9.71 15.43 -10.11
CA GLY D 164 9.00 16.48 -10.84
C GLY D 164 9.48 17.84 -10.41
N GLY D 165 8.53 18.72 -10.05
CA GLY D 165 8.82 20.12 -9.75
C GLY D 165 9.01 20.42 -8.26
N VAL D 166 8.94 21.71 -7.93
CA VAL D 166 9.16 22.17 -6.56
C VAL D 166 8.15 21.58 -5.58
N LEU D 167 6.90 21.47 -6.00
CA LEU D 167 5.86 20.93 -5.12
C LEU D 167 6.08 19.45 -4.86
N ASN D 168 6.52 18.71 -5.87
CA ASN D 168 6.87 17.29 -5.66
C ASN D 168 8.04 17.17 -4.68
N ALA D 169 9.08 17.98 -4.90
CA ALA D 169 10.19 18.07 -3.96
C ALA D 169 9.69 18.38 -2.55
N PHE D 170 8.85 19.40 -2.43
CA PHE D 170 8.30 19.84 -1.16
C PHE D 170 7.56 18.71 -0.44
N GLU D 171 6.69 18.02 -1.18
CA GLU D 171 5.98 16.87 -0.65
C GLU D 171 6.88 15.68 -0.36
N LEU D 172 7.94 15.50 -1.13
CA LEU D 172 8.80 14.35 -0.88
C LEU D 172 9.55 14.55 0.43
N MET D 173 10.02 15.76 0.67
CA MET D 173 10.68 16.08 1.92
C MET D 173 9.76 15.76 3.10
N LYS D 174 8.53 16.25 3.05
CA LYS D 174 7.57 16.00 4.10
C LYS D 174 7.35 14.51 4.37
N ALA D 175 7.26 13.73 3.30
CA ALA D 175 7.06 12.28 3.43
C ALA D 175 8.23 11.65 4.18
N MET D 176 9.42 12.16 3.91
CA MET D 176 10.65 11.70 4.55
C MET D 176 10.68 12.02 6.06
N ILE D 177 10.42 13.27 6.40
CA ILE D 177 10.36 13.69 7.80
C ILE D 177 9.28 12.92 8.58
N GLU D 178 8.11 12.76 7.97
CA GLU D 178 7.05 11.99 8.58
C GLU D 178 7.48 10.55 8.82
N ALA D 179 8.18 9.96 7.86
CA ALA D 179 8.66 8.58 7.94
C ALA D 179 9.80 8.42 8.92
N GLY D 180 10.43 9.54 9.30
CA GLY D 180 11.43 9.59 10.36
C GLY D 180 12.88 9.74 9.89
N ALA D 181 13.08 10.36 8.73
CA ALA D 181 14.43 10.51 8.17
C ALA D 181 15.21 11.65 8.83
N SER D 182 16.50 11.43 9.04
CA SER D 182 17.38 12.41 9.67
C SER D 182 18.02 13.33 8.63
N GLY D 183 18.20 12.82 7.41
CA GLY D 183 18.73 13.59 6.30
C GLY D 183 18.14 13.22 4.96
N VAL D 184 18.14 14.17 4.02
CA VAL D 184 17.62 13.94 2.67
C VAL D 184 18.55 14.56 1.64
N HIS D 185 18.71 13.90 0.49
CA HIS D 185 19.50 14.48 -0.61
C HIS D 185 18.77 14.59 -1.97
N PHE D 186 18.84 15.77 -2.58
CA PHE D 186 18.26 16.05 -3.89
C PHE D 186 19.36 16.30 -4.92
N GLU D 187 19.32 15.55 -6.01
CA GLU D 187 20.31 15.68 -7.08
C GLU D 187 19.82 16.65 -8.14
N ASP D 188 20.72 17.06 -9.04
CA ASP D 188 20.42 18.13 -10.01
C ASP D 188 20.25 17.64 -11.45
N GLN D 189 20.11 16.32 -11.64
CA GLN D 189 19.82 15.76 -12.96
C GLN D 189 18.33 15.49 -13.15
N LEU D 190 17.97 15.17 -14.39
CA LEU D 190 16.68 14.57 -14.75
C LEU D 190 16.94 13.15 -15.29
N ALA D 191 16.81 12.15 -14.41
CA ALA D 191 16.99 10.74 -14.80
C ALA D 191 15.76 10.19 -15.56
N SER D 192 14.72 11.00 -15.67
CA SER D 192 13.54 10.68 -16.46
C SER D 192 13.69 11.10 -17.94
N VAL D 193 14.72 11.89 -18.25
CA VAL D 193 14.98 12.35 -19.64
C VAL D 193 16.44 12.08 -20.07
N LYS D 194 17.00 10.98 -19.56
CA LYS D 194 18.34 10.52 -19.90
C LYS D 194 18.42 10.18 -21.39
N LYS D 195 19.31 10.85 -22.12
CA LYS D 195 19.53 10.53 -23.54
C LYS D 195 20.30 9.21 -23.66
N CYS D 196 19.78 8.29 -24.47
CA CYS D 196 20.41 6.97 -24.66
C CYS D 196 21.19 6.90 -25.96
N GLY D 197 22.02 5.87 -26.10
CA GLY D 197 22.90 5.72 -27.26
C GLY D 197 24.18 6.52 -27.12
N HIS D 198 24.99 6.50 -28.18
CA HIS D 198 26.23 7.29 -28.20
C HIS D 198 25.87 8.78 -28.24
N MET D 199 26.73 9.61 -27.63
CA MET D 199 26.46 11.04 -27.48
C MET D 199 25.37 11.36 -26.44
N GLY D 200 25.00 10.36 -25.63
CA GLY D 200 23.95 10.50 -24.61
C GLY D 200 24.55 10.71 -23.24
N GLY D 201 23.91 10.13 -22.22
CA GLY D 201 24.32 10.26 -20.81
C GLY D 201 23.32 11.06 -19.97
N LYS D 202 23.74 11.47 -18.78
CA LYS D 202 22.85 12.19 -17.87
C LYS D 202 22.56 13.61 -18.35
N VAL D 203 21.42 14.16 -17.94
CA VAL D 203 21.01 15.52 -18.33
C VAL D 203 20.75 16.35 -17.09
N LEU D 204 21.34 17.53 -17.04
CA LEU D 204 21.23 18.41 -15.88
C LEU D 204 20.10 19.39 -16.10
N VAL D 205 19.59 19.94 -15.00
CA VAL D 205 18.69 21.09 -15.03
C VAL D 205 19.50 22.34 -14.66
N PRO D 206 18.98 23.54 -14.98
CA PRO D 206 19.63 24.78 -14.57
C PRO D 206 19.86 24.90 -13.07
N THR D 207 20.99 25.49 -12.70
CA THR D 207 21.29 25.83 -11.31
C THR D 207 20.08 26.50 -10.65
N ARG D 208 19.42 27.37 -11.40
CA ARG D 208 18.16 28.01 -10.99
C ARG D 208 17.15 27.00 -10.40
N GLU D 209 16.95 25.88 -11.11
CA GLU D 209 15.99 24.86 -10.72
C GLU D 209 16.48 23.94 -9.58
N ALA D 210 17.75 23.54 -9.62
CA ALA D 210 18.32 22.75 -8.53
C ALA D 210 18.23 23.52 -7.21
N VAL D 211 18.44 24.84 -7.28
CA VAL D 211 18.33 25.71 -6.10
C VAL D 211 16.88 25.85 -5.60
N ALA D 212 15.94 25.99 -6.54
CA ALA D 212 14.52 26.09 -6.19
C ALA D 212 14.03 24.84 -5.45
N LYS D 213 14.62 23.68 -5.76
CA LYS D 213 14.26 22.43 -5.08
C LYS D 213 14.77 22.43 -3.64
N LEU D 214 16.03 22.82 -3.46
CA LEU D 214 16.64 22.85 -2.14
C LEU D 214 15.91 23.88 -1.27
N THR D 215 15.52 25.00 -1.87
CA THR D 215 14.67 25.98 -1.19
C THR D 215 13.38 25.33 -0.74
N ALA D 216 12.76 24.56 -1.65
CA ALA D 216 11.57 23.77 -1.32
C ALA D 216 11.80 22.76 -0.20
N ALA D 217 12.89 22.01 -0.28
CA ALA D 217 13.22 21.00 0.73
C ALA D 217 13.43 21.59 2.13
N ARG D 218 14.04 22.78 2.19
CA ARG D 218 14.23 23.49 3.46
C ARG D 218 12.93 24.15 3.99
N LEU D 219 12.10 24.66 3.09
CA LEU D 219 10.78 25.13 3.46
C LEU D 219 9.96 24.01 4.10
N ALA D 220 10.08 22.81 3.54
CA ALA D 220 9.34 21.65 4.02
C ALA D 220 9.84 21.18 5.39
N ALA D 221 11.15 21.20 5.58
CA ALA D 221 11.75 20.86 6.87
C ALA D 221 11.32 21.84 7.96
N ASP D 222 11.29 23.12 7.60
CA ASP D 222 10.89 24.15 8.57
C ASP D 222 9.41 24.01 8.93
N VAL D 223 8.56 23.96 7.93
CA VAL D 223 7.12 23.75 8.14
C VAL D 223 6.85 22.54 9.03
N MET D 224 7.59 21.44 8.82
CA MET D 224 7.47 20.27 9.69
C MET D 224 8.09 20.47 11.09
N GLY D 225 8.87 21.53 11.27
CA GLY D 225 9.47 21.82 12.57
C GLY D 225 10.61 20.88 12.95
N THR D 226 11.35 20.40 11.96
CA THR D 226 12.52 19.55 12.21
C THR D 226 13.76 20.13 11.50
N PRO D 227 14.93 20.09 12.17
CA PRO D 227 16.17 20.59 11.61
C PRO D 227 16.87 19.50 10.79
N THR D 228 16.21 19.05 9.75
CA THR D 228 16.70 17.92 8.97
C THR D 228 17.92 18.33 8.15
N VAL D 229 18.87 17.39 8.05
CA VAL D 229 20.12 17.62 7.34
C VAL D 229 19.89 17.55 5.84
N LEU D 230 20.18 18.64 5.14
CA LEU D 230 19.90 18.75 3.71
C LEU D 230 21.18 18.58 2.87
N VAL D 231 21.17 17.59 1.98
CA VAL D 231 22.36 17.27 1.17
C VAL D 231 22.11 17.62 -0.31
N ALA D 232 23.03 18.38 -0.89
CA ALA D 232 22.92 18.80 -2.28
C ALA D 232 23.91 18.00 -3.11
N ARG D 233 23.38 17.15 -3.98
CA ARG D 233 24.17 16.32 -4.87
C ARG D 233 24.25 17.03 -6.21
N THR D 234 25.42 16.98 -6.83
CA THR D 234 25.56 17.42 -8.20
C THR D 234 26.10 16.28 -9.04
N ASP D 235 25.58 16.16 -10.26
CA ASP D 235 26.03 15.14 -11.21
C ASP D 235 26.93 15.77 -12.27
N ALA D 236 27.30 17.04 -12.08
CA ALA D 236 28.08 17.82 -13.04
C ALA D 236 29.41 17.22 -13.48
N GLU D 237 30.03 16.37 -12.66
CA GLU D 237 31.30 15.75 -13.01
C GLU D 237 31.25 14.97 -14.33
N ALA D 238 30.14 14.28 -14.60
CA ALA D 238 30.00 13.49 -15.84
C ALA D 238 28.83 13.93 -16.75
N ALA D 239 27.88 14.69 -16.21
CA ALA D 239 26.74 15.13 -17.00
C ALA D 239 27.18 16.20 -17.98
N ASP D 240 27.02 15.90 -19.27
CA ASP D 240 27.47 16.78 -20.35
C ASP D 240 26.31 17.29 -21.19
N LEU D 241 25.11 17.28 -20.61
CA LEU D 241 23.92 17.82 -21.24
C LEU D 241 23.12 18.64 -20.22
N ILE D 242 22.45 19.69 -20.68
CA ILE D 242 21.63 20.50 -19.80
C ILE D 242 20.35 20.85 -20.53
N THR D 243 19.22 20.83 -19.83
CA THR D 243 17.91 21.06 -20.47
C THR D 243 17.76 22.48 -21.04
N SER D 244 18.36 23.48 -20.38
CA SER D 244 18.25 24.86 -20.83
C SER D 244 19.51 25.68 -20.58
N ASP D 245 19.53 26.88 -21.16
CA ASP D 245 20.68 27.79 -21.08
C ASP D 245 20.42 29.12 -20.32
N ILE D 246 19.23 29.29 -19.75
CA ILE D 246 18.86 30.60 -19.17
C ILE D 246 19.71 31.09 -18.00
N ASP D 247 20.26 30.17 -17.20
CA ASP D 247 21.01 30.54 -16.01
C ASP D 247 22.46 30.91 -16.34
N ASP D 248 22.83 32.15 -16.01
CA ASP D 248 24.17 32.66 -16.29
C ASP D 248 25.27 31.84 -15.63
N ASN D 249 24.98 31.23 -14.49
CA ASN D 249 25.92 30.32 -13.83
C ASN D 249 26.33 29.14 -14.73
N ASP D 250 25.48 28.77 -15.68
CA ASP D 250 25.70 27.57 -16.50
C ASP D 250 26.26 27.83 -17.91
N LYS D 251 26.03 29.03 -18.44
CA LYS D 251 26.48 29.40 -19.79
C LYS D 251 27.97 29.14 -20.06
N PRO D 252 28.85 29.51 -19.10
CA PRO D 252 30.28 29.21 -19.23
C PRO D 252 30.64 27.78 -19.63
N TYR D 253 29.74 26.82 -19.42
CA TYR D 253 30.04 25.40 -19.65
C TYR D 253 29.42 24.86 -20.95
N LEU D 254 28.68 25.69 -21.67
CA LEU D 254 28.03 25.24 -22.93
C LEU D 254 29.04 25.10 -24.08
N THR D 255 29.00 23.96 -24.78
CA THR D 255 29.85 23.78 -25.95
C THR D 255 29.21 24.42 -27.19
N GLY D 256 27.96 24.87 -27.09
CA GLY D 256 27.27 25.52 -28.21
C GLY D 256 26.39 24.59 -29.02
N GLU D 257 26.68 23.30 -28.97
CA GLU D 257 25.90 22.29 -29.69
C GLU D 257 24.56 22.02 -28.99
N ARG D 258 23.55 21.64 -29.77
CA ARG D 258 22.28 21.18 -29.22
C ARG D 258 21.96 19.77 -29.72
N THR D 259 21.06 19.09 -29.04
CA THR D 259 20.57 17.78 -29.44
C THR D 259 19.19 17.92 -30.06
N VAL D 260 18.72 16.83 -30.67
CA VAL D 260 17.39 16.79 -31.29
C VAL D 260 16.27 17.22 -30.33
N GLU D 261 16.40 16.84 -29.05
CA GLU D 261 15.39 17.13 -28.02
C GLU D 261 15.40 18.61 -27.60
N GLY D 262 16.52 19.29 -27.84
CA GLY D 262 16.66 20.69 -27.51
C GLY D 262 17.61 20.96 -26.35
N PHE D 263 18.30 19.93 -25.87
CA PHE D 263 19.28 20.11 -24.81
C PHE D 263 20.54 20.74 -25.37
N PHE D 264 21.26 21.44 -24.50
CA PHE D 264 22.54 22.02 -24.86
C PHE D 264 23.63 21.10 -24.34
N ARG D 265 24.66 20.87 -25.15
CA ARG D 265 25.83 20.12 -24.72
C ARG D 265 26.71 21.02 -23.83
N THR D 266 27.34 20.43 -22.83
CA THR D 266 28.19 21.17 -21.89
C THR D 266 29.51 20.45 -21.67
N LYS D 267 30.50 21.17 -21.14
CA LYS D 267 31.80 20.59 -20.85
C LYS D 267 31.80 20.03 -19.43
N PRO D 268 31.81 18.68 -19.29
CA PRO D 268 31.75 18.08 -17.96
C PRO D 268 33.05 18.19 -17.17
N GLY D 269 33.04 17.67 -15.95
CA GLY D 269 34.26 17.55 -15.14
C GLY D 269 34.23 18.38 -13.88
N LEU D 270 35.42 18.69 -13.37
CA LEU D 270 35.55 19.37 -12.09
C LEU D 270 35.02 20.81 -12.12
N GLU D 271 35.30 21.55 -13.18
CA GLU D 271 34.93 22.97 -13.23
C GLU D 271 33.41 23.17 -13.20
N GLN D 272 32.68 22.30 -13.92
CA GLN D 272 31.22 22.33 -13.92
C GLN D 272 30.71 21.92 -12.53
N ALA D 273 31.28 20.83 -12.01
CA ALA D 273 31.00 20.34 -10.67
C ALA D 273 31.10 21.48 -9.65
N ILE D 274 32.21 22.22 -9.71
CA ILE D 274 32.49 23.26 -8.73
C ILE D 274 31.45 24.38 -8.74
N SER D 275 31.11 24.88 -9.93
CA SER D 275 30.12 25.95 -10.05
C SER D 275 28.77 25.54 -9.45
N ARG D 276 28.43 24.25 -9.55
CA ARG D 276 27.20 23.77 -8.93
C ARG D 276 27.36 23.76 -7.41
N GLY D 277 28.38 23.03 -6.93
CA GLY D 277 28.71 22.99 -5.51
C GLY D 277 28.70 24.37 -4.84
N LEU D 278 29.30 25.36 -5.49
CA LEU D 278 29.35 26.72 -4.97
C LEU D 278 27.97 27.39 -4.93
N ALA D 279 27.14 27.13 -5.95
CA ALA D 279 25.81 27.72 -6.03
C ALA D 279 24.87 27.08 -5.01
N TYR D 280 25.05 25.79 -4.76
CA TYR D 280 24.24 25.07 -3.79
C TYR D 280 24.71 25.25 -2.34
N ALA D 281 25.95 25.70 -2.14
CA ALA D 281 26.56 25.76 -0.80
C ALA D 281 25.78 26.59 0.22
N PRO D 282 25.37 27.82 -0.16
CA PRO D 282 24.60 28.66 0.78
C PRO D 282 23.31 28.00 1.30
N TYR D 283 22.73 27.11 0.50
CA TYR D 283 21.42 26.52 0.78
C TYR D 283 21.47 25.12 1.42
N ALA D 284 22.52 24.35 1.17
CA ALA D 284 22.62 22.97 1.68
C ALA D 284 23.50 22.89 2.92
N ASP D 285 23.38 21.77 3.63
CA ASP D 285 24.21 21.52 4.80
C ASP D 285 25.46 20.73 4.43
N LEU D 286 25.31 19.74 3.55
CA LEU D 286 26.45 19.05 2.97
C LEU D 286 26.40 19.17 1.44
N ILE D 287 27.56 19.25 0.81
CA ILE D 287 27.63 19.20 -0.65
C ILE D 287 28.25 17.86 -1.07
N TRP D 288 27.83 17.36 -2.21
CA TRP D 288 28.22 16.04 -2.68
C TRP D 288 28.41 16.03 -4.19
N CYS D 289 29.66 15.87 -4.62
CA CYS D 289 29.96 15.66 -6.03
C CYS D 289 29.97 14.17 -6.29
N GLU D 290 28.94 13.71 -7.01
CA GLU D 290 28.80 12.30 -7.31
C GLU D 290 29.96 11.89 -8.21
N THR D 291 30.65 10.81 -7.83
CA THR D 291 31.80 10.33 -8.61
C THR D 291 31.62 8.85 -8.93
N GLY D 292 32.27 8.40 -9.99
CA GLY D 292 32.26 7.00 -10.40
C GLY D 292 33.61 6.35 -10.15
N LYS D 293 34.67 7.06 -10.52
CA LYS D 293 36.06 6.69 -10.21
C LYS D 293 36.49 7.32 -8.87
N PRO D 294 36.70 6.50 -7.84
CA PRO D 294 37.17 7.08 -6.57
C PRO D 294 38.62 7.56 -6.66
N ASP D 295 38.86 8.83 -6.30
CA ASP D 295 40.17 9.45 -6.52
C ASP D 295 40.44 10.57 -5.51
N LEU D 296 41.38 10.35 -4.59
CA LEU D 296 41.69 11.30 -3.51
C LEU D 296 42.20 12.65 -4.04
N GLU D 297 42.95 12.61 -5.13
CA GLU D 297 43.44 13.82 -5.79
C GLU D 297 42.26 14.67 -6.27
N TYR D 298 41.32 14.04 -7.00
CA TYR D 298 40.10 14.72 -7.44
C TYR D 298 39.36 15.28 -6.23
N ALA D 299 39.14 14.41 -5.25
CA ALA D 299 38.45 14.76 -4.01
C ALA D 299 39.08 15.97 -3.29
N LYS D 300 40.41 16.01 -3.25
CA LYS D 300 41.11 17.13 -2.61
C LYS D 300 40.84 18.42 -3.37
N LYS D 301 40.85 18.36 -4.70
CA LYS D 301 40.67 19.54 -5.54
C LYS D 301 39.29 20.14 -5.34
N PHE D 302 38.28 19.26 -5.37
CA PHE D 302 36.89 19.68 -5.19
C PHE D 302 36.72 20.31 -3.81
N ALA D 303 37.20 19.59 -2.80
CA ALA D 303 37.18 20.05 -1.43
C ALA D 303 37.78 21.45 -1.30
N GLU D 304 39.00 21.61 -1.80
CA GLU D 304 39.69 22.90 -1.75
C GLU D 304 38.94 24.00 -2.49
N ALA D 305 38.33 23.64 -3.63
CA ALA D 305 37.60 24.59 -4.45
C ALA D 305 36.39 25.14 -3.70
N ILE D 306 35.66 24.25 -3.02
CA ILE D 306 34.51 24.65 -2.23
C ILE D 306 34.94 25.42 -1.00
N HIS D 307 35.97 24.90 -0.33
CA HIS D 307 36.49 25.51 0.89
C HIS D 307 37.09 26.90 0.68
N LYS D 308 37.55 27.20 -0.55
CA LYS D 308 38.01 28.55 -0.88
C LYS D 308 36.92 29.60 -0.58
N GLN D 309 35.68 29.26 -0.91
CA GLN D 309 34.55 30.19 -0.77
C GLN D 309 33.69 29.94 0.50
N PHE D 310 33.60 28.68 0.92
CA PHE D 310 32.86 28.31 2.14
C PHE D 310 33.76 27.45 3.04
N PRO D 311 34.58 28.10 3.89
CA PRO D 311 35.54 27.33 4.70
C PRO D 311 34.89 26.46 5.79
N GLY D 312 35.35 25.22 5.91
CA GLY D 312 34.78 24.29 6.91
C GLY D 312 33.41 23.73 6.56
N LYS D 313 33.04 23.79 5.28
CA LYS D 313 31.77 23.26 4.79
C LYS D 313 31.81 21.74 4.79
N LEU D 314 30.80 21.13 5.40
CA LEU D 314 30.75 19.68 5.48
C LEU D 314 30.50 19.12 4.09
N LEU D 315 31.25 18.08 3.71
CA LEU D 315 31.07 17.44 2.44
C LEU D 315 30.64 16.00 2.67
N SER D 316 30.15 15.35 1.61
CA SER D 316 29.92 13.91 1.66
C SER D 316 30.42 13.28 0.37
N TYR D 317 30.64 11.97 0.41
CA TYR D 317 31.33 11.25 -0.65
C TYR D 317 30.82 9.82 -0.77
N ASN D 318 30.48 9.39 -1.98
CA ASN D 318 30.03 8.01 -2.19
C ASN D 318 31.11 7.13 -2.83
N CYS D 319 31.48 6.08 -2.11
CA CYS D 319 32.47 5.13 -2.62
C CYS D 319 31.80 4.12 -3.56
N SER D 320 32.13 4.20 -4.85
CA SER D 320 31.50 3.34 -5.87
C SER D 320 31.65 1.86 -5.58
N PRO D 321 30.54 1.10 -5.61
CA PRO D 321 30.59 -0.36 -5.53
C PRO D 321 30.96 -1.00 -6.88
N SER D 322 30.79 -0.24 -7.96
CA SER D 322 31.00 -0.74 -9.31
C SER D 322 32.47 -0.79 -9.67
N PHE D 323 33.21 0.18 -9.15
CA PHE D 323 34.66 0.29 -9.33
C PHE D 323 35.38 -0.95 -8.78
N ASN D 324 36.40 -1.42 -9.51
CA ASN D 324 37.24 -2.52 -9.06
C ASN D 324 38.38 -1.97 -8.21
N TRP D 325 38.29 -2.15 -6.91
CA TRP D 325 39.22 -1.49 -5.98
C TRP D 325 40.59 -2.17 -5.93
N LYS D 326 40.60 -3.51 -5.98
CA LYS D 326 41.86 -4.26 -5.96
C LYS D 326 42.69 -4.04 -7.23
N LYS D 327 42.04 -4.03 -8.40
CA LYS D 327 42.74 -3.89 -9.69
C LYS D 327 43.47 -2.55 -9.83
N ASN D 328 42.84 -1.47 -9.36
CA ASN D 328 43.34 -0.11 -9.56
C ASN D 328 44.08 0.51 -8.37
N LEU D 329 43.76 0.07 -7.15
CA LEU D 329 44.40 0.59 -5.95
C LEU D 329 45.05 -0.51 -5.13
N ASP D 330 46.22 -0.20 -4.57
CA ASP D 330 46.91 -1.12 -3.66
C ASP D 330 46.22 -1.10 -2.29
N ASP D 331 46.47 -2.15 -1.50
CA ASP D 331 45.80 -2.29 -0.21
C ASP D 331 45.95 -1.10 0.74
N ALA D 332 47.10 -0.42 0.70
CA ALA D 332 47.33 0.71 1.59
C ALA D 332 46.39 1.87 1.27
N THR D 333 46.20 2.13 -0.03
CA THR D 333 45.31 3.21 -0.48
C THR D 333 43.84 2.89 -0.19
N ILE D 334 43.44 1.65 -0.49
CA ILE D 334 42.11 1.16 -0.14
C ILE D 334 41.83 1.31 1.35
N ALA D 335 42.81 0.89 2.15
CA ALA D 335 42.66 0.84 3.61
C ALA D 335 42.60 2.22 4.27
N LYS D 336 43.24 3.22 3.66
CA LYS D 336 43.33 4.56 4.24
C LYS D 336 42.28 5.50 3.67
N PHE D 337 41.60 5.03 2.61
CA PHE D 337 40.80 5.88 1.73
C PHE D 337 39.82 6.78 2.48
N GLN D 338 38.94 6.17 3.26
CA GLN D 338 37.90 6.92 3.96
C GLN D 338 38.50 7.90 4.98
N LYS D 339 39.56 7.49 5.67
CA LYS D 339 40.25 8.37 6.63
C LYS D 339 40.76 9.65 5.94
N GLU D 340 41.31 9.50 4.74
CA GLU D 340 41.89 10.63 4.01
C GLU D 340 40.80 11.61 3.56
N LEU D 341 39.68 11.07 3.08
CA LEU D 341 38.51 11.88 2.76
C LEU D 341 37.99 12.60 4.00
N GLY D 342 38.01 11.89 5.13
CA GLY D 342 37.60 12.44 6.42
C GLY D 342 38.41 13.68 6.80
N ALA D 343 39.72 13.60 6.59
CA ALA D 343 40.60 14.74 6.82
C ALA D 343 40.17 15.92 5.95
N MET D 344 39.88 15.63 4.67
CA MET D 344 39.57 16.68 3.69
C MET D 344 38.28 17.48 3.96
N GLY D 345 37.35 16.90 4.72
CA GLY D 345 36.03 17.51 4.94
C GLY D 345 34.85 16.62 4.58
N TYR D 346 35.12 15.41 4.10
CA TYR D 346 34.07 14.45 3.75
C TYR D 346 33.63 13.71 5.02
N LYS D 347 32.77 14.37 5.78
CA LYS D 347 32.32 13.88 7.07
C LYS D 347 31.22 12.80 6.98
N PHE D 348 30.60 12.66 5.81
CA PHE D 348 29.63 11.58 5.60
C PHE D 348 30.01 10.77 4.37
N GLN D 349 30.31 9.48 4.57
CA GLN D 349 30.72 8.62 3.45
C GLN D 349 29.91 7.34 3.44
N PHE D 350 29.68 6.77 2.27
CA PHE D 350 28.79 5.63 2.17
C PHE D 350 28.94 4.80 0.90
N ILE D 351 28.61 3.53 0.99
CA ILE D 351 28.51 2.67 -0.19
C ILE D 351 27.01 2.58 -0.51
N THR D 352 26.62 3.05 -1.69
CA THR D 352 25.19 3.13 -2.02
C THR D 352 24.57 1.75 -2.13
N LEU D 353 25.23 0.84 -2.83
CA LEU D 353 24.64 -0.46 -3.17
C LEU D 353 25.10 -1.61 -2.28
N ALA D 354 25.70 -1.29 -1.13
CA ALA D 354 26.10 -2.30 -0.13
C ALA D 354 25.06 -3.40 0.04
N GLY D 355 23.84 -3.02 0.43
CA GLY D 355 22.73 -3.97 0.63
C GLY D 355 22.36 -4.83 -0.58
N PHE D 356 22.34 -4.21 -1.76
CA PHE D 356 22.10 -4.97 -2.98
C PHE D 356 23.13 -6.09 -3.05
N HIS D 357 24.41 -5.71 -3.15
CA HIS D 357 25.49 -6.68 -3.29
C HIS D 357 25.46 -7.76 -2.20
N ALA D 358 25.25 -7.35 -0.96
CA ALA D 358 25.18 -8.29 0.16
C ALA D 358 24.04 -9.28 -0.06
N LEU D 359 22.82 -8.76 -0.10
CA LEU D 359 21.63 -9.59 -0.33
C LEU D 359 21.81 -10.55 -1.51
N ASN D 360 22.23 -10.00 -2.66
CA ASN D 360 22.34 -10.78 -3.90
C ASN D 360 23.47 -11.80 -3.93
N TYR D 361 24.60 -11.48 -3.28
CA TYR D 361 25.71 -12.42 -3.20
C TYR D 361 25.43 -13.52 -2.19
N SER D 362 24.91 -13.15 -1.02
CA SER D 362 24.60 -14.13 0.02
C SER D 362 23.73 -15.23 -0.55
N MET D 363 22.62 -14.82 -1.17
CA MET D 363 21.62 -15.79 -1.61
C MET D 363 22.12 -16.64 -2.75
N PHE D 364 22.80 -16.03 -3.73
CA PHE D 364 23.38 -16.82 -4.80
C PHE D 364 24.37 -17.83 -4.26
N ASN D 365 25.19 -17.41 -3.30
CA ASN D 365 26.23 -18.25 -2.72
C ASN D 365 25.61 -19.47 -2.08
N LEU D 366 24.68 -19.24 -1.15
CA LEU D 366 23.95 -20.32 -0.49
C LEU D 366 23.31 -21.24 -1.53
N ALA D 367 22.56 -20.65 -2.44
CA ALA D 367 21.73 -21.42 -3.37
C ALA D 367 22.54 -22.37 -4.25
N HIS D 368 23.66 -21.88 -4.78
CA HIS D 368 24.50 -22.69 -5.68
C HIS D 368 24.94 -23.94 -4.93
N GLY D 369 25.41 -23.76 -3.68
CA GLY D 369 25.79 -24.88 -2.82
C GLY D 369 24.59 -25.78 -2.59
N TYR D 370 23.50 -25.17 -2.16
CA TYR D 370 22.25 -25.86 -1.85
C TYR D 370 21.81 -26.77 -3.01
N ALA D 371 21.90 -26.27 -4.24
CA ALA D 371 21.55 -27.06 -5.42
C ALA D 371 22.51 -28.25 -5.64
N ARG D 372 23.75 -28.13 -5.13
CA ARG D 372 24.78 -29.17 -5.32
C ARG D 372 24.87 -30.13 -4.12
N THR D 373 25.00 -29.58 -2.91
CA THR D 373 25.22 -30.39 -1.70
C THR D 373 24.09 -30.34 -0.67
N GLN D 374 23.03 -29.60 -1.00
CA GLN D 374 21.85 -29.50 -0.14
C GLN D 374 22.20 -28.97 1.27
N MET D 375 21.88 -29.73 2.31
CA MET D 375 21.94 -29.23 3.69
C MET D 375 23.33 -28.85 4.15
N SER D 376 24.35 -29.46 3.54
CA SER D 376 25.73 -29.13 3.86
C SER D 376 26.03 -27.66 3.54
N ALA D 377 25.46 -27.16 2.45
CA ALA D 377 25.56 -25.75 2.08
C ALA D 377 25.03 -24.85 3.20
N PHE D 378 23.87 -25.18 3.75
CA PHE D 378 23.29 -24.37 4.81
C PHE D 378 24.18 -24.34 6.06
N VAL D 379 24.81 -25.46 6.37
CA VAL D 379 25.62 -25.56 7.59
C VAL D 379 26.87 -24.67 7.45
N GLU D 380 27.39 -24.55 6.23
CA GLU D 380 28.48 -23.61 5.97
C GLU D 380 28.06 -22.23 6.46
N LEU D 381 26.87 -21.79 6.06
CA LEU D 381 26.36 -20.49 6.50
C LEU D 381 26.15 -20.46 8.01
N GLN D 382 25.49 -21.48 8.55
CA GLN D 382 25.19 -21.56 9.99
C GLN D 382 26.46 -21.47 10.86
N GLN D 383 27.46 -22.28 10.54
CA GLN D 383 28.74 -22.24 11.25
C GLN D 383 29.33 -20.84 11.18
N ALA D 384 29.25 -20.22 10.00
CA ALA D 384 29.70 -18.85 9.81
C ALA D 384 28.96 -17.91 10.77
N GLU D 385 27.66 -18.15 10.95
CA GLU D 385 26.86 -17.38 11.90
C GLU D 385 27.32 -17.57 13.35
N PHE D 386 27.65 -18.80 13.74
CA PHE D 386 28.17 -19.07 15.09
C PHE D 386 29.52 -18.38 15.33
N ALA D 387 30.40 -18.47 14.34
CA ALA D 387 31.69 -17.75 14.38
C ALA D 387 31.52 -16.24 14.61
N ALA D 388 30.40 -15.68 14.15
CA ALA D 388 30.11 -14.24 14.26
C ALA D 388 29.53 -13.80 15.60
N ALA D 389 29.03 -14.75 16.39
CA ALA D 389 28.46 -14.44 17.71
C ALA D 389 29.41 -13.52 18.52
N ASP D 390 30.68 -13.93 18.64
CA ASP D 390 31.72 -13.14 19.34
C ASP D 390 31.57 -11.65 19.10
N LYS D 391 31.53 -11.29 17.83
CA LYS D 391 31.59 -9.91 17.38
C LYS D 391 30.28 -9.12 17.60
N GLY D 392 29.21 -9.83 17.96
CA GLY D 392 27.94 -9.20 18.32
C GLY D 392 26.75 -9.57 17.44
N PHE D 393 26.73 -10.80 16.94
CA PHE D 393 25.65 -11.27 16.07
C PHE D 393 24.66 -12.10 16.89
N THR D 394 23.48 -11.53 17.10
CA THR D 394 22.42 -12.13 17.90
C THR D 394 21.35 -12.84 17.07
N ALA D 395 21.37 -12.64 15.75
CA ALA D 395 20.32 -13.18 14.88
C ALA D 395 20.28 -14.71 14.81
N VAL D 396 21.34 -15.39 15.25
CA VAL D 396 21.30 -16.86 15.37
C VAL D 396 20.09 -17.22 16.22
N LYS D 397 19.96 -16.54 17.36
CA LYS D 397 18.74 -16.57 18.17
C LYS D 397 17.63 -15.82 17.41
N HIS D 398 17.10 -16.49 16.38
CA HIS D 398 16.12 -15.91 15.45
C HIS D 398 14.85 -15.39 16.12
N GLN D 399 14.31 -16.13 17.09
CA GLN D 399 13.03 -15.74 17.73
C GLN D 399 13.12 -14.45 18.53
N ARG D 400 14.18 -14.34 19.33
CA ARG D 400 14.45 -13.12 20.11
C ARG D 400 14.70 -11.90 19.20
N GLU D 401 15.28 -12.15 18.03
CA GLU D 401 15.67 -11.09 17.10
C GLU D 401 14.45 -10.37 16.51
N VAL D 402 13.42 -11.12 16.15
CA VAL D 402 12.22 -10.53 15.54
C VAL D 402 11.26 -9.97 16.58
N GLY D 403 11.51 -10.28 17.85
CA GLY D 403 10.73 -9.72 18.95
C GLY D 403 9.74 -10.66 19.59
N THR D 404 9.97 -11.97 19.44
CA THR D 404 9.13 -12.99 20.07
C THR D 404 9.08 -12.78 21.57
N GLY D 405 10.26 -12.56 22.17
CA GLY D 405 10.37 -12.35 23.60
C GLY D 405 9.58 -11.16 24.10
N TYR D 406 9.60 -10.09 23.33
CA TYR D 406 8.90 -8.84 23.67
C TYR D 406 7.38 -9.04 23.67
N PHE D 407 6.87 -9.72 22.65
CA PHE D 407 5.43 -9.93 22.54
C PHE D 407 4.91 -10.95 23.54
N ASP D 408 5.73 -11.95 23.88
CA ASP D 408 5.41 -12.82 25.01
C ASP D 408 5.19 -11.95 26.23
N ALA D 409 6.16 -11.08 26.50
CA ALA D 409 6.03 -10.13 27.60
C ALA D 409 4.68 -9.42 27.54
N VAL D 410 4.29 -8.99 26.34
CA VAL D 410 3.04 -8.27 26.16
C VAL D 410 1.85 -9.18 26.51
N THR D 411 1.87 -10.41 25.98
CA THR D 411 0.78 -11.39 26.24
C THR D 411 0.72 -11.73 27.73
N GLN D 412 1.89 -11.85 28.37
CA GLN D 412 1.95 -12.19 29.79
C GLN D 412 1.44 -11.04 30.65
N THR D 413 1.69 -9.82 30.21
CA THR D 413 1.19 -8.64 30.91
C THR D 413 -0.34 -8.56 30.89
N VAL D 414 -0.94 -8.97 29.77
CA VAL D 414 -2.38 -8.92 29.60
C VAL D 414 -3.06 -10.12 30.24
N GLU D 415 -2.49 -11.31 30.05
CA GLU D 415 -3.05 -12.55 30.58
C GLU D 415 -2.44 -12.81 31.97
N ARG D 416 -2.88 -12.04 32.96
CA ARG D 416 -2.36 -12.18 34.33
C ARG D 416 -3.24 -11.47 35.36
#